data_4J0Q
#
_entry.id   4J0Q
#
_cell.length_a   212.505
_cell.length_b   155.624
_cell.length_c   99.298
_cell.angle_alpha   90.000
_cell.angle_beta   114.760
_cell.angle_gamma   90.000
#
_symmetry.space_group_name_H-M   'C 1 2 1'
#
loop_
_entity.id
_entity.type
_entity.pdbx_description
1 polymer 'Elongation factor Tu-A'
2 non-polymer 'MAGNESIUM ION'
3 non-polymer "GUANOSINE-5'-DIPHOSPHATE"
4 non-polymer '2-(N-MORPHOLINO)-ETHANESULFONIC ACID'
5 non-polymer (4S)-2-METHYL-2,4-PENTANEDIOL
6 water water
#
_entity_poly.entity_id   1
_entity_poly.type   'polypeptide(L)'
_entity_poly.pdbx_seq_one_letter_code
;MGSSHHHHHHSSGLVPRGSHMASMTGGQQMGRGSEFMAKEKFDRSLPHVNVGTIGHVDHGKTTLTAALTRVCSEVFGSAI
VEFDKIDSAPEEKARGITINTAHVEYNSTIRHYAHVDCPGHADYVKNMITGAAQMDGAILVCSAADGPMPQTREHILLSR
QVGVPYIVVFLNKADLVDDAELLELVEMEVRDLLSTYDFPGDDTPIIIGSARMALEGKDDNEMGTTAVKKLVETLDSYIP
EPVRAIDQPFLMPIEDVFSISGRGTVVTGRIERGIVRVQDPLEIVGLRDTTTTTCTGVEMFRKLLDEGRAGENCGVLLRG
TKRDDVERGQVLVKPGSVKPHTKFTAEVYVLSKEEGGRHTPFFKGYRPQFYFRTTDVTGNCELPEGVEMVMPGDNIQMTV
TLIKTIAMEDGLRFAIREGGRTVGAGVVAKIIE
;
_entity_poly.pdbx_strand_id   A,B,C,D,E
#
loop_
_chem_comp.id
_chem_comp.type
_chem_comp.name
_chem_comp.formula
GDP RNA linking GUANOSINE-5'-DIPHOSPHATE 'C10 H15 N5 O11 P2'
MES non-polymer '2-(N-MORPHOLINO)-ETHANESULFONIC ACID' 'C6 H13 N O4 S'
MG non-polymer 'MAGNESIUM ION' 'Mg 2'
MPD non-polymer (4S)-2-METHYL-2,4-PENTANEDIOL 'C6 H14 O2'
#
# COMPACT_ATOMS: atom_id res chain seq x y z
N SER A 45 -35.77 27.66 37.29
CA SER A 45 -36.01 26.84 38.49
C SER A 45 -35.87 25.36 38.16
N LEU A 46 -34.97 25.06 37.23
CA LEU A 46 -34.71 23.68 36.80
C LEU A 46 -33.51 23.06 37.55
N PRO A 47 -33.59 21.75 37.85
CA PRO A 47 -32.47 21.05 38.48
C PRO A 47 -31.13 21.27 37.78
N HIS A 48 -30.10 21.58 38.55
CA HIS A 48 -28.78 21.89 38.03
C HIS A 48 -27.89 20.63 37.96
N VAL A 49 -27.32 20.36 36.78
CA VAL A 49 -26.44 19.21 36.58
C VAL A 49 -25.15 19.59 35.88
N ASN A 50 -24.02 19.25 36.49
CA ASN A 50 -22.70 19.57 35.92
C ASN A 50 -22.23 18.46 34.98
N VAL A 51 -21.97 18.83 33.73
CA VAL A 51 -21.41 17.91 32.75
C VAL A 51 -20.20 18.54 32.05
N GLY A 52 -19.57 17.76 31.18
CA GLY A 52 -18.40 18.24 30.47
C GLY A 52 -18.06 17.25 29.36
N THR A 53 -17.19 17.68 28.45
CA THR A 53 -16.74 16.79 27.39
C THR A 53 -15.32 16.35 27.68
N ILE A 54 -15.05 15.06 27.48
CA ILE A 54 -13.71 14.53 27.64
C ILE A 54 -13.38 13.72 26.41
N GLY A 55 -12.09 13.53 26.16
CA GLY A 55 -11.58 12.63 25.17
C GLY A 55 -10.35 13.23 24.53
N HIS A 56 -9.83 12.52 23.54
CA HIS A 56 -8.64 12.90 22.83
C HIS A 56 -8.75 14.18 21.96
N VAL A 57 -7.62 14.86 21.77
CA VAL A 57 -7.58 16.12 21.02
C VAL A 57 -8.07 15.85 19.60
N ASP A 58 -8.92 16.74 19.09
CA ASP A 58 -9.37 16.68 17.70
C ASP A 58 -10.51 15.72 17.40
N HIS A 59 -11.03 15.07 18.43
CA HIS A 59 -12.09 14.10 18.24
C HIS A 59 -13.47 14.75 18.21
N GLY A 60 -13.55 15.99 18.66
CA GLY A 60 -14.77 16.74 18.44
C GLY A 60 -15.39 17.35 19.67
N LYS A 61 -14.62 17.52 20.73
CA LYS A 61 -15.18 17.96 22.01
C LYS A 61 -15.77 19.37 21.94
N THR A 62 -15.02 20.31 21.38
CA THR A 62 -15.47 21.71 21.36
C THR A 62 -16.65 21.90 20.40
N THR A 63 -16.62 21.13 19.31
CA THR A 63 -17.69 21.15 18.33
C THR A 63 -18.97 20.60 18.93
N LEU A 64 -18.86 19.49 19.68
CA LEU A 64 -20.04 18.91 20.30
C LEU A 64 -20.62 19.85 21.37
N THR A 65 -19.75 20.57 22.09
CA THR A 65 -20.19 21.56 23.05
C THR A 65 -21.03 22.65 22.36
N ALA A 66 -20.57 23.12 21.20
CA ALA A 66 -21.28 24.15 20.48
C ALA A 66 -22.58 23.59 19.90
N ALA A 67 -22.53 22.36 19.39
CA ALA A 67 -23.75 21.73 18.86
C ALA A 67 -24.81 21.57 19.91
N LEU A 68 -24.39 21.30 21.15
CA LEU A 68 -25.34 21.09 22.24
C LEU A 68 -26.14 22.34 22.55
N THR A 69 -25.48 23.50 22.57
CA THR A 69 -26.19 24.75 22.81
C THR A 69 -27.13 25.08 21.66
N ARG A 70 -26.69 24.82 20.44
CA ARG A 70 -27.51 25.11 19.27
C ARG A 70 -28.74 24.22 19.25
N VAL A 71 -28.53 22.92 19.49
CA VAL A 71 -29.62 21.96 19.37
C VAL A 71 -30.64 22.18 20.48
N CYS A 72 -30.19 22.48 21.69
CA CYS A 72 -31.12 22.71 22.79
C CYS A 72 -31.86 24.03 22.58
N SER A 73 -31.20 24.97 21.92
CA SER A 73 -31.86 26.22 21.53
C SER A 73 -33.02 25.90 20.58
N GLU A 74 -32.71 25.23 19.47
CA GLU A 74 -33.68 24.88 18.43
C GLU A 74 -34.80 23.95 18.89
N VAL A 75 -34.51 23.02 19.78
CA VAL A 75 -35.52 22.04 20.22
C VAL A 75 -36.06 22.29 21.65
N PHE A 76 -35.32 23.01 22.49
CA PHE A 76 -35.86 23.47 23.80
C PHE A 76 -35.53 24.96 24.13
N GLY A 77 -34.46 25.18 24.90
CA GLY A 77 -34.25 26.41 25.67
C GLY A 77 -33.83 27.67 24.91
N SER A 78 -32.64 28.18 25.23
CA SER A 78 -32.20 29.49 24.73
C SER A 78 -30.69 29.60 24.49
N ALA A 79 -30.23 30.82 24.19
CA ALA A 79 -28.86 31.13 23.79
C ALA A 79 -28.71 31.06 22.28
N GLY A 96 -0.56 31.60 41.12
CA GLY A 96 -1.24 30.41 41.58
C GLY A 96 -1.30 29.33 40.50
N ILE A 97 -2.46 28.68 40.37
CA ILE A 97 -2.63 27.63 39.37
C ILE A 97 -3.53 28.10 38.21
N THR A 98 -3.00 28.02 36.99
CA THR A 98 -3.68 28.52 35.79
C THR A 98 -4.38 27.41 35.01
N ILE A 99 -5.66 27.62 34.75
CA ILE A 99 -6.48 26.59 34.13
C ILE A 99 -7.38 27.20 33.06
N ASN A 100 -7.22 26.73 31.82
CA ASN A 100 -8.05 27.15 30.72
C ASN A 100 -9.32 26.31 30.63
N THR A 101 -10.46 26.94 30.86
CA THR A 101 -11.75 26.25 30.71
C THR A 101 -12.73 27.11 29.95
N ALA A 102 -13.57 26.44 29.17
CA ALA A 102 -14.72 27.09 28.56
C ALA A 102 -15.99 26.56 29.25
N HIS A 103 -16.95 27.47 29.50
CA HIS A 103 -18.19 27.13 30.21
C HIS A 103 -19.39 27.53 29.39
N VAL A 104 -20.40 26.68 29.43
CA VAL A 104 -21.56 26.82 28.57
C VAL A 104 -22.76 26.28 29.32
N GLU A 105 -23.95 26.65 28.91
CA GLU A 105 -25.18 26.21 29.55
C GLU A 105 -26.26 25.92 28.54
N TYR A 106 -26.98 24.82 28.76
CA TYR A 106 -28.15 24.54 27.93
C TYR A 106 -29.20 23.78 28.75
N ASN A 107 -30.47 23.89 28.34
CA ASN A 107 -31.56 23.21 29.02
C ASN A 107 -32.19 22.14 28.15
N SER A 108 -32.56 21.02 28.76
CA SER A 108 -33.44 20.05 28.13
C SER A 108 -34.84 20.46 28.58
N THR A 109 -35.83 19.60 28.40
CA THR A 109 -37.17 19.89 28.89
C THR A 109 -37.20 19.88 30.44
N ILE A 110 -36.30 19.08 31.04
CA ILE A 110 -36.35 18.87 32.49
C ILE A 110 -35.11 19.23 33.27
N ARG A 111 -34.05 19.69 32.60
CA ARG A 111 -32.82 20.01 33.33
C ARG A 111 -32.01 21.16 32.76
N HIS A 112 -31.34 21.85 33.68
CA HIS A 112 -30.37 22.87 33.34
C HIS A 112 -28.97 22.26 33.43
N TYR A 113 -28.23 22.27 32.32
CA TYR A 113 -26.88 21.69 32.28
C TYR A 113 -25.82 22.78 32.28
N ALA A 114 -24.81 22.59 33.13
CA ALA A 114 -23.63 23.45 33.14
C ALA A 114 -22.48 22.60 32.64
N HIS A 115 -21.85 23.06 31.57
CA HIS A 115 -21.03 22.20 30.75
C HIS A 115 -19.65 22.81 30.62
N VAL A 116 -18.62 22.04 30.97
CA VAL A 116 -17.24 22.48 30.89
C VAL A 116 -16.55 21.77 29.72
N ASP A 117 -15.60 22.45 29.09
CA ASP A 117 -14.84 21.93 27.95
C ASP A 117 -13.47 22.58 28.10
N CYS A 118 -12.40 21.81 27.93
CA CYS A 118 -11.04 22.36 28.06
C CYS A 118 -10.33 22.15 26.76
N PRO A 119 -9.39 23.07 26.44
CA PRO A 119 -8.58 22.97 25.21
C PRO A 119 -7.74 21.70 25.13
N GLY A 120 -6.81 21.53 26.06
CA GLY A 120 -5.82 20.48 25.94
C GLY A 120 -5.74 19.54 27.10
N HIS A 121 -5.00 18.45 26.92
CA HIS A 121 -4.92 17.41 27.94
C HIS A 121 -4.50 17.93 29.31
N ALA A 122 -3.51 18.81 29.36
CA ALA A 122 -3.03 19.34 30.63
C ALA A 122 -4.15 20.05 31.40
N ASP A 123 -5.07 20.68 30.66
CA ASP A 123 -6.17 21.40 31.28
C ASP A 123 -7.14 20.43 31.94
N TYR A 124 -7.41 19.31 31.28
CA TYR A 124 -8.31 18.31 31.84
C TYR A 124 -7.78 17.73 33.15
N VAL A 125 -6.49 17.36 33.16
CA VAL A 125 -5.81 16.87 34.36
C VAL A 125 -6.00 17.84 35.53
N LYS A 126 -5.67 19.11 35.33
CA LYS A 126 -5.77 20.08 36.41
C LYS A 126 -7.23 20.34 36.79
N ASN A 127 -8.11 20.44 35.82
CA ASN A 127 -9.50 20.78 36.11
C ASN A 127 -10.23 19.65 36.82
N MET A 128 -9.96 18.42 36.40
CA MET A 128 -10.67 17.31 36.96
C MET A 128 -10.19 17.02 38.39
N ILE A 129 -8.93 17.32 38.66
CA ILE A 129 -8.35 17.15 39.99
C ILE A 129 -8.65 18.32 40.89
N THR A 130 -8.58 19.54 40.37
CA THR A 130 -8.84 20.73 41.17
C THR A 130 -9.66 21.80 40.46
N GLY A 131 -10.62 21.38 39.63
CA GLY A 131 -11.42 22.30 38.85
C GLY A 131 -12.60 22.85 39.63
N ALA A 132 -13.10 24.01 39.19
CA ALA A 132 -14.14 24.76 39.93
C ALA A 132 -15.39 23.94 40.29
N ALA A 133 -15.82 23.06 39.37
CA ALA A 133 -17.00 22.23 39.58
C ALA A 133 -16.74 20.74 39.28
N GLN A 134 -17.29 19.88 40.13
CA GLN A 134 -17.16 18.44 39.93
C GLN A 134 -18.29 17.95 39.03
N MET A 135 -17.89 17.36 37.90
CA MET A 135 -18.83 16.74 36.97
C MET A 135 -19.74 15.64 37.59
N ASP A 136 -21.06 15.82 37.45
CA ASP A 136 -22.03 14.79 37.85
C ASP A 136 -22.06 13.72 36.76
N GLY A 137 -21.57 14.09 35.58
CA GLY A 137 -21.49 13.19 34.45
C GLY A 137 -20.52 13.76 33.44
N ALA A 138 -19.90 12.87 32.66
CA ALA A 138 -18.96 13.25 31.63
C ALA A 138 -19.39 12.64 30.33
N ILE A 139 -19.25 13.41 29.26
CA ILE A 139 -19.50 12.93 27.91
C ILE A 139 -18.16 12.60 27.29
N LEU A 140 -17.87 11.32 27.11
CA LEU A 140 -16.67 10.93 26.38
C LEU A 140 -16.90 11.00 24.87
N VAL A 141 -16.09 11.81 24.21
CA VAL A 141 -16.14 11.94 22.76
C VAL A 141 -15.04 11.08 22.17
N CYS A 142 -15.41 10.16 21.29
CA CYS A 142 -14.42 9.36 20.60
C CYS A 142 -14.72 9.41 19.13
N SER A 143 -13.68 9.59 18.32
CA SER A 143 -13.86 9.72 16.88
C SER A 143 -14.07 8.32 16.32
N ALA A 144 -15.18 8.13 15.63
CA ALA A 144 -15.47 6.85 14.99
C ALA A 144 -14.53 6.57 13.83
N ALA A 145 -14.00 7.65 13.24
CA ALA A 145 -13.08 7.56 12.12
C ALA A 145 -11.68 7.08 12.54
N ASP A 146 -11.29 7.39 13.78
CA ASP A 146 -9.92 7.17 14.23
C ASP A 146 -9.82 6.05 15.26
N GLY A 147 -10.94 5.79 15.93
CA GLY A 147 -10.98 4.89 17.08
C GLY A 147 -10.33 5.56 18.27
N PRO A 148 -10.25 4.85 19.41
CA PRO A 148 -9.71 5.43 20.62
C PRO A 148 -8.21 5.73 20.49
N MET A 149 -7.78 6.70 21.28
CA MET A 149 -6.41 7.18 21.26
C MET A 149 -5.99 7.41 22.71
N PRO A 150 -4.72 7.74 22.95
CA PRO A 150 -4.20 7.73 24.33
C PRO A 150 -5.03 8.48 25.36
N GLN A 151 -5.50 9.68 25.02
CA GLN A 151 -6.28 10.47 25.98
CA GLN A 151 -6.27 10.50 25.96
C GLN A 151 -7.74 9.99 26.08
N THR A 152 -8.18 9.17 25.13
CA THR A 152 -9.45 8.46 25.32
C THR A 152 -9.32 7.53 26.54
N ARG A 153 -8.23 6.77 26.58
CA ARG A 153 -7.94 5.91 27.72
C ARG A 153 -7.74 6.76 28.97
N GLU A 154 -6.80 7.70 28.92
CA GLU A 154 -6.44 8.43 30.14
C GLU A 154 -7.59 9.24 30.77
N HIS A 155 -8.53 9.71 29.96
CA HIS A 155 -9.61 10.50 30.51
C HIS A 155 -10.65 9.64 31.21
N ILE A 156 -10.82 8.40 30.76
CA ILE A 156 -11.63 7.45 31.50
C ILE A 156 -10.93 7.12 32.84
N LEU A 157 -9.64 6.83 32.79
CA LEU A 157 -8.87 6.57 34.01
C LEU A 157 -9.03 7.75 34.97
N LEU A 158 -8.85 8.95 34.47
CA LEU A 158 -8.87 10.14 35.31
C LEU A 158 -10.26 10.34 35.92
N SER A 159 -11.31 10.04 35.14
CA SER A 159 -12.69 10.09 35.63
C SER A 159 -12.90 9.14 36.81
N ARG A 160 -12.38 7.92 36.70
CA ARG A 160 -12.37 6.96 37.81
C ARG A 160 -11.69 7.60 39.02
N GLN A 161 -10.43 8.02 38.83
CA GLN A 161 -9.63 8.57 39.93
C GLN A 161 -10.34 9.71 40.67
N VAL A 162 -10.99 10.56 39.90
CA VAL A 162 -11.49 11.83 40.41
C VAL A 162 -12.92 11.69 40.98
N GLY A 163 -13.58 10.58 40.63
CA GLY A 163 -14.87 10.26 41.22
C GLY A 163 -16.05 10.67 40.38
N VAL A 164 -15.87 10.78 39.07
CA VAL A 164 -16.97 11.10 38.18
C VAL A 164 -17.88 9.89 38.10
N PRO A 165 -19.14 10.02 38.52
CA PRO A 165 -19.98 8.82 38.73
C PRO A 165 -20.48 8.14 37.45
N TYR A 166 -20.66 8.91 36.38
CA TYR A 166 -21.25 8.40 35.14
C TYR A 166 -20.49 8.89 33.90
N ILE A 167 -20.38 8.02 32.91
CA ILE A 167 -19.86 8.41 31.62
C ILE A 167 -20.79 7.94 30.51
N VAL A 168 -21.12 8.87 29.61
CA VAL A 168 -21.86 8.59 28.38
C VAL A 168 -20.93 8.83 27.19
N VAL A 169 -21.08 8.06 26.13
CA VAL A 169 -20.19 8.20 24.98
C VAL A 169 -20.92 8.77 23.75
N PHE A 170 -20.23 9.66 23.05
CA PHE A 170 -20.68 10.10 21.73
C PHE A 170 -19.61 9.68 20.73
N LEU A 171 -19.92 8.74 19.85
CA LEU A 171 -19.00 8.36 18.79
C LEU A 171 -19.20 9.33 17.66
N ASN A 172 -18.19 10.19 17.46
CA ASN A 172 -18.28 11.34 16.59
C ASN A 172 -17.68 11.10 15.20
N LYS A 173 -18.02 12.00 14.28
CA LYS A 173 -17.51 11.96 12.91
C LYS A 173 -18.07 10.75 12.16
N ALA A 174 -19.30 10.39 12.47
CA ALA A 174 -20.01 9.33 11.75
C ALA A 174 -20.14 9.66 10.28
N ASP A 175 -20.21 10.94 9.93
CA ASP A 175 -20.24 11.36 8.53
C ASP A 175 -19.04 10.84 7.76
N LEU A 176 -17.97 10.50 8.46
CA LEU A 176 -16.76 10.06 7.79
C LEU A 176 -16.66 8.54 7.69
N VAL A 177 -17.64 7.83 8.21
CA VAL A 177 -17.57 6.37 8.25
C VAL A 177 -18.74 5.72 7.51
N ASP A 178 -18.45 5.04 6.42
CA ASP A 178 -19.47 4.30 5.67
C ASP A 178 -19.08 2.82 5.73
N ASP A 179 -19.21 2.22 6.90
CA ASP A 179 -18.59 0.92 7.22
C ASP A 179 -19.10 0.47 8.58
N ALA A 180 -20.19 -0.29 8.60
CA ALA A 180 -20.77 -0.76 9.85
C ALA A 180 -19.76 -1.48 10.75
N GLU A 181 -18.90 -2.28 10.15
CA GLU A 181 -17.94 -3.07 10.92
C GLU A 181 -17.00 -2.17 11.72
N LEU A 182 -16.62 -1.02 11.17
CA LEU A 182 -15.70 -0.14 11.86
C LEU A 182 -16.37 0.51 13.07
N LEU A 183 -17.63 0.91 12.91
CA LEU A 183 -18.40 1.45 14.04
C LEU A 183 -18.50 0.43 15.17
N GLU A 184 -18.78 -0.83 14.81
CA GLU A 184 -18.88 -1.93 15.77
C GLU A 184 -17.54 -2.15 16.48
N LEU A 185 -16.46 -2.14 15.71
CA LEU A 185 -15.13 -2.34 16.26
C LEU A 185 -14.84 -1.28 17.32
N VAL A 186 -15.10 -0.01 16.98
CA VAL A 186 -14.74 1.11 17.85
C VAL A 186 -15.62 1.17 19.10
N GLU A 187 -16.90 0.88 18.92
CA GLU A 187 -17.80 0.76 20.06
C GLU A 187 -17.31 -0.30 21.07
N MET A 188 -16.93 -1.48 20.58
CA MET A 188 -16.42 -2.54 21.45
C MET A 188 -15.13 -2.13 22.14
N GLU A 189 -14.23 -1.45 21.43
CA GLU A 189 -12.99 -1.00 22.07
C GLU A 189 -13.33 -0.07 23.21
N VAL A 190 -14.31 0.80 23.00
CA VAL A 190 -14.63 1.80 24.02
C VAL A 190 -15.34 1.20 25.24
N ARG A 191 -16.32 0.33 25.01
CA ARG A 191 -16.97 -0.42 26.09
C ARG A 191 -15.93 -1.15 26.94
N ASP A 192 -14.97 -1.79 26.28
CA ASP A 192 -13.88 -2.47 26.98
C ASP A 192 -13.04 -1.53 27.83
N LEU A 193 -12.71 -0.36 27.27
CA LEU A 193 -11.95 0.67 27.96
C LEU A 193 -12.66 1.09 29.23
N LEU A 194 -13.95 1.40 29.11
CA LEU A 194 -14.78 1.78 30.25
C LEU A 194 -14.74 0.68 31.33
N SER A 195 -14.96 -0.56 30.92
CA SER A 195 -14.99 -1.66 31.89
C SER A 195 -13.63 -1.85 32.54
N THR A 196 -12.55 -1.50 31.83
CA THR A 196 -11.22 -1.65 32.40
C THR A 196 -11.08 -0.80 33.67
N TYR A 197 -11.77 0.34 33.70
CA TYR A 197 -11.67 1.24 34.85
C TYR A 197 -12.97 1.25 35.63
N ASP A 198 -13.67 0.12 35.58
CA ASP A 198 -14.82 -0.17 36.44
C ASP A 198 -16.10 0.60 36.13
N PHE A 199 -16.12 1.32 35.02
CA PHE A 199 -17.39 1.85 34.53
C PHE A 199 -18.17 0.68 33.91
N PRO A 200 -19.51 0.76 33.93
CA PRO A 200 -20.29 -0.36 33.39
C PRO A 200 -20.31 -0.34 31.86
N GLY A 201 -19.19 -0.75 31.24
CA GLY A 201 -19.03 -0.72 29.81
C GLY A 201 -20.12 -1.34 28.96
N ASP A 202 -20.69 -2.45 29.40
CA ASP A 202 -21.71 -3.15 28.62
C ASP A 202 -23.04 -2.39 28.60
N ASP A 203 -23.28 -1.58 29.64
CA ASP A 203 -24.55 -0.86 29.78
C ASP A 203 -24.41 0.63 29.49
N THR A 204 -23.22 1.09 29.13
CA THR A 204 -22.99 2.51 28.84
C THR A 204 -23.75 2.92 27.59
N PRO A 205 -24.58 3.97 27.70
CA PRO A 205 -25.18 4.49 26.46
C PRO A 205 -24.13 5.15 25.53
N ILE A 206 -24.08 4.64 24.30
CA ILE A 206 -23.19 5.12 23.27
C ILE A 206 -24.06 5.62 22.13
N ILE A 207 -23.93 6.91 21.81
CA ILE A 207 -24.67 7.56 20.74
C ILE A 207 -23.71 7.84 19.59
N ILE A 208 -24.09 7.42 18.39
CA ILE A 208 -23.26 7.61 17.22
C ILE A 208 -23.81 8.73 16.35
N GLY A 209 -22.92 9.64 15.94
CA GLY A 209 -23.34 10.73 15.10
C GLY A 209 -22.21 11.66 14.69
N SER A 210 -22.64 12.84 14.22
CA SER A 210 -21.74 13.89 13.75
C SER A 210 -22.06 15.20 14.49
N ALA A 211 -21.18 15.60 15.40
CA ALA A 211 -21.33 16.87 16.12
C ALA A 211 -21.29 18.06 15.14
N ARG A 212 -20.49 17.93 14.11
CA ARG A 212 -20.30 19.01 13.15
C ARG A 212 -21.55 19.22 12.30
N MET A 213 -22.16 18.13 11.84
CA MET A 213 -23.46 18.24 11.16
C MET A 213 -24.47 18.94 12.06
N ALA A 214 -24.60 18.47 13.30
CA ALA A 214 -25.51 19.11 14.25
C ALA A 214 -25.23 20.62 14.40
N LEU A 215 -23.97 20.98 14.51
CA LEU A 215 -23.58 22.38 14.71
C LEU A 215 -24.00 23.22 13.49
N GLU A 216 -24.06 22.60 12.32
CA GLU A 216 -24.43 23.28 11.09
C GLU A 216 -25.90 23.07 10.74
N GLY A 217 -26.69 22.51 11.68
CA GLY A 217 -28.12 22.37 11.45
C GLY A 217 -28.46 21.27 10.46
N LYS A 218 -27.54 20.35 10.22
CA LYS A 218 -27.76 19.24 9.31
C LYS A 218 -28.14 17.95 10.03
N ASP A 219 -28.99 17.16 9.38
CA ASP A 219 -29.51 15.96 10.00
C ASP A 219 -29.83 14.86 9.01
N ASP A 220 -29.03 14.74 7.96
CA ASP A 220 -29.19 13.65 7.00
C ASP A 220 -29.05 12.31 7.73
N ASN A 221 -29.99 11.41 7.50
CA ASN A 221 -29.95 10.07 8.11
C ASN A 221 -29.92 10.19 9.63
N GLU A 222 -30.45 11.29 10.15
CA GLU A 222 -30.51 11.50 11.59
C GLU A 222 -29.14 11.44 12.25
N MET A 223 -28.07 11.72 11.50
CA MET A 223 -26.69 11.66 12.00
C MET A 223 -26.30 12.88 12.82
N GLY A 224 -27.04 13.98 12.61
CA GLY A 224 -26.66 15.27 13.15
C GLY A 224 -27.49 15.74 14.32
N THR A 225 -28.43 16.62 14.03
CA THR A 225 -29.33 17.18 15.04
C THR A 225 -30.01 16.12 15.90
N THR A 226 -30.44 15.03 15.27
CA THR A 226 -31.18 14.02 15.98
C THR A 226 -30.26 13.32 16.97
N ALA A 227 -29.01 13.09 16.56
CA ALA A 227 -28.07 12.34 17.38
C ALA A 227 -27.71 13.15 18.63
N VAL A 228 -27.60 14.47 18.48
CA VAL A 228 -27.21 15.31 19.61
C VAL A 228 -28.41 15.49 20.54
N LYS A 229 -29.60 15.48 19.96
CA LYS A 229 -30.84 15.42 20.71
C LYS A 229 -30.92 14.14 21.56
N LYS A 230 -30.63 13.00 20.94
CA LYS A 230 -30.63 11.72 21.65
C LYS A 230 -29.62 11.77 22.80
N LEU A 231 -28.46 12.38 22.56
CA LEU A 231 -27.47 12.54 23.61
C LEU A 231 -28.05 13.28 24.82
N VAL A 232 -28.72 14.40 24.58
CA VAL A 232 -29.25 15.20 25.68
C VAL A 232 -30.28 14.42 26.46
N GLU A 233 -31.10 13.65 25.76
CA GLU A 233 -32.15 12.88 26.42
C GLU A 233 -31.50 11.74 27.22
N THR A 234 -30.33 11.29 26.79
CA THR A 234 -29.59 10.28 27.53
C THR A 234 -29.06 10.90 28.80
N LEU A 235 -28.58 12.14 28.71
CA LEU A 235 -28.18 12.88 29.90
C LEU A 235 -29.35 12.92 30.88
N ASP A 236 -30.53 13.32 30.39
CA ASP A 236 -31.74 13.43 31.20
C ASP A 236 -32.02 12.18 32.04
N SER A 237 -31.87 11.01 31.43
CA SER A 237 -32.33 9.75 32.02
C SER A 237 -31.21 8.91 32.68
N TYR A 238 -29.97 9.04 32.21
CA TYR A 238 -28.89 8.19 32.68
C TYR A 238 -28.18 8.79 33.90
N ILE A 239 -28.22 10.11 34.04
CA ILE A 239 -27.57 10.78 35.16
C ILE A 239 -28.60 11.20 36.19
N PRO A 240 -28.55 10.61 37.39
CA PRO A 240 -29.60 10.98 38.33
C PRO A 240 -29.48 12.42 38.82
N GLU A 241 -30.56 12.95 39.37
CA GLU A 241 -30.54 14.24 40.03
C GLU A 241 -29.45 14.15 41.08
N PRO A 242 -28.47 15.06 41.02
CA PRO A 242 -27.49 14.96 42.11
C PRO A 242 -28.07 15.46 43.44
N VAL A 243 -27.61 14.88 44.53
CA VAL A 243 -28.01 15.29 45.85
C VAL A 243 -27.35 16.60 46.22
N ARG A 244 -28.15 17.61 46.55
CA ARG A 244 -27.59 18.89 46.93
C ARG A 244 -26.92 18.82 48.30
N ALA A 245 -25.94 19.70 48.51
CA ALA A 245 -25.19 19.80 49.76
C ALA A 245 -26.10 19.92 50.97
N ILE A 246 -27.18 20.68 50.83
CA ILE A 246 -28.10 20.91 51.93
C ILE A 246 -28.82 19.62 52.39
N ASP A 247 -28.90 18.63 51.49
CA ASP A 247 -29.59 17.36 51.76
C ASP A 247 -28.65 16.17 52.10
N GLN A 248 -27.37 16.42 52.25
CA GLN A 248 -26.41 15.37 52.58
C GLN A 248 -26.19 15.40 54.08
N PRO A 249 -25.54 14.34 54.62
CA PRO A 249 -25.34 14.31 56.08
C PRO A 249 -24.51 15.49 56.54
N PHE A 250 -24.90 16.06 57.68
CA PHE A 250 -24.25 17.25 58.19
C PHE A 250 -22.75 17.08 58.38
N LEU A 251 -22.01 18.07 57.93
CA LEU A 251 -20.57 18.12 58.16
C LEU A 251 -20.06 19.55 58.23
N MET A 252 -19.30 19.87 59.28
CA MET A 252 -18.61 21.15 59.39
C MET A 252 -17.18 20.95 59.84
N PRO A 253 -16.21 21.45 59.05
CA PRO A 253 -14.83 21.36 59.50
C PRO A 253 -14.58 22.38 60.61
N ILE A 254 -14.00 21.95 61.72
CA ILE A 254 -13.81 22.81 62.89
C ILE A 254 -12.59 23.74 62.74
N GLU A 255 -12.75 24.99 63.14
CA GLU A 255 -11.69 25.98 63.05
C GLU A 255 -11.24 26.41 64.43
N ASP A 256 -12.07 27.18 65.13
CA ASP A 256 -11.73 27.53 66.50
C ASP A 256 -12.64 26.81 67.49
N VAL A 257 -12.17 26.77 68.74
CA VAL A 257 -12.80 26.06 69.81
C VAL A 257 -12.77 26.97 71.03
N PHE A 258 -13.91 27.26 71.62
CA PHE A 258 -13.95 28.15 72.76
C PHE A 258 -14.79 27.49 73.87
N SER A 259 -14.21 27.37 75.05
CA SER A 259 -14.94 26.86 76.18
C SER A 259 -15.85 27.95 76.74
N ILE A 260 -17.09 27.59 77.02
CA ILE A 260 -18.06 28.49 77.59
C ILE A 260 -17.95 28.40 79.09
N SER A 261 -16.84 28.88 79.62
CA SER A 261 -16.56 28.83 81.04
C SER A 261 -16.72 27.42 81.64
N GLY A 262 -16.36 26.43 80.86
CA GLY A 262 -16.41 25.05 81.32
C GLY A 262 -17.80 24.45 81.29
N ARG A 263 -18.79 25.18 80.77
CA ARG A 263 -20.18 24.69 80.76
C ARG A 263 -20.66 24.19 79.41
N GLY A 264 -19.76 24.18 78.45
CA GLY A 264 -20.10 23.82 77.08
C GLY A 264 -18.99 24.37 76.19
N THR A 265 -19.10 24.12 74.89
CA THR A 265 -18.05 24.46 73.96
C THR A 265 -18.63 25.01 72.66
N VAL A 266 -18.07 26.12 72.16
CA VAL A 266 -18.38 26.57 70.80
C VAL A 266 -17.26 26.11 69.87
N VAL A 267 -17.64 25.46 68.78
CA VAL A 267 -16.70 25.13 67.72
C VAL A 267 -17.18 25.90 66.49
N THR A 268 -16.28 26.64 65.86
CA THR A 268 -16.67 27.52 64.75
C THR A 268 -16.26 26.94 63.40
N GLY A 269 -16.87 27.41 62.33
CA GLY A 269 -16.50 26.97 60.99
C GLY A 269 -17.60 27.35 60.01
N ARG A 270 -17.44 26.88 58.78
CA ARG A 270 -18.42 27.08 57.75
C ARG A 270 -19.00 25.73 57.48
N ILE A 271 -20.32 25.60 57.63
CA ILE A 271 -20.98 24.32 57.41
C ILE A 271 -20.78 23.92 55.96
N GLU A 272 -20.21 22.75 55.74
CA GLU A 272 -19.93 22.32 54.38
C GLU A 272 -21.17 21.67 53.78
N ARG A 273 -21.94 20.98 54.58
CA ARG A 273 -23.10 20.32 54.03
C ARG A 273 -24.11 19.91 55.12
N GLY A 274 -25.37 19.78 54.71
CA GLY A 274 -26.45 19.44 55.63
C GLY A 274 -26.92 20.58 56.51
N ILE A 275 -27.62 20.18 57.57
CA ILE A 275 -28.23 21.09 58.54
C ILE A 275 -27.91 20.59 59.95
N VAL A 276 -27.73 21.51 60.89
CA VAL A 276 -27.56 21.15 62.29
C VAL A 276 -28.59 21.90 63.12
N ARG A 277 -29.20 21.19 64.07
CA ARG A 277 -30.26 21.77 64.89
C ARG A 277 -30.04 21.51 66.37
N VAL A 278 -30.59 22.37 67.20
CA VAL A 278 -30.54 22.16 68.64
C VAL A 278 -31.07 20.75 68.94
N GLN A 279 -30.45 20.08 69.90
CA GLN A 279 -30.75 18.71 70.32
C GLN A 279 -30.17 17.62 69.40
N ASP A 280 -29.58 17.99 68.26
CA ASP A 280 -29.02 16.95 67.38
C ASP A 280 -27.84 16.28 68.03
N PRO A 281 -27.76 14.95 67.94
CA PRO A 281 -26.54 14.25 68.38
C PRO A 281 -25.48 14.32 67.29
N LEU A 282 -24.23 14.48 67.68
CA LEU A 282 -23.13 14.66 66.74
C LEU A 282 -21.90 13.91 67.18
N GLU A 283 -21.05 13.59 66.22
CA GLU A 283 -19.73 13.04 66.46
C GLU A 283 -18.66 14.05 66.05
N ILE A 284 -17.52 13.96 66.72
CA ILE A 284 -16.31 14.72 66.41
C ILE A 284 -15.26 13.73 65.97
N VAL A 285 -14.78 13.89 64.73
CA VAL A 285 -14.01 12.86 64.03
C VAL A 285 -12.67 13.38 63.52
N GLY A 286 -11.64 12.53 63.64
CA GLY A 286 -10.30 12.82 63.14
C GLY A 286 -9.30 13.24 64.23
N LEU A 287 -8.01 13.05 63.94
CA LEU A 287 -6.90 13.47 64.79
C LEU A 287 -6.78 12.68 66.11
N ARG A 288 -7.92 12.30 66.68
CA ARG A 288 -7.97 11.51 67.88
C ARG A 288 -9.28 10.76 67.83
N ASP A 289 -9.44 9.82 68.76
CA ASP A 289 -10.60 8.95 68.81
C ASP A 289 -11.92 9.72 68.78
N THR A 290 -12.84 9.23 67.97
CA THR A 290 -14.15 9.85 67.84
C THR A 290 -14.87 10.00 69.18
N THR A 291 -15.53 11.14 69.35
CA THR A 291 -16.27 11.42 70.57
C THR A 291 -17.67 11.85 70.14
N THR A 292 -18.64 11.76 71.04
CA THR A 292 -20.01 12.17 70.74
C THR A 292 -20.35 13.43 71.50
N THR A 293 -21.36 14.15 71.04
CA THR A 293 -21.65 15.43 71.64
C THR A 293 -23.05 15.79 71.23
N THR A 294 -23.60 16.84 71.82
CA THR A 294 -24.93 17.30 71.48
C THR A 294 -24.96 18.81 71.18
N CYS A 295 -25.60 19.19 70.09
CA CYS A 295 -25.81 20.60 69.77
C CYS A 295 -26.86 21.25 70.65
N THR A 296 -26.52 22.34 71.32
CA THR A 296 -27.50 23.05 72.13
C THR A 296 -27.74 24.49 71.66
N GLY A 297 -27.36 24.79 70.42
CA GLY A 297 -27.47 26.15 69.92
C GLY A 297 -26.57 26.44 68.76
N VAL A 298 -26.94 27.43 67.97
CA VAL A 298 -26.13 27.85 66.84
C VAL A 298 -25.90 29.36 66.86
N GLU A 299 -24.64 29.76 66.84
CA GLU A 299 -24.26 31.17 66.91
C GLU A 299 -24.01 31.60 65.48
N MET A 300 -24.70 32.65 65.04
CA MET A 300 -24.43 33.28 63.76
C MET A 300 -23.99 34.73 64.00
N PHE A 301 -23.54 35.41 62.93
CA PHE A 301 -23.24 36.83 63.05
CA PHE A 301 -23.24 36.83 63.05
C PHE A 301 -24.46 37.50 63.66
N ARG A 302 -24.26 38.18 64.79
CA ARG A 302 -25.33 38.94 65.48
C ARG A 302 -26.43 38.16 66.21
N LYS A 303 -26.48 36.83 66.05
CA LYS A 303 -27.66 36.07 66.49
C LYS A 303 -27.34 34.69 67.08
N LEU A 304 -28.09 34.31 68.11
CA LEU A 304 -28.14 32.93 68.60
C LEU A 304 -29.39 32.28 68.06
N LEU A 305 -29.23 31.22 67.28
CA LEU A 305 -30.36 30.56 66.60
C LEU A 305 -30.39 29.08 66.99
N ASP A 306 -31.38 28.36 66.47
CA ASP A 306 -31.59 26.96 66.78
C ASP A 306 -31.15 26.07 65.63
N GLU A 307 -30.64 26.69 64.57
CA GLU A 307 -30.32 25.95 63.34
C GLU A 307 -29.19 26.62 62.56
N GLY A 308 -28.43 25.81 61.82
CA GLY A 308 -27.45 26.31 60.87
C GLY A 308 -27.45 25.45 59.61
N ARG A 309 -27.14 26.05 58.46
CA ARG A 309 -27.29 25.38 57.17
C ARG A 309 -26.00 25.43 56.34
N ALA A 310 -25.83 24.44 55.45
CA ALA A 310 -24.73 24.44 54.49
C ALA A 310 -24.47 25.84 53.94
N GLY A 311 -23.21 26.24 53.90
CA GLY A 311 -22.85 27.54 53.41
C GLY A 311 -22.65 28.56 54.51
N GLU A 312 -23.29 28.37 55.65
CA GLU A 312 -23.25 29.37 56.72
C GLU A 312 -22.06 29.24 57.66
N ASN A 313 -21.54 30.40 58.03
CA ASN A 313 -20.48 30.55 58.99
C ASN A 313 -21.08 30.67 60.39
N CYS A 314 -20.67 29.81 61.30
CA CYS A 314 -21.30 29.82 62.62
C CYS A 314 -20.41 29.27 63.72
N GLY A 315 -20.89 29.43 64.95
CA GLY A 315 -20.39 28.66 66.08
C GLY A 315 -21.46 27.66 66.51
N VAL A 316 -21.11 26.37 66.54
CA VAL A 316 -22.03 25.36 67.01
C VAL A 316 -21.81 25.16 68.51
N LEU A 317 -22.85 25.42 69.30
CA LEU A 317 -22.76 25.21 70.74
C LEU A 317 -22.92 23.73 71.03
N LEU A 318 -21.97 23.22 71.80
CA LEU A 318 -21.93 21.80 72.17
C LEU A 318 -21.95 21.65 73.68
N ARG A 319 -22.56 20.55 74.13
CA ARG A 319 -22.45 20.10 75.53
C ARG A 319 -21.92 18.69 75.51
N GLY A 320 -21.21 18.31 76.58
CA GLY A 320 -20.74 16.94 76.76
C GLY A 320 -19.37 16.73 76.16
N THR A 321 -18.62 17.80 75.99
CA THR A 321 -17.33 17.71 75.32
C THR A 321 -16.26 18.19 76.28
N LYS A 322 -15.15 17.48 76.33
CA LYS A 322 -14.09 17.80 77.28
C LYS A 322 -13.12 18.75 76.60
N ARG A 323 -12.66 19.77 77.32
CA ARG A 323 -11.77 20.78 76.76
C ARG A 323 -10.95 20.30 75.59
N ASP A 324 -10.15 19.27 75.80
CA ASP A 324 -9.22 18.86 74.74
C ASP A 324 -9.60 17.52 74.12
N ASP A 325 -10.90 17.24 74.08
CA ASP A 325 -11.42 16.21 73.19
C ASP A 325 -11.65 16.77 71.81
N VAL A 326 -11.53 18.10 71.67
CA VAL A 326 -11.92 18.78 70.43
C VAL A 326 -10.90 19.83 69.98
N GLU A 327 -10.48 19.76 68.72
CA GLU A 327 -9.51 20.71 68.17
C GLU A 327 -9.68 20.99 66.66
N ARG A 328 -8.95 21.99 66.16
CA ARG A 328 -9.01 22.43 64.76
C ARG A 328 -8.66 21.30 63.82
N GLY A 329 -9.46 21.11 62.79
CA GLY A 329 -9.16 20.10 61.79
C GLY A 329 -9.98 18.84 61.92
N GLN A 330 -10.60 18.65 63.08
CA GLN A 330 -11.60 17.60 63.21
C GLN A 330 -12.86 18.07 62.50
N VAL A 331 -13.77 17.13 62.24
CA VAL A 331 -15.04 17.48 61.63
C VAL A 331 -16.18 17.12 62.56
N LEU A 332 -17.14 18.03 62.62
CA LEU A 332 -18.37 17.82 63.35
C LEU A 332 -19.39 17.24 62.38
N VAL A 333 -19.91 16.05 62.68
CA VAL A 333 -20.74 15.36 61.71
C VAL A 333 -21.91 14.62 62.32
N LYS A 334 -22.88 14.33 61.46
CA LYS A 334 -23.93 13.40 61.80
C LYS A 334 -23.29 12.06 62.16
N PRO A 335 -23.73 11.44 63.27
CA PRO A 335 -23.10 10.22 63.75
C PRO A 335 -23.10 9.07 62.73
N GLY A 336 -21.94 8.44 62.54
CA GLY A 336 -21.77 7.27 61.66
C GLY A 336 -21.62 7.63 60.19
N SER A 337 -21.38 8.89 59.94
CA SER A 337 -21.52 9.47 58.62
C SER A 337 -20.18 9.47 57.86
N VAL A 338 -19.12 9.75 58.59
CA VAL A 338 -17.79 9.76 58.02
C VAL A 338 -16.89 9.12 59.03
N LYS A 339 -15.90 8.39 58.57
CA LYS A 339 -14.94 7.79 59.47
C LYS A 339 -13.53 8.35 59.27
N PRO A 340 -12.69 8.23 60.31
CA PRO A 340 -11.29 8.63 60.23
C PRO A 340 -10.48 7.60 59.45
N HIS A 341 -9.50 8.06 58.67
CA HIS A 341 -8.63 7.16 57.91
C HIS A 341 -7.20 7.73 57.89
N THR A 342 -6.22 6.88 57.54
CA THR A 342 -4.81 7.30 57.46
C THR A 342 -4.13 6.97 56.14
N LYS A 343 -4.68 6.04 55.38
CA LYS A 343 -3.96 5.50 54.24
C LYS A 343 -4.89 5.45 53.04
N PHE A 344 -4.42 5.93 51.89
CA PHE A 344 -5.32 6.03 50.74
C PHE A 344 -4.57 6.12 49.42
N THR A 345 -5.27 5.78 48.34
CA THR A 345 -4.81 6.06 47.00
C THR A 345 -5.28 7.48 46.61
N ALA A 346 -4.44 8.21 45.89
CA ALA A 346 -4.75 9.57 45.48
C ALA A 346 -4.21 9.86 44.09
N GLU A 347 -4.98 10.61 43.30
CA GLU A 347 -4.48 11.24 42.08
C GLU A 347 -3.97 12.61 42.46
N VAL A 348 -2.74 12.91 42.07
CA VAL A 348 -2.11 14.16 42.46
C VAL A 348 -1.57 14.89 41.24
N TYR A 349 -1.81 16.19 41.19
CA TYR A 349 -1.15 17.03 40.22
C TYR A 349 -0.09 17.85 40.97
N VAL A 350 1.16 17.72 40.52
CA VAL A 350 2.28 18.45 41.13
C VAL A 350 2.45 19.77 40.42
N LEU A 351 2.38 20.89 41.15
CA LEU A 351 2.42 22.20 40.51
C LEU A 351 3.67 22.37 39.65
N SER A 352 3.55 23.33 38.74
CA SER A 352 4.62 23.71 37.81
C SER A 352 5.57 24.67 38.50
N LYS A 353 6.82 24.68 38.07
CA LYS A 353 7.77 25.67 38.55
C LYS A 353 7.11 27.04 38.45
N GLU A 354 6.56 27.33 37.27
CA GLU A 354 5.94 28.63 37.00
C GLU A 354 4.71 28.90 37.86
N GLU A 355 4.02 27.84 38.27
CA GLU A 355 2.80 27.97 39.05
C GLU A 355 3.10 28.25 40.52
N GLY A 356 4.39 28.31 40.85
CA GLY A 356 4.82 28.69 42.19
C GLY A 356 5.13 27.49 43.06
N GLY A 357 5.35 26.34 42.42
CA GLY A 357 5.54 25.10 43.15
C GLY A 357 7.00 24.76 43.35
N ARG A 358 7.38 23.60 42.83
CA ARG A 358 8.73 23.09 42.97
C ARG A 358 9.44 23.08 41.62
N HIS A 359 10.75 23.25 41.67
CA HIS A 359 11.61 23.05 40.51
C HIS A 359 12.34 21.72 40.64
N THR A 360 12.35 21.19 41.86
CA THR A 360 13.03 19.95 42.17
C THR A 360 12.12 18.75 41.94
N PRO A 361 12.66 17.65 41.39
CA PRO A 361 11.90 16.40 41.28
C PRO A 361 12.02 15.58 42.56
N PHE A 362 10.90 15.18 43.16
CA PHE A 362 10.92 14.43 44.43
C PHE A 362 10.85 12.91 44.22
N PHE A 363 11.11 12.17 45.29
CA PHE A 363 11.30 10.71 45.19
C PHE A 363 10.49 9.94 46.23
N LYS A 364 10.64 8.61 46.21
CA LYS A 364 10.01 7.73 47.19
C LYS A 364 10.35 8.17 48.61
N GLY A 365 9.36 8.14 49.50
CA GLY A 365 9.57 8.52 50.89
C GLY A 365 9.35 10.01 51.16
N TYR A 366 8.85 10.71 50.14
CA TYR A 366 8.54 12.13 50.25
C TYR A 366 7.52 12.38 51.36
N ARG A 367 7.79 13.34 52.25
CA ARG A 367 6.94 13.58 53.43
C ARG A 367 6.38 14.99 53.52
N PRO A 368 5.48 15.36 52.60
CA PRO A 368 4.95 16.72 52.65
C PRO A 368 3.81 16.84 53.65
N GLN A 369 3.27 18.05 53.79
CA GLN A 369 2.04 18.24 54.55
C GLN A 369 0.82 18.12 53.64
N PHE A 370 -0.16 17.33 54.08
CA PHE A 370 -1.43 17.22 53.37
C PHE A 370 -2.49 18.08 54.07
N TYR A 371 -3.09 18.99 53.31
CA TYR A 371 -4.12 19.87 53.88
C TYR A 371 -5.52 19.37 53.53
N PHE A 372 -6.27 19.00 54.56
CA PHE A 372 -7.61 18.48 54.42
C PHE A 372 -8.51 19.42 55.16
N ARG A 373 -9.39 20.09 54.43
CA ARG A 373 -10.29 21.07 55.03
C ARG A 373 -9.47 22.03 55.91
N THR A 374 -9.60 21.98 57.23
CA THR A 374 -9.08 23.07 58.06
C THR A 374 -7.76 22.79 58.77
N THR A 375 -7.10 21.71 58.42
CA THR A 375 -5.80 21.46 59.00
C THR A 375 -4.89 20.69 58.05
N ASP A 376 -3.63 20.56 58.43
CA ASP A 376 -2.70 19.72 57.69
C ASP A 376 -2.12 18.63 58.57
N VAL A 377 -1.71 17.56 57.90
CA VAL A 377 -1.20 16.37 58.54
C VAL A 377 -0.09 15.81 57.66
N THR A 378 1.02 15.45 58.29
CA THR A 378 2.17 14.91 57.57
C THR A 378 1.85 13.54 57.00
N GLY A 379 2.32 13.27 55.78
CA GLY A 379 2.10 11.98 55.16
C GLY A 379 3.29 11.46 54.36
N ASN A 380 3.42 10.13 54.30
CA ASN A 380 4.42 9.48 53.45
C ASN A 380 3.87 9.01 52.12
N CYS A 381 4.61 9.30 51.05
CA CYS A 381 4.16 8.98 49.70
C CYS A 381 4.89 7.79 49.11
N GLU A 382 4.12 6.88 48.55
CA GLU A 382 4.64 5.71 47.90
C GLU A 382 4.28 5.85 46.42
N LEU A 383 5.28 5.83 45.55
CA LEU A 383 5.04 5.94 44.11
C LEU A 383 4.58 4.58 43.56
N PRO A 384 4.09 4.57 42.31
CA PRO A 384 3.67 3.31 41.68
C PRO A 384 4.86 2.45 41.27
N GLU A 385 4.67 1.14 41.16
CA GLU A 385 5.75 0.26 40.74
C GLU A 385 6.21 0.64 39.33
N GLY A 386 7.48 1.04 39.21
CA GLY A 386 8.06 1.43 37.95
C GLY A 386 8.44 2.91 37.88
N VAL A 387 8.17 3.65 38.95
CA VAL A 387 8.52 5.07 39.02
C VAL A 387 9.39 5.36 40.24
N GLU A 388 10.48 6.11 40.03
CA GLU A 388 11.39 6.49 41.11
C GLU A 388 11.30 7.97 41.46
N MET A 389 10.87 8.79 40.51
CA MET A 389 10.75 10.23 40.76
C MET A 389 9.50 10.83 40.09
N VAL A 390 9.17 12.06 40.48
CA VAL A 390 8.05 12.80 39.89
C VAL A 390 8.41 14.27 39.67
N MET A 391 8.40 14.70 38.41
CA MET A 391 8.76 16.07 38.05
C MET A 391 7.59 17.01 38.28
N PRO A 392 7.89 18.30 38.48
CA PRO A 392 6.82 19.32 38.49
C PRO A 392 5.98 19.25 37.22
N GLY A 393 4.66 19.43 37.39
CA GLY A 393 3.74 19.37 36.27
C GLY A 393 3.26 17.97 35.95
N ASP A 394 3.76 16.98 36.68
CA ASP A 394 3.28 15.61 36.49
C ASP A 394 1.99 15.36 37.27
N ASN A 395 1.25 14.36 36.85
CA ASN A 395 0.13 13.87 37.63
C ASN A 395 0.29 12.37 37.75
N ILE A 396 0.24 11.89 38.98
CA ILE A 396 0.40 10.46 39.23
C ILE A 396 -0.53 10.00 40.33
N GLN A 397 -0.79 8.69 40.35
CA GLN A 397 -1.44 8.10 41.51
C GLN A 397 -0.34 7.76 42.50
N MET A 398 -0.62 7.96 43.77
CA MET A 398 0.31 7.48 44.78
C MET A 398 -0.43 7.08 46.02
N THR A 399 0.18 6.17 46.80
CA THR A 399 -0.39 5.69 48.03
C THR A 399 0.21 6.47 49.20
N VAL A 400 -0.66 7.02 50.04
CA VAL A 400 -0.27 7.96 51.07
C VAL A 400 -0.64 7.42 52.42
N THR A 401 0.26 7.60 53.39
CA THR A 401 0.00 7.21 54.76
C THR A 401 0.20 8.44 55.65
N LEU A 402 -0.87 8.88 56.30
CA LEU A 402 -0.81 10.04 57.20
C LEU A 402 -0.30 9.63 58.59
N ILE A 403 0.36 10.54 59.29
CA ILE A 403 0.80 10.30 60.69
C ILE A 403 -0.39 10.23 61.64
N LYS A 404 -1.39 11.06 61.39
CA LYS A 404 -2.59 11.10 62.23
C LYS A 404 -3.81 10.81 61.39
N THR A 405 -4.89 10.40 62.05
CA THR A 405 -6.13 10.13 61.35
C THR A 405 -6.82 11.42 60.93
N ILE A 406 -7.71 11.33 59.96
CA ILE A 406 -8.47 12.48 59.50
C ILE A 406 -9.72 12.00 58.81
N ALA A 407 -10.82 12.71 59.01
CA ALA A 407 -12.08 12.36 58.37
C ALA A 407 -11.93 12.45 56.84
N MET A 408 -12.44 11.44 56.12
CA MET A 408 -12.28 11.44 54.67
C MET A 408 -13.14 10.39 53.98
N GLU A 409 -13.46 10.69 52.71
CA GLU A 409 -14.27 9.85 51.84
C GLU A 409 -13.60 9.86 50.46
N ASP A 410 -13.92 8.86 49.63
CA ASP A 410 -13.49 8.90 48.23
C ASP A 410 -13.96 10.20 47.63
N GLY A 411 -13.12 10.84 46.81
CA GLY A 411 -13.51 12.07 46.10
C GLY A 411 -13.18 13.35 46.87
N LEU A 412 -12.73 13.24 48.12
CA LEU A 412 -12.34 14.44 48.87
C LEU A 412 -11.05 15.02 48.29
N ARG A 413 -11.05 16.33 48.12
CA ARG A 413 -9.90 17.05 47.59
C ARG A 413 -9.02 17.55 48.72
N PHE A 414 -7.73 17.69 48.41
CA PHE A 414 -6.77 18.16 49.40
C PHE A 414 -5.64 18.87 48.67
N ALA A 415 -4.89 19.69 49.41
CA ALA A 415 -3.71 20.39 48.88
C ALA A 415 -2.45 19.76 49.47
N ILE A 416 -1.35 19.89 48.75
CA ILE A 416 -0.07 19.48 49.29
C ILE A 416 0.81 20.71 49.42
N ARG A 417 1.44 20.88 50.57
CA ARG A 417 2.27 22.05 50.80
C ARG A 417 3.60 21.69 51.44
N GLU A 418 4.62 22.47 51.11
CA GLU A 418 5.90 22.49 51.81
C GLU A 418 6.09 23.89 52.35
N GLY A 419 6.17 24.01 53.67
CA GLY A 419 6.32 25.30 54.31
C GLY A 419 5.41 26.36 53.69
N GLY A 420 4.10 26.14 53.80
CA GLY A 420 3.12 27.08 53.28
C GLY A 420 3.35 27.47 51.82
N ARG A 421 3.98 26.57 51.06
CA ARG A 421 4.22 26.77 49.64
C ARG A 421 3.54 25.64 48.88
N THR A 422 2.33 25.90 48.41
CA THR A 422 1.56 24.91 47.66
C THR A 422 2.35 24.22 46.54
N VAL A 423 2.38 22.89 46.57
CA VAL A 423 3.12 22.12 45.57
C VAL A 423 2.26 21.09 44.85
N GLY A 424 1.08 20.80 45.37
CA GLY A 424 0.21 19.83 44.72
C GLY A 424 -1.25 19.99 45.03
N ALA A 425 -2.07 19.46 44.13
CA ALA A 425 -3.52 19.31 44.35
C ALA A 425 -3.88 17.84 44.14
N GLY A 426 -4.66 17.30 45.05
CA GLY A 426 -5.02 15.89 44.95
C GLY A 426 -6.46 15.61 45.29
N VAL A 427 -6.91 14.44 44.86
CA VAL A 427 -8.20 13.92 45.26
C VAL A 427 -8.01 12.50 45.76
N VAL A 428 -8.74 12.13 46.81
CA VAL A 428 -8.71 10.76 47.31
C VAL A 428 -9.41 9.85 46.31
N ALA A 429 -8.68 8.87 45.80
CA ALA A 429 -9.23 7.93 44.83
C ALA A 429 -9.85 6.74 45.53
N LYS A 430 -9.11 6.13 46.45
CA LYS A 430 -9.60 4.94 47.12
C LYS A 430 -9.05 4.87 48.54
N ILE A 431 -9.94 4.74 49.54
CA ILE A 431 -9.52 4.61 50.93
C ILE A 431 -9.00 3.19 51.16
N ILE A 432 -7.87 3.07 51.85
CA ILE A 432 -7.29 1.76 52.14
C ILE A 432 -7.53 1.36 53.60
N GLU A 433 -7.30 2.28 54.52
CA GLU A 433 -7.30 1.97 55.95
C GLU A 433 -7.52 3.23 56.79
N SER B 45 9.95 6.27 -14.00
CA SER B 45 11.06 6.71 -13.15
C SER B 45 12.02 5.55 -12.83
N LEU B 46 13.12 5.89 -12.17
CA LEU B 46 14.22 4.96 -11.90
C LEU B 46 14.37 4.66 -10.39
N PRO B 47 15.06 3.55 -10.05
CA PRO B 47 15.35 3.18 -8.66
C PRO B 47 16.18 4.23 -7.91
N HIS B 48 15.80 4.54 -6.68
CA HIS B 48 16.44 5.60 -5.89
CA HIS B 48 16.44 5.60 -5.90
C HIS B 48 17.55 5.04 -5.00
N VAL B 49 18.78 5.54 -5.19
CA VAL B 49 19.92 5.07 -4.40
C VAL B 49 20.49 6.22 -3.61
N ASN B 50 20.78 6.00 -2.34
CA ASN B 50 21.31 7.04 -1.47
C ASN B 50 22.80 6.90 -1.36
N VAL B 51 23.52 7.93 -1.80
CA VAL B 51 24.97 7.91 -1.76
C VAL B 51 25.54 9.18 -1.13
N GLY B 52 26.86 9.23 -1.00
CA GLY B 52 27.49 10.38 -0.37
C GLY B 52 28.99 10.36 -0.51
N THR B 53 29.63 11.50 -0.26
CA THR B 53 31.08 11.56 -0.29
C THR B 53 31.58 11.61 1.13
N ILE B 54 32.58 10.78 1.43
CA ILE B 54 33.27 10.83 2.70
C ILE B 54 34.78 10.95 2.47
N GLY B 55 35.48 11.43 3.50
CA GLY B 55 36.91 11.38 3.55
C GLY B 55 37.43 12.66 4.17
N HIS B 56 38.75 12.79 4.17
CA HIS B 56 39.42 13.89 4.84
C HIS B 56 39.15 15.28 4.20
N VAL B 57 39.11 16.31 5.05
CA VAL B 57 38.89 17.68 4.59
C VAL B 57 39.94 18.09 3.54
N ASP B 58 39.47 18.81 2.53
CA ASP B 58 40.31 19.33 1.44
C ASP B 58 40.66 18.31 0.35
N HIS B 59 40.15 17.09 0.46
CA HIS B 59 40.58 16.03 -0.46
C HIS B 59 39.78 16.01 -1.74
N GLY B 60 38.63 16.67 -1.73
CA GLY B 60 37.89 16.92 -2.93
C GLY B 60 36.44 16.45 -2.94
N LYS B 61 35.84 16.32 -1.76
CA LYS B 61 34.47 15.81 -1.64
C LYS B 61 33.44 16.72 -2.33
N THR B 62 33.50 18.03 -2.04
CA THR B 62 32.50 18.96 -2.59
C THR B 62 32.71 19.16 -4.10
N THR B 63 33.97 19.24 -4.51
CA THR B 63 34.30 19.31 -5.93
C THR B 63 33.76 18.09 -6.68
N LEU B 64 33.97 16.90 -6.14
CA LEU B 64 33.47 15.69 -6.78
C LEU B 64 31.95 15.67 -6.81
N THR B 65 31.33 16.17 -5.75
CA THR B 65 29.87 16.30 -5.67
C THR B 65 29.37 17.18 -6.83
N ALA B 66 29.98 18.34 -7.02
CA ALA B 66 29.59 19.23 -8.10
C ALA B 66 29.89 18.63 -9.48
N ALA B 67 31.02 17.92 -9.61
CA ALA B 67 31.37 17.31 -10.89
C ALA B 67 30.42 16.17 -11.28
N LEU B 68 29.87 15.49 -10.29
CA LEU B 68 28.95 14.39 -10.55
C LEU B 68 27.69 14.90 -11.24
N THR B 69 27.12 15.98 -10.71
CA THR B 69 25.93 16.59 -11.30
C THR B 69 26.20 17.19 -12.68
N ARG B 70 27.39 17.77 -12.87
CA ARG B 70 27.74 18.25 -14.21
C ARG B 70 27.88 17.11 -15.19
N VAL B 71 28.66 16.10 -14.84
CA VAL B 71 28.95 15.01 -15.77
C VAL B 71 27.69 14.21 -16.13
N CYS B 72 26.85 13.97 -15.14
CA CYS B 72 25.64 13.21 -15.42
C CYS B 72 24.74 13.99 -16.35
N SER B 73 24.74 15.30 -16.20
CA SER B 73 24.01 16.17 -17.11
C SER B 73 24.60 16.14 -18.53
N GLU B 74 25.93 16.05 -18.63
CA GLU B 74 26.64 16.09 -19.91
C GLU B 74 26.53 14.78 -20.70
N VAL B 75 26.42 13.66 -20.00
CA VAL B 75 26.41 12.38 -20.69
C VAL B 75 25.11 11.57 -20.43
N PHE B 76 24.27 12.04 -19.51
CA PHE B 76 22.97 11.39 -19.25
C PHE B 76 21.80 12.40 -19.28
N GLY B 77 21.21 12.69 -18.13
CA GLY B 77 19.93 13.39 -18.06
C GLY B 77 19.96 14.86 -17.68
N SER B 78 19.67 15.17 -16.41
CA SER B 78 19.41 16.57 -16.00
C SER B 78 20.30 17.10 -14.86
N ALA B 79 20.09 18.36 -14.49
CA ALA B 79 20.91 19.06 -13.49
C ALA B 79 20.87 18.40 -12.10
N ARG B 95 16.04 23.76 20.45
CA ARG B 95 15.16 22.64 20.75
C ARG B 95 15.36 21.48 19.78
N GLY B 96 16.60 21.20 19.43
CA GLY B 96 16.91 20.11 18.50
C GLY B 96 18.39 20.01 18.17
N ILE B 97 18.73 19.07 17.30
CA ILE B 97 20.11 18.86 16.87
C ILE B 97 20.33 19.39 15.45
N THR B 98 21.45 20.07 15.23
CA THR B 98 21.72 20.76 13.96
C THR B 98 22.80 20.06 13.14
N ILE B 99 22.48 19.70 11.91
CA ILE B 99 23.45 19.06 11.03
C ILE B 99 23.55 19.83 9.71
N ASN B 100 24.76 20.32 9.41
CA ASN B 100 25.01 21.02 8.15
C ASN B 100 25.24 19.99 7.05
N THR B 101 24.31 19.95 6.11
CA THR B 101 24.38 19.01 5.00
C THR B 101 24.10 19.71 3.68
N ALA B 102 24.61 19.13 2.59
CA ALA B 102 24.29 19.58 1.26
C ALA B 102 23.78 18.40 0.44
N HIS B 103 22.72 18.63 -0.33
CA HIS B 103 22.06 17.58 -1.10
C HIS B 103 22.09 17.86 -2.58
N VAL B 104 22.05 16.78 -3.36
CA VAL B 104 22.22 16.87 -4.80
C VAL B 104 21.66 15.60 -5.43
N GLU B 105 21.28 15.67 -6.69
CA GLU B 105 20.77 14.52 -7.40
C GLU B 105 21.28 14.47 -8.82
N TYR B 106 21.50 13.25 -9.30
CA TYR B 106 21.93 13.00 -10.66
C TYR B 106 21.52 11.60 -11.04
N ASN B 107 21.19 11.42 -12.32
CA ASN B 107 20.80 10.12 -12.84
C ASN B 107 21.90 9.57 -13.68
N SER B 108 22.07 8.26 -13.60
CA SER B 108 22.81 7.55 -14.62
C SER B 108 21.73 7.10 -15.59
N THR B 109 22.01 6.07 -16.39
CA THR B 109 21.02 5.60 -17.35
C THR B 109 20.04 4.61 -16.71
N ILE B 110 20.36 4.08 -15.53
CA ILE B 110 19.52 3.08 -14.87
C ILE B 110 19.14 3.41 -13.41
N ARG B 111 19.74 4.44 -12.83
CA ARG B 111 19.53 4.74 -11.42
C ARG B 111 19.33 6.23 -11.22
N HIS B 112 18.66 6.57 -10.12
CA HIS B 112 18.52 7.96 -9.71
C HIS B 112 19.25 8.07 -8.38
N TYR B 113 20.29 8.91 -8.32
CA TYR B 113 21.11 9.01 -7.13
C TYR B 113 20.76 10.26 -6.32
N ALA B 114 20.59 10.05 -5.02
CA ALA B 114 20.38 11.12 -4.05
C ALA B 114 21.64 11.21 -3.19
N HIS B 115 22.35 12.33 -3.29
CA HIS B 115 23.75 12.42 -2.87
C HIS B 115 23.92 13.42 -1.73
N VAL B 116 24.50 12.96 -0.62
CA VAL B 116 24.82 13.84 0.50
C VAL B 116 26.31 14.17 0.58
N ASP B 117 26.62 15.42 0.94
CA ASP B 117 27.98 15.96 1.09
C ASP B 117 27.92 16.81 2.36
N CYS B 118 28.95 16.77 3.21
CA CYS B 118 28.94 17.58 4.43
C CYS B 118 30.22 18.39 4.45
N PRO B 119 30.20 19.55 5.12
CA PRO B 119 31.42 20.37 5.20
C PRO B 119 32.52 19.77 6.07
N GLY B 120 32.28 19.68 7.37
CA GLY B 120 33.33 19.30 8.32
C GLY B 120 33.15 17.95 8.99
N HIS B 121 34.17 17.53 9.71
CA HIS B 121 34.13 16.21 10.33
C HIS B 121 32.93 16.08 11.29
N ALA B 122 32.65 17.13 12.06
CA ALA B 122 31.55 17.10 13.02
C ALA B 122 30.21 16.78 12.36
N ASP B 123 30.00 17.30 11.16
CA ASP B 123 28.74 17.07 10.45
C ASP B 123 28.65 15.64 9.95
N TYR B 124 29.78 15.04 9.61
CA TYR B 124 29.80 13.68 9.10
C TYR B 124 29.41 12.70 10.18
N VAL B 125 29.98 12.89 11.37
CA VAL B 125 29.65 12.12 12.55
C VAL B 125 28.16 12.16 12.85
N LYS B 126 27.61 13.37 12.99
CA LYS B 126 26.21 13.52 13.32
C LYS B 126 25.30 13.00 12.20
N ASN B 127 25.66 13.25 10.95
CA ASN B 127 24.78 12.85 9.85
C ASN B 127 24.75 11.33 9.64
N MET B 128 25.89 10.68 9.79
CA MET B 128 25.95 9.26 9.53
C MET B 128 25.27 8.45 10.64
N ILE B 129 25.37 8.95 11.87
CA ILE B 129 24.73 8.31 13.02
C ILE B 129 23.23 8.60 13.09
N THR B 130 22.82 9.83 12.74
CA THR B 130 21.42 10.23 12.79
C THR B 130 20.97 11.18 11.68
N GLY B 131 21.52 11.02 10.48
CA GLY B 131 21.15 11.87 9.35
C GLY B 131 19.91 11.38 8.62
N ALA B 132 19.24 12.29 7.92
CA ALA B 132 17.94 12.01 7.28
C ALA B 132 17.95 10.74 6.41
N ALA B 133 19.06 10.52 5.71
CA ALA B 133 19.18 9.37 4.81
C ALA B 133 20.35 8.45 5.18
N GLN B 134 20.03 7.17 5.39
CA GLN B 134 21.05 6.14 5.53
C GLN B 134 21.62 5.82 4.13
N MET B 135 22.90 6.12 3.94
CA MET B 135 23.59 5.85 2.68
C MET B 135 23.54 4.39 2.27
N ASP B 136 23.00 4.10 1.09
CA ASP B 136 23.13 2.75 0.50
C ASP B 136 24.56 2.47 0.10
N GLY B 137 25.31 3.52 -0.23
CA GLY B 137 26.72 3.38 -0.55
C GLY B 137 27.47 4.69 -0.35
N ALA B 138 28.75 4.58 -0.02
CA ALA B 138 29.58 5.76 0.20
C ALA B 138 30.69 5.83 -0.83
N ILE B 139 31.01 7.05 -1.23
CA ILE B 139 32.17 7.30 -2.07
C ILE B 139 33.26 7.88 -1.19
N LEU B 140 34.29 7.09 -0.94
CA LEU B 140 35.46 7.55 -0.21
C LEU B 140 36.34 8.38 -1.16
N VAL B 141 36.54 9.63 -0.81
CA VAL B 141 37.44 10.49 -1.59
C VAL B 141 38.74 10.60 -0.84
N CYS B 142 39.82 10.21 -1.51
CA CYS B 142 41.16 10.31 -0.94
C CYS B 142 42.12 10.98 -1.93
N SER B 143 42.90 11.95 -1.46
CA SER B 143 43.77 12.69 -2.38
C SER B 143 44.96 11.83 -2.76
N ALA B 144 45.16 11.60 -4.05
CA ALA B 144 46.32 10.85 -4.53
C ALA B 144 47.62 11.58 -4.23
N ALA B 145 47.55 12.89 -4.10
CA ALA B 145 48.75 13.69 -3.88
C ALA B 145 49.18 13.72 -2.40
N ASP B 146 48.24 13.46 -1.51
CA ASP B 146 48.54 13.55 -0.08
C ASP B 146 48.57 12.20 0.58
N GLY B 147 47.96 11.20 -0.05
CA GLY B 147 47.65 9.94 0.60
C GLY B 147 46.59 10.10 1.69
N PRO B 148 46.29 8.99 2.41
CA PRO B 148 45.26 8.96 3.46
C PRO B 148 45.59 9.89 4.62
N MET B 149 44.56 10.47 5.21
CA MET B 149 44.71 11.32 6.39
C MET B 149 43.78 10.77 7.42
N PRO B 150 43.79 11.33 8.64
CA PRO B 150 43.03 10.70 9.75
C PRO B 150 41.54 10.44 9.43
N GLN B 151 40.83 11.44 8.94
CA GLN B 151 39.42 11.26 8.60
C GLN B 151 39.17 10.31 7.42
N THR B 152 40.19 10.01 6.62
CA THR B 152 40.09 8.90 5.69
C THR B 152 39.88 7.60 6.46
N ARG B 153 40.64 7.44 7.53
CA ARG B 153 40.51 6.28 8.42
C ARG B 153 39.19 6.34 9.15
N GLU B 154 38.93 7.48 9.78
CA GLU B 154 37.81 7.59 10.70
C GLU B 154 36.46 7.44 9.97
N HIS B 155 36.39 7.84 8.71
CA HIS B 155 35.14 7.72 7.99
C HIS B 155 34.86 6.30 7.49
N ILE B 156 35.90 5.54 7.23
CA ILE B 156 35.73 4.13 6.95
C ILE B 156 35.23 3.43 8.23
N LEU B 157 35.90 3.66 9.35
CA LEU B 157 35.45 3.14 10.64
C LEU B 157 33.99 3.48 10.88
N LEU B 158 33.66 4.73 10.67
CA LEU B 158 32.35 5.24 11.01
C LEU B 158 31.31 4.53 10.15
N SER B 159 31.66 4.35 8.87
CA SER B 159 30.81 3.64 7.91
C SER B 159 30.49 2.22 8.36
N ARG B 160 31.51 1.50 8.84
CA ARG B 160 31.26 0.16 9.34
C ARG B 160 30.28 0.25 10.50
N GLN B 161 30.51 1.21 11.40
CA GLN B 161 29.74 1.29 12.64
C GLN B 161 28.25 1.52 12.32
N VAL B 162 27.95 2.45 11.42
CA VAL B 162 26.57 2.78 11.11
C VAL B 162 25.96 1.87 10.02
N GLY B 163 26.75 0.93 9.50
CA GLY B 163 26.21 -0.11 8.62
C GLY B 163 26.10 0.27 7.16
N VAL B 164 26.95 1.17 6.68
CA VAL B 164 27.05 1.47 5.25
C VAL B 164 27.54 0.22 4.54
N PRO B 165 26.71 -0.39 3.69
CA PRO B 165 27.07 -1.72 3.16
C PRO B 165 28.20 -1.71 2.14
N TYR B 166 28.37 -0.63 1.39
CA TYR B 166 29.36 -0.58 0.32
C TYR B 166 30.16 0.73 0.31
N ILE B 167 31.44 0.63 -0.03
CA ILE B 167 32.32 1.78 -0.21
C ILE B 167 33.06 1.67 -1.54
N VAL B 168 33.01 2.76 -2.30
CA VAL B 168 33.69 2.85 -3.60
C VAL B 168 34.68 3.99 -3.44
N VAL B 169 35.85 3.89 -4.07
CA VAL B 169 36.89 4.89 -3.85
C VAL B 169 37.17 5.73 -5.10
N PHE B 170 37.18 7.06 -4.91
CA PHE B 170 37.70 7.99 -5.92
C PHE B 170 39.02 8.56 -5.42
N LEU B 171 40.12 8.17 -6.06
CA LEU B 171 41.44 8.72 -5.76
C LEU B 171 41.60 10.01 -6.57
N ASN B 172 41.53 11.13 -5.86
CA ASN B 172 41.35 12.44 -6.48
C ASN B 172 42.66 13.22 -6.67
N LYS B 173 42.58 14.30 -7.44
CA LYS B 173 43.70 15.18 -7.66
C LYS B 173 44.80 14.43 -8.38
N ALA B 174 44.41 13.56 -9.29
CA ALA B 174 45.37 12.83 -10.11
C ALA B 174 46.17 13.76 -11.05
N ASP B 175 45.65 14.96 -11.32
CA ASP B 175 46.36 15.93 -12.17
C ASP B 175 47.62 16.47 -11.48
N LEU B 176 47.73 16.24 -10.18
CA LEU B 176 48.89 16.68 -9.42
C LEU B 176 49.96 15.59 -9.27
N VAL B 177 49.72 14.43 -9.87
CA VAL B 177 50.57 13.24 -9.66
C VAL B 177 50.99 12.63 -10.99
N ASP B 178 52.29 12.65 -11.27
CA ASP B 178 52.86 12.03 -12.46
C ASP B 178 53.86 10.93 -12.06
N ASP B 179 53.52 10.20 -11.00
CA ASP B 179 54.38 9.18 -10.41
C ASP B 179 53.54 7.93 -10.17
N ALA B 180 53.63 6.97 -11.07
CA ALA B 180 52.78 5.79 -11.02
C ALA B 180 52.95 5.05 -9.70
N GLU B 181 54.16 5.09 -9.16
CA GLU B 181 54.42 4.41 -7.91
C GLU B 181 53.71 5.04 -6.73
N LEU B 182 53.61 6.37 -6.70
CA LEU B 182 52.84 7.00 -5.64
C LEU B 182 51.38 6.57 -5.73
N LEU B 183 50.85 6.45 -6.95
CA LEU B 183 49.48 6.00 -7.14
C LEU B 183 49.30 4.57 -6.61
N GLU B 184 50.30 3.72 -6.78
CA GLU B 184 50.27 2.34 -6.26
C GLU B 184 50.36 2.35 -4.73
N LEU B 185 51.25 3.16 -4.18
CA LEU B 185 51.38 3.26 -2.74
C LEU B 185 50.05 3.62 -2.10
N VAL B 186 49.44 4.70 -2.56
CA VAL B 186 48.25 5.24 -1.93
C VAL B 186 47.08 4.27 -2.07
N GLU B 187 47.00 3.61 -3.22
CA GLU B 187 45.94 2.65 -3.47
C GLU B 187 46.03 1.51 -2.44
N MET B 188 47.25 1.04 -2.20
CA MET B 188 47.47 -0.07 -1.26
C MET B 188 47.22 0.35 0.19
N GLU B 189 47.55 1.59 0.54
CA GLU B 189 47.19 2.06 1.89
C GLU B 189 45.67 2.07 2.05
N VAL B 190 44.94 2.47 1.00
CA VAL B 190 43.49 2.58 1.12
C VAL B 190 42.77 1.20 1.13
N ARG B 191 43.25 0.24 0.33
CA ARG B 191 42.69 -1.12 0.36
C ARG B 191 42.88 -1.69 1.76
N ASP B 192 44.09 -1.51 2.26
CA ASP B 192 44.44 -1.96 3.60
C ASP B 192 43.53 -1.33 4.64
N LEU B 193 43.30 -0.02 4.53
CA LEU B 193 42.41 0.65 5.48
C LEU B 193 40.99 0.05 5.45
N LEU B 194 40.50 -0.23 4.25
CA LEU B 194 39.16 -0.77 4.10
C LEU B 194 39.03 -2.14 4.79
N SER B 195 39.96 -3.04 4.47
CA SER B 195 40.03 -4.36 5.12
C SER B 195 40.22 -4.30 6.63
N THR B 196 40.98 -3.34 7.13
CA THR B 196 41.08 -3.18 8.59
C THR B 196 39.68 -3.11 9.21
N TYR B 197 38.71 -2.57 8.48
CA TYR B 197 37.38 -2.35 9.03
C TYR B 197 36.32 -3.22 8.33
N ASP B 198 36.78 -4.32 7.74
CA ASP B 198 35.91 -5.40 7.27
C ASP B 198 35.15 -5.14 5.97
N PHE B 199 35.53 -4.07 5.26
CA PHE B 199 35.15 -3.90 3.86
C PHE B 199 36.10 -4.73 3.01
N PRO B 200 35.64 -5.20 1.83
CA PRO B 200 36.53 -6.06 1.06
C PRO B 200 37.58 -5.23 0.29
N GLY B 201 38.61 -4.79 1.00
CA GLY B 201 39.65 -3.93 0.46
C GLY B 201 40.25 -4.34 -0.87
N ASP B 202 40.44 -5.64 -1.07
CA ASP B 202 41.09 -6.15 -2.27
C ASP B 202 40.19 -6.14 -3.50
N ASP B 203 38.87 -6.09 -3.30
CA ASP B 203 37.92 -6.11 -4.41
C ASP B 203 37.24 -4.77 -4.63
N THR B 204 37.44 -3.84 -3.70
CA THR B 204 36.89 -2.51 -3.78
C THR B 204 37.27 -1.82 -5.08
N PRO B 205 36.27 -1.33 -5.82
CA PRO B 205 36.63 -0.55 -7.02
C PRO B 205 37.22 0.80 -6.65
N ILE B 206 38.35 1.11 -7.28
CA ILE B 206 39.06 2.36 -7.03
C ILE B 206 39.30 3.05 -8.36
N ILE B 207 38.70 4.23 -8.48
CA ILE B 207 38.74 5.03 -9.69
C ILE B 207 39.67 6.20 -9.45
N ILE B 208 40.63 6.37 -10.34
CA ILE B 208 41.62 7.44 -10.20
C ILE B 208 41.30 8.52 -11.22
N GLY B 209 41.40 9.77 -10.77
CA GLY B 209 41.05 10.89 -11.62
C GLY B 209 41.12 12.23 -10.91
N SER B 210 40.52 13.24 -11.54
CA SER B 210 40.52 14.62 -11.05
C SER B 210 39.12 15.17 -11.08
N ALA B 211 38.53 15.40 -9.91
CA ALA B 211 37.17 15.91 -9.80
C ALA B 211 37.12 17.36 -10.34
N ARG B 212 38.22 18.07 -10.14
CA ARG B 212 38.29 19.46 -10.56
C ARG B 212 38.35 19.56 -12.08
N MET B 213 39.12 18.69 -12.74
CA MET B 213 39.06 18.62 -14.19
C MET B 213 37.65 18.35 -14.70
N ALA B 214 37.01 17.31 -14.14
CA ALA B 214 35.66 16.94 -14.53
C ALA B 214 34.69 18.12 -14.37
N LEU B 215 34.78 18.81 -13.24
CA LEU B 215 33.96 19.96 -12.98
C LEU B 215 34.17 21.06 -14.02
N GLU B 216 35.39 21.19 -14.54
CA GLU B 216 35.70 22.26 -15.47
C GLU B 216 35.60 21.77 -16.92
N GLY B 217 35.03 20.58 -17.13
CA GLY B 217 34.81 20.09 -18.48
C GLY B 217 36.06 19.58 -19.20
N LYS B 218 37.11 19.29 -18.44
CA LYS B 218 38.37 18.81 -19.01
C LYS B 218 38.50 17.30 -18.86
N ASP B 219 39.14 16.68 -19.85
CA ASP B 219 39.27 15.25 -19.88
C ASP B 219 40.55 14.75 -20.55
N ASP B 220 41.64 15.50 -20.39
CA ASP B 220 42.92 15.09 -20.94
C ASP B 220 43.27 13.75 -20.34
N ASN B 221 43.60 12.78 -21.21
CA ASN B 221 43.95 11.43 -20.77
C ASN B 221 42.87 10.81 -19.90
N GLU B 222 41.61 11.08 -20.23
CA GLU B 222 40.47 10.47 -19.54
C GLU B 222 40.48 10.69 -18.04
N MET B 223 41.26 11.66 -17.58
CA MET B 223 41.51 11.87 -16.16
C MET B 223 40.37 12.60 -15.46
N GLY B 224 39.51 13.23 -16.25
CA GLY B 224 38.49 14.11 -15.69
C GLY B 224 37.09 13.61 -15.93
N THR B 225 36.45 14.13 -16.98
CA THR B 225 35.07 13.78 -17.31
C THR B 225 34.89 12.25 -17.33
N THR B 226 35.85 11.55 -17.94
CA THR B 226 35.71 10.11 -18.11
C THR B 226 35.85 9.38 -16.76
N ALA B 227 36.75 9.84 -15.90
CA ALA B 227 36.94 9.21 -14.60
C ALA B 227 35.67 9.32 -13.77
N VAL B 228 35.04 10.49 -13.82
CA VAL B 228 33.85 10.73 -13.01
C VAL B 228 32.70 9.91 -13.57
N LYS B 229 32.69 9.72 -14.88
CA LYS B 229 31.71 8.86 -15.53
C LYS B 229 31.88 7.42 -15.06
N LYS B 230 33.13 6.94 -15.02
CA LYS B 230 33.40 5.57 -14.57
C LYS B 230 32.92 5.36 -13.14
N LEU B 231 33.12 6.38 -12.30
CA LEU B 231 32.61 6.31 -10.93
C LEU B 231 31.09 6.07 -10.90
N VAL B 232 30.35 6.81 -11.71
CA VAL B 232 28.90 6.64 -11.74
C VAL B 232 28.51 5.23 -12.21
N GLU B 233 29.21 4.76 -13.26
CA GLU B 233 28.94 3.42 -13.80
C GLU B 233 29.33 2.34 -12.81
N THR B 234 30.27 2.68 -11.94
CA THR B 234 30.68 1.78 -10.87
C THR B 234 29.60 1.75 -9.80
N LEU B 235 28.97 2.89 -9.52
CA LEU B 235 27.86 2.92 -8.58
C LEU B 235 26.75 2.02 -9.12
N ASP B 236 26.46 2.20 -10.41
CA ASP B 236 25.48 1.41 -11.17
C ASP B 236 25.61 -0.12 -10.98
N SER B 237 26.85 -0.62 -11.03
CA SER B 237 27.10 -2.07 -11.01
C SER B 237 27.51 -2.64 -9.64
N TYR B 238 28.05 -1.81 -8.76
CA TYR B 238 28.63 -2.31 -7.52
C TYR B 238 27.65 -2.28 -6.33
N ILE B 239 26.72 -1.33 -6.37
CA ILE B 239 25.67 -1.26 -5.36
C ILE B 239 24.37 -1.85 -5.90
N PRO B 240 23.95 -3.02 -5.38
CA PRO B 240 22.71 -3.61 -5.90
C PRO B 240 21.52 -2.69 -5.59
N GLU B 241 20.43 -2.79 -6.34
CA GLU B 241 19.37 -1.83 -6.07
C GLU B 241 18.77 -2.18 -4.74
N PRO B 242 18.61 -1.16 -3.89
CA PRO B 242 18.22 -1.49 -2.53
C PRO B 242 16.81 -2.07 -2.46
N VAL B 243 16.56 -2.83 -1.41
CA VAL B 243 15.23 -3.36 -1.20
C VAL B 243 14.39 -2.25 -0.58
N ARG B 244 13.30 -1.91 -1.24
CA ARG B 244 12.35 -0.94 -0.72
C ARG B 244 11.62 -1.48 0.50
N ALA B 245 11.27 -0.57 1.40
CA ALA B 245 10.57 -0.87 2.65
C ALA B 245 9.34 -1.78 2.45
N ILE B 246 8.58 -1.52 1.39
CA ILE B 246 7.37 -2.25 1.08
C ILE B 246 7.70 -3.74 0.85
N ASP B 247 8.94 -4.03 0.47
CA ASP B 247 9.36 -5.40 0.10
C ASP B 247 10.18 -6.10 1.17
N GLN B 248 10.37 -5.46 2.32
CA GLN B 248 11.10 -6.08 3.41
C GLN B 248 10.12 -6.85 4.28
N PRO B 249 10.64 -7.72 5.15
CA PRO B 249 9.75 -8.51 6.03
C PRO B 249 8.94 -7.56 6.90
N PHE B 250 7.65 -7.86 7.10
CA PHE B 250 6.74 -6.92 7.75
C PHE B 250 7.17 -6.59 9.17
N LEU B 251 7.04 -5.33 9.54
CA LEU B 251 7.36 -4.91 10.89
C LEU B 251 6.58 -3.65 11.25
N MET B 252 5.95 -3.67 12.41
CA MET B 252 5.32 -2.48 12.96
C MET B 252 5.57 -2.39 14.46
N PRO B 253 6.17 -1.29 14.92
CA PRO B 253 6.30 -1.11 16.37
C PRO B 253 4.95 -0.80 17.05
N ILE B 254 4.67 -1.47 18.16
CA ILE B 254 3.37 -1.35 18.81
C ILE B 254 3.26 -0.13 19.73
N GLU B 255 2.14 0.58 19.62
CA GLU B 255 1.92 1.81 20.37
C GLU B 255 0.83 1.66 21.43
N ASP B 256 -0.39 1.36 21.02
CA ASP B 256 -1.48 1.17 21.97
C ASP B 256 -2.07 -0.21 21.78
N VAL B 257 -2.75 -0.65 22.82
CA VAL B 257 -3.35 -1.96 22.85
C VAL B 257 -4.77 -1.82 23.38
N PHE B 258 -5.73 -2.23 22.57
CA PHE B 258 -7.13 -2.10 22.94
C PHE B 258 -7.74 -3.47 22.86
N SER B 259 -8.21 -3.97 23.98
CA SER B 259 -8.81 -5.27 23.93
C SER B 259 -10.24 -5.09 23.45
N ILE B 260 -10.75 -6.16 22.85
CA ILE B 260 -12.15 -6.29 22.51
C ILE B 260 -12.66 -7.55 23.20
N SER B 261 -13.70 -7.40 24.00
CA SER B 261 -14.21 -8.53 24.77
C SER B 261 -14.56 -9.70 23.86
N GLY B 262 -13.72 -10.75 23.90
CA GLY B 262 -14.00 -11.97 23.18
C GLY B 262 -13.38 -12.10 21.79
N ARG B 263 -13.01 -10.97 21.16
CA ARG B 263 -12.43 -11.02 19.82
C ARG B 263 -10.93 -10.72 19.83
N GLY B 264 -10.33 -10.64 21.00
CA GLY B 264 -8.90 -10.39 21.08
C GLY B 264 -8.55 -8.91 21.18
N THR B 265 -7.66 -8.44 20.31
CA THR B 265 -7.01 -7.17 20.54
C THR B 265 -6.71 -6.41 19.24
N VAL B 266 -6.74 -5.08 19.32
CA VAL B 266 -6.20 -4.22 18.26
C VAL B 266 -4.92 -3.62 18.79
N VAL B 267 -3.86 -3.71 18.00
CA VAL B 267 -2.59 -3.07 18.37
C VAL B 267 -2.29 -1.98 17.33
N THR B 268 -2.00 -0.77 17.79
CA THR B 268 -1.88 0.36 16.86
C THR B 268 -0.44 0.71 16.59
N GLY B 269 -0.21 1.41 15.47
CA GLY B 269 1.10 1.98 15.15
C GLY B 269 1.27 2.28 13.67
N ARG B 270 2.49 2.63 13.31
CA ARG B 270 2.80 2.97 11.94
C ARG B 270 3.63 1.85 11.35
N ILE B 271 3.19 1.26 10.26
CA ILE B 271 3.90 0.13 9.68
C ILE B 271 5.23 0.66 9.15
N GLU B 272 6.29 0.04 9.61
CA GLU B 272 7.62 0.49 9.28
C GLU B 272 8.03 -0.12 7.96
N ARG B 273 7.73 -1.38 7.78
CA ARG B 273 8.09 -1.99 6.52
C ARG B 273 7.24 -3.21 6.24
N GLY B 274 7.17 -3.57 4.97
CA GLY B 274 6.40 -4.73 4.53
C GLY B 274 4.90 -4.51 4.45
N ILE B 275 4.19 -5.65 4.43
CA ILE B 275 2.76 -5.67 4.25
C ILE B 275 2.17 -6.70 5.18
N VAL B 276 1.03 -6.34 5.79
CA VAL B 276 0.29 -7.26 6.63
C VAL B 276 -1.10 -7.46 6.05
N ARG B 277 -1.52 -8.72 6.04
CA ARG B 277 -2.81 -9.12 5.44
C ARG B 277 -3.61 -9.99 6.40
N VAL B 278 -4.94 -9.90 6.29
CA VAL B 278 -5.81 -10.83 7.02
C VAL B 278 -5.32 -12.29 6.84
N GLN B 279 -5.25 -13.03 7.95
CA GLN B 279 -4.78 -14.43 7.95
C GLN B 279 -3.26 -14.64 7.95
N ASP B 280 -2.48 -13.57 7.99
CA ASP B 280 -1.02 -13.67 8.06
C ASP B 280 -0.64 -14.03 9.49
N PRO B 281 0.20 -15.07 9.65
CA PRO B 281 0.70 -15.39 10.99
C PRO B 281 1.72 -14.32 11.35
N LEU B 282 1.80 -13.95 12.61
CA LEU B 282 2.71 -12.91 13.07
C LEU B 282 3.35 -13.30 14.39
N GLU B 283 4.52 -12.75 14.68
CA GLU B 283 5.13 -12.89 15.99
C GLU B 283 5.11 -11.56 16.71
N ILE B 284 5.08 -11.61 18.04
CA ILE B 284 5.20 -10.39 18.85
C ILE B 284 6.49 -10.51 19.66
N VAL B 285 7.41 -9.56 19.45
CA VAL B 285 8.80 -9.70 19.84
C VAL B 285 9.32 -8.55 20.73
N GLY B 286 10.02 -8.93 21.80
CA GLY B 286 10.64 -7.96 22.71
C GLY B 286 9.94 -7.81 24.05
N LEU B 287 10.71 -7.44 25.08
CA LEU B 287 10.21 -7.09 26.42
C LEU B 287 9.75 -8.30 27.24
N ARG B 288 9.68 -9.44 26.58
CA ARG B 288 8.97 -10.59 27.10
C ARG B 288 9.05 -11.65 26.02
N ASP B 289 8.78 -12.89 26.41
CA ASP B 289 8.90 -14.04 25.53
C ASP B 289 8.07 -13.84 24.26
N THR B 290 8.64 -14.22 23.12
CA THR B 290 7.98 -14.11 21.84
C THR B 290 6.72 -14.95 21.83
N THR B 291 5.62 -14.41 21.31
CA THR B 291 4.40 -15.20 21.11
C THR B 291 3.97 -15.07 19.66
N THR B 292 3.11 -15.98 19.20
CA THR B 292 2.61 -15.91 17.84
C THR B 292 1.14 -15.54 17.86
N THR B 293 0.67 -14.94 16.76
CA THR B 293 -0.72 -14.57 16.62
C THR B 293 -1.10 -14.55 15.14
N THR B 294 -2.37 -14.28 14.84
CA THR B 294 -2.80 -14.16 13.45
C THR B 294 -3.52 -12.82 13.23
N CYS B 295 -3.34 -12.23 12.05
CA CYS B 295 -4.02 -10.97 11.71
C CYS B 295 -5.43 -11.27 11.24
N THR B 296 -6.41 -10.58 11.80
CA THR B 296 -7.83 -10.78 11.43
C THR B 296 -8.51 -9.51 10.94
N GLY B 297 -7.71 -8.52 10.55
CA GLY B 297 -8.24 -7.28 10.00
C GLY B 297 -7.26 -6.15 10.16
N VAL B 298 -7.42 -5.10 9.36
CA VAL B 298 -6.56 -3.92 9.46
C VAL B 298 -7.41 -2.66 9.48
N GLU B 299 -7.42 -1.98 10.62
CA GLU B 299 -8.11 -0.70 10.76
C GLU B 299 -7.24 0.47 10.28
N MET B 300 -7.81 1.32 9.43
CA MET B 300 -7.18 2.59 9.07
C MET B 300 -8.13 3.74 9.26
N PHE B 301 -7.65 4.96 9.08
CA PHE B 301 -8.50 6.14 9.14
C PHE B 301 -9.72 5.86 8.27
N ARG B 302 -10.91 5.85 8.91
CA ARG B 302 -12.19 5.79 8.20
C ARG B 302 -12.64 4.41 7.69
N LYS B 303 -11.76 3.43 7.71
CA LYS B 303 -12.00 2.17 7.02
C LYS B 303 -11.46 0.97 7.80
N LEU B 304 -12.16 -0.15 7.69
CA LEU B 304 -11.63 -1.46 8.07
C LEU B 304 -11.26 -2.19 6.77
N LEU B 305 -9.98 -2.52 6.63
CA LEU B 305 -9.45 -3.11 5.40
C LEU B 305 -8.87 -4.51 5.62
N ASP B 306 -8.45 -5.13 4.52
CA ASP B 306 -7.84 -6.46 4.52
C ASP B 306 -6.34 -6.38 4.65
N GLU B 307 -5.77 -5.22 4.31
CA GLU B 307 -4.33 -5.05 4.45
C GLU B 307 -3.84 -3.66 4.86
N GLY B 308 -2.59 -3.63 5.29
CA GLY B 308 -1.88 -2.41 5.64
C GLY B 308 -0.46 -2.49 5.09
N ARG B 309 0.08 -1.34 4.66
CA ARG B 309 1.39 -1.27 4.02
C ARG B 309 2.33 -0.33 4.74
N ALA B 310 3.62 -0.52 4.51
CA ALA B 310 4.68 0.37 4.98
C ALA B 310 4.28 1.84 4.85
N GLY B 311 4.38 2.58 5.95
CA GLY B 311 4.10 4.01 5.96
C GLY B 311 2.75 4.35 6.57
N GLU B 312 1.84 3.38 6.57
CA GLU B 312 0.47 3.60 7.00
C GLU B 312 0.29 3.47 8.51
N ASN B 313 -0.48 4.40 9.06
CA ASN B 313 -0.87 4.38 10.46
C ASN B 313 -2.11 3.54 10.54
N CYS B 314 -2.11 2.59 11.46
CA CYS B 314 -3.18 1.61 11.43
C CYS B 314 -3.37 0.89 12.77
N GLY B 315 -4.47 0.16 12.85
CA GLY B 315 -4.72 -0.74 13.95
C GLY B 315 -4.80 -2.12 13.37
N VAL B 316 -3.99 -3.04 13.91
CA VAL B 316 -3.99 -4.41 13.43
C VAL B 316 -4.80 -5.26 14.40
N LEU B 317 -5.80 -5.97 13.88
CA LEU B 317 -6.61 -6.85 14.71
C LEU B 317 -5.93 -8.22 14.87
N LEU B 318 -5.76 -8.65 16.12
CA LEU B 318 -5.16 -9.95 16.45
C LEU B 318 -6.16 -10.89 17.09
N ARG B 319 -6.47 -11.97 16.39
CA ARG B 319 -7.21 -13.11 16.93
C ARG B 319 -6.60 -13.62 18.22
N GLY B 320 -7.44 -13.90 19.21
CA GLY B 320 -6.97 -14.55 20.42
C GLY B 320 -5.55 -14.17 20.80
N THR B 321 -5.25 -12.87 20.78
CA THR B 321 -4.21 -12.31 21.63
C THR B 321 -4.91 -11.47 22.70
N LYS B 322 -4.72 -11.82 23.97
CA LYS B 322 -5.44 -11.18 25.07
C LYS B 322 -4.83 -9.84 25.49
N ARG B 323 -5.57 -9.09 26.29
CA ARG B 323 -5.18 -7.78 26.79
C ARG B 323 -3.76 -7.68 27.37
N ASP B 324 -3.38 -8.66 28.18
CA ASP B 324 -2.09 -8.61 28.88
C ASP B 324 -1.07 -9.56 28.25
N ASP B 325 -1.33 -9.97 27.01
CA ASP B 325 -0.36 -10.77 26.25
C ASP B 325 0.55 -9.89 25.38
N VAL B 326 0.34 -8.56 25.43
CA VAL B 326 0.98 -7.64 24.48
C VAL B 326 1.06 -6.21 25.03
N GLU B 327 2.18 -5.53 24.79
CA GLU B 327 2.39 -4.17 25.31
C GLU B 327 3.16 -3.26 24.34
N ARG B 328 3.12 -1.96 24.64
CA ARG B 328 3.85 -0.94 23.91
C ARG B 328 5.36 -1.24 23.84
N GLY B 329 5.94 -1.12 22.64
CA GLY B 329 7.37 -1.28 22.48
C GLY B 329 7.73 -2.64 21.92
N GLN B 330 6.79 -3.58 22.00
CA GLN B 330 6.98 -4.85 21.32
C GLN B 330 6.77 -4.56 19.85
N VAL B 331 7.26 -5.44 18.99
CA VAL B 331 7.09 -5.25 17.57
C VAL B 331 6.43 -6.47 16.97
N LEU B 332 5.49 -6.20 16.08
CA LEU B 332 4.74 -7.19 15.34
C LEU B 332 5.51 -7.45 14.05
N VAL B 333 5.84 -8.71 13.75
CA VAL B 333 6.72 -9.01 12.61
C VAL B 333 6.39 -10.31 11.90
N LYS B 334 6.84 -10.41 10.66
CA LYS B 334 6.83 -11.68 9.97
C LYS B 334 7.55 -12.70 10.86
N PRO B 335 6.94 -13.87 11.10
CA PRO B 335 7.57 -14.82 12.03
C PRO B 335 8.99 -15.17 11.59
N GLY B 336 9.92 -15.11 12.54
CA GLY B 336 11.29 -15.53 12.31
C GLY B 336 12.22 -14.43 11.82
N SER B 337 11.66 -13.26 11.51
CA SER B 337 12.41 -12.22 10.79
C SER B 337 13.32 -11.35 11.68
N VAL B 338 12.94 -11.20 12.95
CA VAL B 338 13.69 -10.38 13.88
C VAL B 338 13.62 -11.02 15.26
N LYS B 339 14.71 -10.94 16.02
CA LYS B 339 14.77 -11.56 17.34
C LYS B 339 14.94 -10.51 18.43
N PRO B 340 14.61 -10.87 19.68
CA PRO B 340 14.85 -10.01 20.84
C PRO B 340 16.32 -10.03 21.22
N HIS B 341 16.83 -8.97 21.82
CA HIS B 341 18.22 -8.91 22.21
C HIS B 341 18.39 -7.92 23.35
N THR B 342 19.51 -8.04 24.04
CA THR B 342 19.74 -7.25 25.22
C THR B 342 21.11 -6.55 25.18
N LYS B 343 22.04 -7.06 24.37
CA LYS B 343 23.43 -6.63 24.48
C LYS B 343 24.09 -6.39 23.12
N PHE B 344 24.76 -5.27 22.98
CA PHE B 344 25.23 -4.85 21.67
C PHE B 344 26.27 -3.73 21.76
N THR B 345 27.16 -3.68 20.77
CA THR B 345 28.03 -2.53 20.63
C THR B 345 27.22 -1.48 19.87
N ALA B 346 27.45 -0.22 20.20
CA ALA B 346 26.74 0.86 19.55
C ALA B 346 27.67 2.04 19.37
N GLU B 347 27.56 2.67 18.22
CA GLU B 347 28.22 3.95 17.95
C GLU B 347 27.28 5.06 18.41
N VAL B 348 27.74 5.90 19.32
CA VAL B 348 26.86 6.88 19.93
C VAL B 348 27.39 8.31 19.76
N TYR B 349 26.45 9.23 19.50
CA TYR B 349 26.77 10.64 19.52
C TYR B 349 26.12 11.29 20.74
N VAL B 350 26.95 11.93 21.56
CA VAL B 350 26.47 12.61 22.76
C VAL B 350 26.25 14.08 22.46
N LEU B 351 25.03 14.55 22.64
CA LEU B 351 24.72 15.95 22.34
C LEU B 351 25.60 16.88 23.17
N SER B 352 25.69 18.13 22.73
CA SER B 352 26.41 19.15 23.47
C SER B 352 25.40 20.03 24.17
N LYS B 353 25.86 20.75 25.20
CA LYS B 353 24.98 21.59 26.00
C LYS B 353 24.00 22.38 25.13
N GLU B 354 24.50 22.96 24.04
CA GLU B 354 23.71 23.84 23.18
C GLU B 354 22.60 23.10 22.41
N GLU B 355 22.84 21.81 22.16
CA GLU B 355 21.87 20.98 21.46
C GLU B 355 20.86 20.41 22.44
N GLY B 356 21.02 20.74 23.72
CA GLY B 356 20.07 20.34 24.75
C GLY B 356 20.51 19.12 25.53
N GLY B 357 21.80 18.84 25.51
CA GLY B 357 22.34 17.64 26.15
C GLY B 357 22.82 17.87 27.57
N ARG B 358 23.84 17.13 27.96
CA ARG B 358 24.40 17.19 29.30
C ARG B 358 25.38 18.35 29.44
N HIS B 359 25.51 18.86 30.66
CA HIS B 359 26.58 19.80 31.02
C HIS B 359 27.75 18.99 31.53
N THR B 360 27.42 17.94 32.28
CA THR B 360 28.39 17.10 32.95
C THR B 360 28.69 15.86 32.14
N PRO B 361 29.97 15.57 31.89
CA PRO B 361 30.39 14.30 31.27
C PRO B 361 29.96 13.11 32.11
N PHE B 362 29.62 11.99 31.46
CA PHE B 362 29.27 10.78 32.20
C PHE B 362 30.43 9.81 32.22
N PHE B 363 30.34 8.79 33.08
CA PHE B 363 31.46 7.89 33.33
C PHE B 363 31.01 6.44 33.23
N LYS B 364 31.87 5.51 33.63
CA LYS B 364 31.54 4.08 33.56
C LYS B 364 30.31 3.78 34.41
N GLY B 365 29.58 2.75 34.02
CA GLY B 365 28.38 2.36 34.73
C GLY B 365 27.17 3.23 34.44
N TYR B 366 27.35 4.25 33.61
CA TYR B 366 26.27 5.15 33.20
C TYR B 366 25.05 4.35 32.78
N ARG B 367 23.88 4.66 33.35
CA ARG B 367 22.65 3.89 33.08
C ARG B 367 21.44 4.73 32.62
N PRO B 368 21.49 5.25 31.38
CA PRO B 368 20.40 6.07 30.85
C PRO B 368 19.25 5.26 30.24
N GLN B 369 18.29 5.95 29.63
CA GLN B 369 17.19 5.29 28.94
C GLN B 369 17.50 5.15 27.44
N PHE B 370 17.33 3.95 26.92
CA PHE B 370 17.52 3.74 25.49
C PHE B 370 16.15 3.62 24.84
N TYR B 371 15.85 4.56 23.94
CA TYR B 371 14.56 4.59 23.27
C TYR B 371 14.67 3.92 21.92
N PHE B 372 14.03 2.75 21.81
CA PHE B 372 13.98 1.98 20.58
C PHE B 372 12.56 1.96 20.04
N ARG B 373 12.38 2.50 18.84
CA ARG B 373 11.08 2.62 18.20
C ARG B 373 10.07 3.20 19.19
N THR B 374 9.15 2.40 19.72
CA THR B 374 8.08 2.99 20.51
C THR B 374 8.20 2.86 22.03
N THR B 375 9.37 2.49 22.55
CA THR B 375 9.50 2.45 24.00
C THR B 375 10.89 2.75 24.54
N ASP B 376 10.95 2.78 25.87
CA ASP B 376 12.12 3.12 26.69
C ASP B 376 12.65 1.90 27.43
N VAL B 377 13.96 1.68 27.41
CA VAL B 377 14.54 0.59 28.18
C VAL B 377 15.86 1.01 28.79
N THR B 378 15.99 0.77 30.10
CA THR B 378 17.19 1.16 30.84
C THR B 378 18.32 0.21 30.43
N GLY B 379 19.53 0.76 30.30
CA GLY B 379 20.69 -0.05 29.93
C GLY B 379 21.97 0.36 30.65
N ASN B 380 22.98 -0.53 30.59
CA ASN B 380 24.26 -0.31 31.25
C ASN B 380 25.37 -0.11 30.24
N CYS B 381 26.12 0.98 30.38
CA CYS B 381 27.11 1.34 29.38
C CYS B 381 28.54 0.97 29.81
N GLU B 382 29.21 0.18 28.97
CA GLU B 382 30.64 -0.11 29.14
C GLU B 382 31.44 0.68 28.11
N LEU B 383 32.50 1.37 28.55
CA LEU B 383 33.31 2.19 27.65
C LEU B 383 34.43 1.36 27.02
N PRO B 384 35.09 1.92 25.98
CA PRO B 384 36.18 1.22 25.30
C PRO B 384 37.39 0.95 26.20
N GLU B 385 38.27 0.05 25.78
CA GLU B 385 39.47 -0.27 26.54
C GLU B 385 40.22 1.01 26.86
N GLY B 386 40.22 1.41 28.13
CA GLY B 386 40.97 2.57 28.58
C GLY B 386 40.35 3.91 28.23
N VAL B 387 39.09 4.10 28.60
CA VAL B 387 38.43 5.39 28.49
C VAL B 387 37.63 5.65 29.77
N GLU B 388 37.90 6.77 30.43
CA GLU B 388 37.32 7.06 31.73
C GLU B 388 36.13 8.01 31.63
N MET B 389 36.10 8.81 30.57
CA MET B 389 35.07 9.83 30.43
C MET B 389 34.42 9.80 29.06
N VAL B 390 33.28 10.48 28.97
CA VAL B 390 32.70 10.85 27.69
C VAL B 390 32.11 12.26 27.82
N MET B 391 32.66 13.18 27.03
CA MET B 391 32.27 14.59 27.09
C MET B 391 31.10 14.87 26.17
N PRO B 392 30.27 15.87 26.51
CA PRO B 392 29.28 16.31 25.52
C PRO B 392 29.95 16.63 24.18
N GLY B 393 29.32 16.24 23.07
CA GLY B 393 29.89 16.44 21.74
C GLY B 393 30.68 15.25 21.23
N ASP B 394 31.11 14.40 22.15
CA ASP B 394 31.89 13.22 21.79
C ASP B 394 31.04 12.23 21.00
N ASN B 395 31.71 11.32 20.30
CA ASN B 395 31.05 10.19 19.70
C ASN B 395 31.97 9.03 19.97
N ILE B 396 31.40 7.90 20.40
CA ILE B 396 32.20 6.78 20.84
C ILE B 396 31.46 5.44 20.70
N GLN B 397 32.23 4.36 20.61
CA GLN B 397 31.70 3.02 20.63
C GLN B 397 31.53 2.58 22.08
N MET B 398 30.40 1.93 22.34
CA MET B 398 30.01 1.61 23.69
C MET B 398 29.42 0.21 23.65
N THR B 399 29.69 -0.60 24.67
CA THR B 399 28.98 -1.86 24.82
C THR B 399 27.82 -1.63 25.80
N VAL B 400 26.61 -1.92 25.34
CA VAL B 400 25.40 -1.63 26.11
C VAL B 400 24.71 -2.92 26.53
N THR B 401 24.27 -2.96 27.77
CA THR B 401 23.46 -4.05 28.26
C THR B 401 22.10 -3.54 28.73
N LEU B 402 21.05 -3.96 28.05
CA LEU B 402 19.69 -3.55 28.37
C LEU B 402 19.15 -4.42 29.50
N ILE B 403 18.21 -3.87 30.28
CA ILE B 403 17.53 -4.62 31.33
C ILE B 403 16.51 -5.63 30.80
N LYS B 404 15.82 -5.28 29.72
CA LYS B 404 14.89 -6.19 29.07
C LYS B 404 15.28 -6.33 27.61
N THR B 405 14.79 -7.39 26.95
CA THR B 405 15.07 -7.59 25.53
C THR B 405 14.22 -6.62 24.68
N ILE B 406 14.75 -6.27 23.53
CA ILE B 406 14.03 -5.46 22.58
C ILE B 406 14.32 -6.05 21.21
N ALA B 407 13.35 -6.01 20.31
CA ALA B 407 13.60 -6.46 18.96
C ALA B 407 14.70 -5.57 18.35
N MET B 408 15.74 -6.15 17.75
CA MET B 408 16.76 -5.32 17.15
C MET B 408 17.60 -6.08 16.15
N GLU B 409 18.20 -5.28 15.28
CA GLU B 409 19.08 -5.71 14.20
C GLU B 409 20.23 -4.71 14.14
N ASP B 410 21.36 -5.13 13.58
CA ASP B 410 22.44 -4.20 13.25
C ASP B 410 21.89 -3.09 12.38
N GLY B 411 22.24 -1.85 12.73
CA GLY B 411 21.84 -0.67 11.96
C GLY B 411 20.63 0.04 12.56
N LEU B 412 19.97 -0.58 13.53
CA LEU B 412 18.83 0.06 14.19
C LEU B 412 19.32 1.28 14.96
N ARG B 413 18.70 2.43 14.69
CA ARG B 413 19.02 3.66 15.39
C ARG B 413 18.20 3.76 16.66
N PHE B 414 18.70 4.54 17.61
CA PHE B 414 18.00 4.77 18.87
C PHE B 414 18.39 6.13 19.44
N ALA B 415 17.64 6.56 20.44
CA ALA B 415 17.94 7.79 21.14
C ALA B 415 18.29 7.44 22.57
N ILE B 416 19.14 8.25 23.18
CA ILE B 416 19.46 8.09 24.59
C ILE B 416 18.86 9.27 25.32
N ARG B 417 17.98 8.99 26.28
CA ARG B 417 17.34 10.06 27.04
C ARG B 417 17.68 9.96 28.53
N GLU B 418 17.59 11.10 29.20
CA GLU B 418 17.76 11.18 30.65
C GLU B 418 16.57 11.94 31.20
N GLY B 419 15.59 11.21 31.73
CA GLY B 419 14.37 11.84 32.22
C GLY B 419 13.72 12.71 31.15
N GLY B 420 13.48 12.13 29.98
CA GLY B 420 12.78 12.82 28.91
C GLY B 420 13.63 13.76 28.06
N ARG B 421 14.74 14.25 28.62
CA ARG B 421 15.64 15.12 27.87
C ARG B 421 16.59 14.27 27.03
N THR B 422 16.55 14.49 25.71
CA THR B 422 17.41 13.75 24.79
C THR B 422 18.88 14.13 25.00
N VAL B 423 19.71 13.13 25.28
CA VAL B 423 21.14 13.37 25.51
C VAL B 423 22.04 12.67 24.50
N GLY B 424 21.49 11.79 23.68
CA GLY B 424 22.30 11.05 22.73
C GLY B 424 21.53 10.47 21.57
N ALA B 425 22.27 10.10 20.53
CA ALA B 425 21.74 9.34 19.41
C ALA B 425 22.71 8.22 19.06
N GLY B 426 22.19 7.03 18.83
CA GLY B 426 23.06 5.89 18.56
C GLY B 426 22.58 5.00 17.44
N VAL B 427 23.45 4.08 17.06
CA VAL B 427 23.10 3.05 16.10
C VAL B 427 23.72 1.74 16.58
N VAL B 428 22.96 0.66 16.46
CA VAL B 428 23.42 -0.66 16.89
C VAL B 428 24.44 -1.06 15.84
N ALA B 429 25.69 -1.20 16.27
CA ALA B 429 26.78 -1.61 15.39
C ALA B 429 26.82 -3.14 15.26
N LYS B 430 26.81 -3.83 16.40
CA LYS B 430 26.88 -5.30 16.39
C LYS B 430 26.15 -5.90 17.59
N ILE B 431 25.22 -6.80 17.32
CA ILE B 431 24.53 -7.50 18.38
C ILE B 431 25.49 -8.50 19.02
N ILE B 432 25.55 -8.52 20.34
CA ILE B 432 26.36 -9.50 21.04
C ILE B 432 25.45 -10.63 21.52
N GLU B 433 24.36 -10.27 22.18
CA GLU B 433 23.47 -11.25 22.78
C GLU B 433 22.02 -10.75 22.81
N SER C 45 6.51 15.91 -19.28
CA SER C 45 6.60 17.37 -19.16
C SER C 45 5.38 18.07 -19.77
N LEU C 46 4.47 18.52 -18.90
CA LEU C 46 3.27 19.20 -19.35
C LEU C 46 3.45 20.71 -19.20
N PRO C 47 2.78 21.50 -20.06
CA PRO C 47 2.90 22.96 -19.98
C PRO C 47 2.60 23.45 -18.57
N HIS C 48 3.41 24.38 -18.07
CA HIS C 48 3.37 24.84 -16.68
C HIS C 48 2.50 26.11 -16.57
N VAL C 49 1.54 26.12 -15.64
CA VAL C 49 0.70 27.29 -15.44
C VAL C 49 0.75 27.68 -13.96
N ASN C 50 0.96 28.96 -13.67
CA ASN C 50 0.95 29.45 -12.29
C ASN C 50 -0.45 29.93 -11.93
N VAL C 51 -1.00 29.40 -10.85
CA VAL C 51 -2.32 29.82 -10.38
C VAL C 51 -2.26 30.01 -8.89
N GLY C 52 -3.39 30.39 -8.31
CA GLY C 52 -3.40 30.74 -6.91
C GLY C 52 -4.79 31.10 -6.47
N THR C 53 -5.03 31.01 -5.17
CA THR C 53 -6.35 31.30 -4.64
C THR C 53 -6.34 32.69 -4.03
N ILE C 54 -7.38 33.49 -4.36
CA ILE C 54 -7.55 34.80 -3.77
C ILE C 54 -8.97 34.85 -3.20
N GLY C 55 -9.17 35.75 -2.25
CA GLY C 55 -10.49 36.04 -1.73
C GLY C 55 -10.37 36.34 -0.25
N HIS C 56 -11.53 36.56 0.36
CA HIS C 56 -11.62 37.02 1.74
C HIS C 56 -11.27 35.91 2.73
N VAL C 57 -10.74 36.30 3.89
CA VAL C 57 -10.37 35.34 4.94
C VAL C 57 -11.59 34.50 5.35
N ASP C 58 -11.34 33.21 5.55
CA ASP C 58 -12.34 32.25 6.00
C ASP C 58 -13.31 31.74 4.94
N HIS C 59 -13.09 32.12 3.67
CA HIS C 59 -14.00 31.71 2.61
C HIS C 59 -13.65 30.36 1.98
N GLY C 60 -12.43 29.90 2.21
CA GLY C 60 -12.09 28.53 1.89
C GLY C 60 -10.92 28.35 0.96
N LYS C 61 -10.01 29.32 0.94
CA LYS C 61 -8.91 29.26 -0.01
C LYS C 61 -7.96 28.07 0.29
N THR C 62 -7.63 27.87 1.55
CA THR C 62 -6.68 26.82 1.95
C THR C 62 -7.31 25.43 1.80
N THR C 63 -8.58 25.30 2.17
CA THR C 63 -9.35 24.08 1.94
C THR C 63 -9.38 23.68 0.46
N LEU C 64 -9.74 24.63 -0.42
CA LEU C 64 -9.85 24.37 -1.85
C LEU C 64 -8.47 23.99 -2.44
N THR C 65 -7.43 24.65 -1.95
CA THR C 65 -6.05 24.31 -2.31
C THR C 65 -5.76 22.83 -2.00
N ALA C 66 -6.09 22.39 -0.79
CA ALA C 66 -5.88 20.98 -0.43
C ALA C 66 -6.80 20.05 -1.23
N ALA C 67 -8.02 20.49 -1.54
CA ALA C 67 -8.94 19.63 -2.28
C ALA C 67 -8.46 19.46 -3.70
N LEU C 68 -7.86 20.51 -4.25
CA LEU C 68 -7.37 20.44 -5.62
C LEU C 68 -6.28 19.37 -5.74
N THR C 69 -5.40 19.28 -4.76
CA THR C 69 -4.34 18.26 -4.83
C THR C 69 -4.88 16.86 -4.62
N ARG C 70 -5.88 16.74 -3.76
CA ARG C 70 -6.50 15.45 -3.53
C ARG C 70 -7.27 14.98 -4.75
N VAL C 71 -8.07 15.87 -5.33
CA VAL C 71 -8.94 15.49 -6.44
C VAL C 71 -8.13 15.16 -7.69
N CYS C 72 -7.07 15.93 -7.96
CA CYS C 72 -6.23 15.66 -9.13
C CYS C 72 -5.46 14.32 -8.94
N SER C 73 -5.12 14.00 -7.71
CA SER C 73 -4.50 12.71 -7.44
C SER C 73 -5.50 11.56 -7.68
N GLU C 74 -6.74 11.69 -7.21
CA GLU C 74 -7.77 10.66 -7.45
C GLU C 74 -8.17 10.51 -8.93
N VAL C 75 -8.34 11.62 -9.62
CA VAL C 75 -8.99 11.62 -10.93
C VAL C 75 -8.04 11.73 -12.12
N PHE C 76 -6.84 12.29 -11.91
CA PHE C 76 -5.92 12.51 -13.02
C PHE C 76 -4.64 11.72 -12.85
N GLY C 77 -4.33 11.36 -11.61
CA GLY C 77 -3.35 10.32 -11.34
C GLY C 77 -1.95 10.76 -11.01
N SER C 78 -1.80 11.89 -10.33
CA SER C 78 -0.45 12.32 -9.95
C SER C 78 -0.35 12.86 -8.52
N ALA C 79 0.89 13.11 -8.11
CA ALA C 79 1.18 13.81 -6.86
C ALA C 79 0.12 13.58 -5.77
N GLY C 96 13.93 43.69 2.95
CA GLY C 96 13.86 42.63 3.95
C GLY C 96 12.45 42.12 4.12
N ILE C 97 11.71 42.09 3.02
CA ILE C 97 10.31 41.64 3.04
C ILE C 97 10.17 40.17 3.36
N THR C 98 9.23 39.86 4.27
CA THR C 98 8.82 38.48 4.49
C THR C 98 7.43 38.29 3.89
N ILE C 99 7.23 37.17 3.20
CA ILE C 99 5.89 36.80 2.75
C ILE C 99 5.62 35.35 3.14
N ASN C 100 4.46 35.14 3.78
CA ASN C 100 4.02 33.79 4.13
C ASN C 100 3.26 33.20 2.96
N THR C 101 3.77 32.08 2.48
CA THR C 101 3.25 31.49 1.27
C THR C 101 3.28 29.98 1.35
N ALA C 102 2.20 29.35 0.89
CA ALA C 102 2.20 27.91 0.68
C ALA C 102 2.13 27.69 -0.82
N HIS C 103 2.88 26.70 -1.28
CA HIS C 103 2.97 26.39 -2.68
C HIS C 103 2.64 24.94 -2.83
N VAL C 104 1.87 24.62 -3.85
CA VAL C 104 1.55 23.24 -4.08
C VAL C 104 1.49 22.97 -5.59
N GLU C 105 1.46 21.70 -5.97
CA GLU C 105 1.39 21.32 -7.36
C GLU C 105 0.34 20.24 -7.60
N TYR C 106 -0.25 20.29 -8.78
CA TYR C 106 -1.20 19.29 -9.23
C TYR C 106 -1.27 19.34 -10.76
N ASN C 107 -1.49 18.17 -11.34
CA ASN C 107 -1.59 18.01 -12.76
C ASN C 107 -3.01 17.66 -13.14
N SER C 108 -3.47 18.21 -14.27
CA SER C 108 -4.69 17.76 -14.91
C SER C 108 -4.22 16.79 -15.99
N THR C 109 -5.09 16.42 -16.93
CA THR C 109 -4.68 15.55 -18.05
C THR C 109 -3.69 16.25 -18.97
N ILE C 110 -3.74 17.58 -19.05
CA ILE C 110 -2.96 18.32 -20.02
C ILE C 110 -2.07 19.44 -19.45
N ARG C 111 -2.18 19.74 -18.16
CA ARG C 111 -1.29 20.76 -17.59
C ARG C 111 -0.73 20.47 -16.21
N HIS C 112 0.39 21.13 -15.94
CA HIS C 112 1.01 21.13 -14.63
C HIS C 112 0.79 22.50 -13.96
N TYR C 113 0.07 22.51 -12.86
CA TYR C 113 -0.26 23.73 -12.15
C TYR C 113 0.66 23.93 -10.95
N ALA C 114 1.22 25.13 -10.84
CA ALA C 114 1.93 25.56 -9.63
C ALA C 114 1.04 26.58 -8.94
N HIS C 115 0.69 26.30 -7.69
CA HIS C 115 -0.44 26.95 -7.03
C HIS C 115 0.01 27.60 -5.74
N VAL C 116 -0.24 28.90 -5.60
CA VAL C 116 0.08 29.63 -4.39
C VAL C 116 -1.17 30.02 -3.61
N ASP C 117 -1.05 29.98 -2.28
CA ASP C 117 -2.14 30.31 -1.35
C ASP C 117 -1.44 31.06 -0.21
N CYS C 118 -2.00 32.16 0.28
CA CYS C 118 -1.36 32.93 1.34
C CYS C 118 -2.30 32.97 2.54
N PRO C 119 -1.76 33.12 3.76
CA PRO C 119 -2.64 33.18 4.94
C PRO C 119 -3.50 34.44 5.02
N GLY C 120 -2.88 35.61 5.13
CA GLY C 120 -3.64 36.81 5.40
C GLY C 120 -3.70 37.79 4.24
N HIS C 121 -4.44 38.88 4.44
CA HIS C 121 -4.52 39.93 3.44
C HIS C 121 -3.14 40.54 3.15
N ALA C 122 -2.36 40.82 4.19
CA ALA C 122 -1.06 41.46 3.99
C ALA C 122 -0.12 40.64 3.12
N ASP C 123 -0.22 39.31 3.20
CA ASP C 123 0.61 38.43 2.40
C ASP C 123 0.23 38.49 0.92
N TYR C 124 -1.06 38.61 0.63
CA TYR C 124 -1.53 38.71 -0.74
C TYR C 124 -1.03 39.96 -1.41
N VAL C 125 -1.04 41.06 -0.67
CA VAL C 125 -0.58 42.34 -1.16
C VAL C 125 0.89 42.25 -1.56
N LYS C 126 1.71 41.70 -0.67
CA LYS C 126 3.13 41.61 -0.94
C LYS C 126 3.44 40.62 -2.06
N ASN C 127 2.83 39.45 -2.04
CA ASN C 127 3.13 38.43 -3.05
C ASN C 127 2.64 38.81 -4.44
N MET C 128 1.49 39.46 -4.53
CA MET C 128 0.97 39.79 -5.84
C MET C 128 1.75 40.93 -6.49
N ILE C 129 2.28 41.84 -5.67
CA ILE C 129 3.02 42.99 -6.16
C ILE C 129 4.47 42.63 -6.43
N THR C 130 5.11 41.93 -5.49
CA THR C 130 6.43 41.34 -5.70
C THR C 130 6.56 39.94 -5.13
N GLY C 131 5.86 38.97 -5.70
CA GLY C 131 5.99 37.59 -5.29
C GLY C 131 6.70 36.76 -6.33
N ALA C 132 7.29 35.64 -5.89
CA ALA C 132 8.19 34.82 -6.73
C ALA C 132 7.60 34.44 -8.10
N ALA C 133 6.29 34.28 -8.19
CA ALA C 133 5.65 33.89 -9.44
C ALA C 133 4.40 34.72 -9.77
N GLN C 134 4.43 35.37 -10.94
CA GLN C 134 3.24 36.02 -11.43
C GLN C 134 2.22 34.95 -11.86
N MET C 135 1.03 35.01 -11.27
CA MET C 135 -0.10 34.14 -11.62
C MET C 135 -0.57 34.31 -13.09
N ASP C 136 -0.76 33.20 -13.81
CA ASP C 136 -1.32 33.23 -15.16
C ASP C 136 -2.83 33.23 -15.08
N GLY C 137 -3.34 32.93 -13.89
CA GLY C 137 -4.75 32.95 -13.61
C GLY C 137 -4.94 32.86 -12.11
N ALA C 138 -5.99 33.49 -11.63
CA ALA C 138 -6.32 33.41 -10.22
C ALA C 138 -7.70 32.78 -10.04
N ILE C 139 -7.84 32.05 -8.94
CA ILE C 139 -9.11 31.43 -8.57
C ILE C 139 -9.64 32.24 -7.41
N LEU C 140 -10.72 32.97 -7.64
CA LEU C 140 -11.36 33.76 -6.59
C LEU C 140 -12.34 32.88 -5.86
N VAL C 141 -12.08 32.67 -4.58
CA VAL C 141 -13.00 31.92 -3.73
C VAL C 141 -13.95 32.89 -3.02
N CYS C 142 -15.24 32.68 -3.17
CA CYS C 142 -16.24 33.48 -2.44
C CYS C 142 -17.20 32.53 -1.76
N SER C 143 -17.41 32.74 -0.47
CA SER C 143 -18.37 31.95 0.28
C SER C 143 -19.79 32.26 -0.21
N ALA C 144 -20.47 31.23 -0.68
CA ALA C 144 -21.87 31.34 -1.06
C ALA C 144 -22.75 31.64 0.13
N ALA C 145 -22.30 31.24 1.32
CA ALA C 145 -23.09 31.44 2.52
C ALA C 145 -22.98 32.87 3.05
N ASP C 146 -21.87 33.55 2.77
CA ASP C 146 -21.62 34.88 3.32
C ASP C 146 -21.80 36.01 2.28
N GLY C 147 -21.71 35.67 1.00
CA GLY C 147 -21.61 36.70 -0.03
C GLY C 147 -20.21 37.31 -0.05
N PRO C 148 -20.00 38.26 -0.96
CA PRO C 148 -18.71 38.94 -1.05
C PRO C 148 -18.41 39.79 0.19
N MET C 149 -17.13 39.93 0.48
CA MET C 149 -16.66 40.66 1.65
C MET C 149 -15.54 41.57 1.20
N PRO C 150 -15.02 42.43 2.09
CA PRO C 150 -14.05 43.45 1.65
C PRO C 150 -12.87 42.92 0.81
N GLN C 151 -12.23 41.81 1.17
CA GLN C 151 -11.13 41.28 0.37
C GLN C 151 -11.52 40.52 -0.89
N THR C 152 -12.81 40.18 -1.03
CA THR C 152 -13.35 39.74 -2.33
C THR C 152 -13.18 40.89 -3.33
N ARG C 153 -13.48 42.11 -2.87
CA ARG C 153 -13.35 43.29 -3.70
C ARG C 153 -11.86 43.59 -3.90
N GLU C 154 -11.14 43.75 -2.80
CA GLU C 154 -9.74 44.17 -2.89
C GLU C 154 -8.84 43.25 -3.70
N HIS C 155 -9.07 41.96 -3.69
CA HIS C 155 -8.19 41.06 -4.45
C HIS C 155 -8.50 41.06 -5.92
N ILE C 156 -9.73 41.36 -6.26
CA ILE C 156 -10.06 41.58 -7.66
C ILE C 156 -9.37 42.86 -8.15
N LEU C 157 -9.41 43.91 -7.34
CA LEU C 157 -8.77 45.15 -7.71
C LEU C 157 -7.26 44.89 -7.89
N LEU C 158 -6.69 44.19 -6.91
CA LEU C 158 -5.25 43.97 -6.84
C LEU C 158 -4.83 43.12 -8.03
N SER C 159 -5.65 42.14 -8.38
CA SER C 159 -5.45 41.32 -9.54
C SER C 159 -5.36 42.19 -10.82
N ARG C 160 -6.20 43.21 -10.93
CA ARG C 160 -6.13 44.09 -12.09
CA ARG C 160 -6.15 44.11 -12.09
C ARG C 160 -4.86 44.91 -12.08
N GLN C 161 -4.54 45.48 -10.92
CA GLN C 161 -3.38 46.37 -10.78
CA GLN C 161 -3.38 46.37 -10.78
C GLN C 161 -2.07 45.67 -11.10
N VAL C 162 -2.04 44.36 -10.87
CA VAL C 162 -0.81 43.59 -10.95
C VAL C 162 -0.68 42.86 -12.30
N GLY C 163 -1.74 42.84 -13.09
CA GLY C 163 -1.70 42.19 -14.39
C GLY C 163 -2.11 40.74 -14.42
N VAL C 164 -2.79 40.26 -13.40
CA VAL C 164 -3.30 38.90 -13.46
C VAL C 164 -4.30 38.90 -14.62
N PRO C 165 -4.05 38.06 -15.65
CA PRO C 165 -4.85 38.11 -16.88
C PRO C 165 -6.25 37.47 -16.79
N TYR C 166 -6.39 36.41 -16.00
CA TYR C 166 -7.68 35.69 -15.91
C TYR C 166 -8.08 35.41 -14.48
N ILE C 167 -9.38 35.48 -14.23
CA ILE C 167 -9.95 35.12 -12.95
C ILE C 167 -11.13 34.18 -13.15
N VAL C 168 -11.08 33.06 -12.46
CA VAL C 168 -12.15 32.09 -12.40
C VAL C 168 -12.69 32.10 -10.98
N VAL C 169 -13.97 31.83 -10.81
CA VAL C 169 -14.58 31.93 -9.51
C VAL C 169 -15.04 30.55 -8.99
N PHE C 170 -14.70 30.24 -7.75
CA PHE C 170 -15.26 29.08 -7.05
C PHE C 170 -16.13 29.61 -5.93
N LEU C 171 -17.46 29.47 -6.09
CA LEU C 171 -18.42 29.84 -5.06
C LEU C 171 -18.53 28.66 -4.13
N ASN C 172 -18.03 28.85 -2.92
CA ASN C 172 -17.74 27.77 -2.00
C ASN C 172 -18.78 27.66 -0.91
N LYS C 173 -18.71 26.55 -0.18
CA LYS C 173 -19.57 26.27 0.96
C LYS C 173 -21.01 26.10 0.50
N ALA C 174 -21.17 25.49 -0.67
CA ALA C 174 -22.48 25.22 -1.24
C ALA C 174 -23.30 24.32 -0.33
N ASP C 175 -22.63 23.49 0.47
CA ASP C 175 -23.29 22.56 1.38
C ASP C 175 -24.04 23.34 2.46
N LEU C 176 -23.78 24.63 2.60
CA LEU C 176 -24.44 25.44 3.63
C LEU C 176 -25.62 26.21 3.08
N VAL C 177 -25.84 26.12 1.78
CA VAL C 177 -26.87 26.91 1.15
C VAL C 177 -27.88 26.03 0.43
N ASP C 178 -29.14 26.20 0.81
CA ASP C 178 -30.26 25.47 0.24
C ASP C 178 -31.21 26.42 -0.52
N ASP C 179 -30.73 27.61 -0.85
CA ASP C 179 -31.55 28.68 -1.43
C ASP C 179 -31.03 29.13 -2.80
N ALA C 180 -31.69 28.70 -3.88
CA ALA C 180 -31.26 29.06 -5.23
C ALA C 180 -31.17 30.58 -5.44
N GLU C 181 -32.05 31.36 -4.82
CA GLU C 181 -32.01 32.80 -5.00
C GLU C 181 -30.79 33.43 -4.33
N LEU C 182 -30.28 32.80 -3.27
CA LEU C 182 -29.10 33.34 -2.59
C LEU C 182 -27.89 33.07 -3.48
N LEU C 183 -27.85 31.90 -4.10
CA LEU C 183 -26.80 31.60 -5.06
C LEU C 183 -26.78 32.62 -6.22
N GLU C 184 -27.95 32.88 -6.79
CA GLU C 184 -28.10 33.86 -7.86
C GLU C 184 -27.61 35.25 -7.45
N LEU C 185 -28.06 35.70 -6.27
CA LEU C 185 -27.68 36.99 -5.75
C LEU C 185 -26.16 37.14 -5.67
N VAL C 186 -25.51 36.17 -5.02
CA VAL C 186 -24.07 36.27 -4.84
C VAL C 186 -23.31 36.24 -6.18
N GLU C 187 -23.75 35.41 -7.13
CA GLU C 187 -23.15 35.40 -8.46
C GLU C 187 -23.24 36.77 -9.08
N MET C 188 -24.43 37.34 -9.03
CA MET C 188 -24.62 38.67 -9.59
C MET C 188 -23.73 39.71 -8.91
N GLU C 189 -23.53 39.61 -7.58
CA GLU C 189 -22.68 40.57 -6.89
C GLU C 189 -21.23 40.42 -7.35
N VAL C 190 -20.81 39.18 -7.54
CA VAL C 190 -19.42 38.88 -7.88
C VAL C 190 -19.11 39.25 -9.33
N ARG C 191 -20.00 38.88 -10.23
CA ARG C 191 -19.86 39.25 -11.63
C ARG C 191 -19.78 40.77 -11.74
N ASP C 192 -20.63 41.50 -11.02
CA ASP C 192 -20.53 42.96 -11.03
C ASP C 192 -19.19 43.46 -10.49
N LEU C 193 -18.65 42.81 -9.47
CA LEU C 193 -17.34 43.17 -8.92
C LEU C 193 -16.24 43.00 -9.97
N LEU C 194 -16.32 41.88 -10.68
CA LEU C 194 -15.36 41.57 -11.73
C LEU C 194 -15.43 42.65 -12.83
N SER C 195 -16.63 42.95 -13.30
CA SER C 195 -16.77 43.95 -14.37
C SER C 195 -16.37 45.36 -13.93
N THR C 196 -16.59 45.70 -12.67
CA THR C 196 -16.17 46.99 -12.12
C THR C 196 -14.65 47.19 -12.31
N TYR C 197 -13.88 46.11 -12.25
CA TYR C 197 -12.42 46.23 -12.42
C TYR C 197 -11.98 45.63 -13.75
N ASP C 198 -12.90 45.70 -14.72
CA ASP C 198 -12.59 45.45 -16.14
C ASP C 198 -12.33 43.99 -16.51
N PHE C 199 -12.54 43.07 -15.58
CA PHE C 199 -12.55 41.66 -15.95
C PHE C 199 -13.90 41.41 -16.59
N PRO C 200 -13.99 40.39 -17.45
CA PRO C 200 -15.21 40.16 -18.20
C PRO C 200 -16.25 39.40 -17.37
N GLY C 201 -16.78 40.10 -16.38
CA GLY C 201 -17.74 39.55 -15.43
C GLY C 201 -18.84 38.65 -15.98
N ASP C 202 -19.45 39.04 -17.10
CA ASP C 202 -20.59 38.31 -17.67
C ASP C 202 -20.18 36.98 -18.23
N ASP C 203 -18.90 36.85 -18.60
CA ASP C 203 -18.39 35.62 -19.19
C ASP C 203 -17.53 34.78 -18.25
N THR C 204 -17.27 35.28 -17.05
CA THR C 204 -16.39 34.59 -16.14
C THR C 204 -17.00 33.24 -15.75
N PRO C 205 -16.23 32.14 -15.89
CA PRO C 205 -16.73 30.86 -15.36
C PRO C 205 -16.82 30.89 -13.83
N ILE C 206 -18.00 30.60 -13.31
CA ILE C 206 -18.23 30.52 -11.88
C ILE C 206 -18.66 29.08 -11.56
N ILE C 207 -17.92 28.45 -10.65
CA ILE C 207 -18.20 27.06 -10.30
C ILE C 207 -18.68 27.05 -8.88
N ILE C 208 -19.83 26.42 -8.66
CA ILE C 208 -20.44 26.38 -7.35
C ILE C 208 -20.18 25.01 -6.74
N GLY C 209 -19.77 24.98 -5.49
CA GLY C 209 -19.47 23.70 -4.85
C GLY C 209 -18.99 23.84 -3.43
N SER C 210 -18.47 22.72 -2.92
CA SER C 210 -17.95 22.63 -1.57
C SER C 210 -16.51 22.09 -1.56
N ALA C 211 -15.54 22.95 -1.27
CA ALA C 211 -14.15 22.53 -1.21
C ALA C 211 -13.94 21.51 -0.11
N ARG C 212 -14.70 21.68 0.96
CA ARG C 212 -14.58 20.84 2.11
C ARG C 212 -15.10 19.43 1.84
N MET C 213 -16.27 19.31 1.24
CA MET C 213 -16.70 17.99 0.83
C MET C 213 -15.64 17.30 -0.05
N ALA C 214 -15.17 18.00 -1.09
CA ALA C 214 -14.14 17.45 -1.97
C ALA C 214 -12.89 16.99 -1.18
N LEU C 215 -12.47 17.78 -0.21
CA LEU C 215 -11.28 17.49 0.53
C LEU C 215 -11.50 16.20 1.32
N GLU C 216 -12.75 15.96 1.71
CA GLU C 216 -13.11 14.76 2.46
C GLU C 216 -13.59 13.63 1.57
N GLY C 217 -13.47 13.79 0.25
CA GLY C 217 -13.79 12.70 -0.67
C GLY C 217 -15.28 12.48 -0.84
N LYS C 218 -16.09 13.48 -0.49
CA LYS C 218 -17.54 13.41 -0.63
C LYS C 218 -17.99 14.10 -1.92
N ASP C 219 -19.11 13.65 -2.48
CA ASP C 219 -19.62 14.21 -3.74
C ASP C 219 -21.14 14.14 -3.92
N ASP C 220 -21.86 14.20 -2.80
CA ASP C 220 -23.31 14.31 -2.82
C ASP C 220 -23.74 15.50 -3.73
N ASN C 221 -24.67 15.23 -4.65
CA ASN C 221 -25.21 16.25 -5.55
C ASN C 221 -24.14 16.90 -6.43
N GLU C 222 -23.08 16.15 -6.75
CA GLU C 222 -21.98 16.62 -7.58
C GLU C 222 -21.27 17.86 -7.02
N MET C 223 -21.46 18.09 -5.73
CA MET C 223 -21.12 19.34 -5.07
C MET C 223 -19.65 19.37 -4.56
N GLY C 224 -18.98 18.22 -4.58
CA GLY C 224 -17.65 18.14 -4.00
C GLY C 224 -16.61 17.80 -5.04
N THR C 225 -16.24 16.53 -5.07
CA THR C 225 -15.26 16.04 -6.03
C THR C 225 -15.56 16.56 -7.44
N THR C 226 -16.81 16.47 -7.85
CA THR C 226 -17.19 16.79 -9.21
C THR C 226 -17.00 18.29 -9.47
N ALA C 227 -17.31 19.13 -8.49
CA ALA C 227 -17.18 20.58 -8.65
C ALA C 227 -15.71 20.99 -8.74
N VAL C 228 -14.87 20.33 -7.94
CA VAL C 228 -13.47 20.66 -7.92
C VAL C 228 -12.82 20.18 -9.23
N LYS C 229 -13.23 19.01 -9.72
CA LYS C 229 -12.75 18.49 -11.00
C LYS C 229 -13.10 19.46 -12.13
N LYS C 230 -14.33 19.96 -12.08
CA LYS C 230 -14.82 20.94 -13.03
C LYS C 230 -14.00 22.23 -12.98
N LEU C 231 -13.70 22.71 -11.78
CA LEU C 231 -12.82 23.84 -11.64
C LEU C 231 -11.51 23.58 -12.39
N VAL C 232 -10.93 22.40 -12.21
CA VAL C 232 -9.66 22.11 -12.88
C VAL C 232 -9.80 22.12 -14.40
N GLU C 233 -10.93 21.66 -14.91
CA GLU C 233 -11.13 21.55 -16.34
C GLU C 233 -11.41 22.92 -16.92
N THR C 234 -11.88 23.82 -16.07
CA THR C 234 -12.08 25.20 -16.45
C THR C 234 -10.72 25.91 -16.57
N LEU C 235 -9.81 25.64 -15.63
CA LEU C 235 -8.48 26.21 -15.73
C LEU C 235 -7.88 25.72 -17.05
N ASP C 236 -8.07 24.44 -17.37
CA ASP C 236 -7.51 23.85 -18.57
C ASP C 236 -7.89 24.65 -19.82
N SER C 237 -9.16 25.06 -19.89
CA SER C 237 -9.70 25.62 -21.13
C SER C 237 -9.76 27.14 -21.13
N TYR C 238 -9.89 27.73 -19.95
CA TYR C 238 -10.06 29.18 -19.86
C TYR C 238 -8.73 29.95 -19.81
N ILE C 239 -7.69 29.35 -19.25
CA ILE C 239 -6.39 30.00 -19.25
C ILE C 239 -5.56 29.56 -20.46
N PRO C 240 -5.23 30.50 -21.37
CA PRO C 240 -4.47 29.95 -22.50
C PRO C 240 -3.12 29.45 -22.03
N GLU C 241 -2.45 28.62 -22.82
CA GLU C 241 -1.18 28.11 -22.33
C GLU C 241 -0.15 29.22 -22.51
N PRO C 242 0.47 29.60 -21.40
CA PRO C 242 1.33 30.80 -21.38
C PRO C 242 2.55 30.67 -22.29
N VAL C 243 3.03 31.80 -22.75
CA VAL C 243 4.21 31.83 -23.62
C VAL C 243 5.41 31.81 -22.74
N ARG C 244 6.25 30.79 -22.91
CA ARG C 244 7.49 30.66 -22.16
C ARG C 244 8.49 31.77 -22.53
N ALA C 245 9.42 32.04 -21.63
CA ALA C 245 10.38 33.13 -21.77
C ALA C 245 11.17 33.02 -23.08
N ILE C 246 11.55 31.81 -23.44
CA ILE C 246 12.38 31.56 -24.61
C ILE C 246 11.63 31.89 -25.91
N ASP C 247 10.31 31.81 -25.87
CA ASP C 247 9.45 32.08 -27.03
C ASP C 247 8.95 33.52 -27.06
N GLN C 248 9.31 34.31 -26.05
CA GLN C 248 8.94 35.73 -26.04
C GLN C 248 9.94 36.55 -26.85
N PRO C 249 9.53 37.77 -27.25
CA PRO C 249 10.44 38.65 -28.00
C PRO C 249 11.73 38.90 -27.23
N PHE C 250 12.88 38.93 -27.90
CA PHE C 250 14.17 39.05 -27.22
C PHE C 250 14.25 40.33 -26.41
N LEU C 251 14.67 40.23 -25.16
CA LEU C 251 15.00 41.41 -24.36
C LEU C 251 16.16 41.15 -23.42
N MET C 252 17.11 42.08 -23.36
CA MET C 252 18.19 42.06 -22.37
C MET C 252 18.50 43.45 -21.85
N PRO C 253 18.42 43.65 -20.53
CA PRO C 253 18.85 44.95 -20.00
C PRO C 253 20.40 45.03 -19.96
N ILE C 254 20.92 46.19 -20.34
CA ILE C 254 22.34 46.39 -20.53
C ILE C 254 22.99 46.83 -19.22
N GLU C 255 24.09 46.18 -18.89
CA GLU C 255 24.81 46.50 -17.66
C GLU C 255 26.09 47.28 -17.97
N ASP C 256 27.04 46.64 -18.63
CA ASP C 256 28.29 47.29 -19.01
C ASP C 256 28.39 47.40 -20.52
N VAL C 257 29.27 48.31 -20.95
CA VAL C 257 29.52 48.57 -22.35
C VAL C 257 31.00 48.61 -22.56
N PHE C 258 31.48 47.90 -23.56
CA PHE C 258 32.90 47.87 -23.82
C PHE C 258 33.15 48.12 -25.27
N SER C 259 33.95 49.15 -25.53
CA SER C 259 34.37 49.44 -26.87
C SER C 259 35.35 48.38 -27.32
N ILE C 260 35.30 48.11 -28.61
CA ILE C 260 36.46 47.65 -29.31
C ILE C 260 36.50 48.54 -30.53
N SER C 261 37.33 49.56 -30.48
CA SER C 261 37.52 50.44 -31.62
C SER C 261 37.86 49.54 -32.79
N GLY C 262 37.14 49.76 -33.88
CA GLY C 262 37.33 49.01 -35.09
C GLY C 262 36.24 47.99 -35.29
N ARG C 263 35.76 47.38 -34.21
CA ARG C 263 34.81 46.29 -34.32
C ARG C 263 33.61 46.43 -33.39
N GLY C 264 33.13 47.67 -33.23
CA GLY C 264 31.88 47.92 -32.54
C GLY C 264 31.89 47.95 -31.03
N THR C 265 30.90 47.31 -30.43
CA THR C 265 30.78 47.35 -28.99
C THR C 265 30.34 46.00 -28.51
N VAL C 266 30.53 45.76 -27.22
CA VAL C 266 29.98 44.61 -26.54
C VAL C 266 29.13 45.21 -25.43
N VAL C 267 27.88 44.75 -25.30
CA VAL C 267 27.06 45.14 -24.17
C VAL C 267 26.73 43.88 -23.36
N THR C 268 26.87 43.97 -22.04
CA THR C 268 26.75 42.79 -21.21
C THR C 268 25.39 42.82 -20.49
N GLY C 269 24.92 41.64 -20.10
CA GLY C 269 23.73 41.52 -19.30
C GLY C 269 23.25 40.10 -19.29
N ARG C 270 22.21 39.83 -18.51
CA ARG C 270 21.54 38.55 -18.52
C ARG C 270 20.27 38.65 -19.37
N ILE C 271 20.19 37.83 -20.40
CA ILE C 271 19.04 37.78 -21.28
C ILE C 271 17.76 37.45 -20.48
N GLU C 272 16.82 38.37 -20.52
CA GLU C 272 15.59 38.23 -19.75
C GLU C 272 14.60 37.29 -20.43
N ARG C 273 14.44 37.42 -21.75
CA ARG C 273 13.58 36.52 -22.47
C ARG C 273 13.97 36.42 -23.94
N GLY C 274 13.51 35.38 -24.62
CA GLY C 274 13.83 35.17 -26.02
C GLY C 274 15.24 34.70 -26.33
N ILE C 275 15.57 34.80 -27.62
CA ILE C 275 16.85 34.37 -28.15
C ILE C 275 17.42 35.47 -29.02
N VAL C 276 18.75 35.53 -29.10
CA VAL C 276 19.44 36.45 -30.01
C VAL C 276 20.46 35.70 -30.85
N ARG C 277 20.54 36.04 -32.13
CA ARG C 277 21.52 35.44 -33.02
C ARG C 277 22.26 36.50 -33.82
N VAL C 278 23.48 36.16 -34.23
CA VAL C 278 24.21 37.01 -35.17
C VAL C 278 23.33 37.31 -36.39
N GLN C 279 23.29 38.59 -36.75
CA GLN C 279 22.47 39.11 -37.86
C GLN C 279 21.08 39.62 -37.40
N ASP C 280 20.56 39.13 -36.29
CA ASP C 280 19.32 39.67 -35.76
C ASP C 280 19.43 41.20 -35.70
N PRO C 281 18.49 41.89 -36.37
CA PRO C 281 18.29 43.34 -36.18
C PRO C 281 17.87 43.58 -34.75
N LEU C 282 18.29 44.69 -34.15
CA LEU C 282 17.96 44.95 -32.75
C LEU C 282 17.76 46.43 -32.55
N GLU C 283 16.95 46.78 -31.57
CA GLU C 283 16.81 48.17 -31.16
C GLU C 283 17.41 48.37 -29.77
N ILE C 284 17.83 49.60 -29.50
CA ILE C 284 18.32 49.97 -28.18
C ILE C 284 17.39 51.02 -27.61
N VAL C 285 16.63 50.63 -26.59
CA VAL C 285 15.51 51.43 -26.09
C VAL C 285 15.74 51.94 -24.66
N GLY C 286 15.25 53.14 -24.39
CA GLY C 286 15.32 53.73 -23.06
C GLY C 286 16.34 54.85 -22.95
N LEU C 287 16.07 55.80 -22.06
CA LEU C 287 17.01 56.85 -21.69
C LEU C 287 17.45 57.80 -22.83
N ARG C 288 17.03 57.52 -24.05
CA ARG C 288 17.65 58.13 -25.23
C ARG C 288 16.96 57.68 -26.51
N ASP C 289 16.86 58.57 -27.50
CA ASP C 289 16.29 58.20 -28.80
C ASP C 289 16.73 56.79 -29.22
N THR C 290 15.76 55.97 -29.62
CA THR C 290 16.01 54.59 -30.02
C THR C 290 16.87 54.47 -31.26
N THR C 291 17.88 53.62 -31.23
CA THR C 291 18.69 53.33 -32.40
C THR C 291 18.51 51.88 -32.80
N THR C 292 18.87 51.55 -34.04
CA THR C 292 18.94 50.16 -34.45
C THR C 292 20.40 49.73 -34.43
N THR C 293 20.60 48.41 -34.41
CA THR C 293 21.94 47.84 -34.38
C THR C 293 21.81 46.39 -34.85
N THR C 294 22.93 45.71 -35.07
CA THR C 294 22.88 44.31 -35.44
C THR C 294 23.85 43.46 -34.61
N CYS C 295 23.42 42.24 -34.29
CA CYS C 295 24.23 41.36 -33.48
C CYS C 295 25.24 40.69 -34.39
N THR C 296 26.50 40.67 -33.97
CA THR C 296 27.57 40.08 -34.76
C THR C 296 28.33 39.03 -33.96
N GLY C 297 27.75 38.66 -32.82
CA GLY C 297 28.29 37.60 -32.00
C GLY C 297 27.77 37.68 -30.58
N VAL C 298 27.92 36.56 -29.88
CA VAL C 298 27.51 36.43 -28.49
C VAL C 298 28.66 35.86 -27.65
N GLU C 299 29.12 36.65 -26.71
CA GLU C 299 30.18 36.22 -25.83
C GLU C 299 29.54 35.57 -24.61
N MET C 300 29.93 34.33 -24.31
CA MET C 300 29.54 33.62 -23.09
C MET C 300 30.78 33.27 -22.25
N PHE C 301 30.58 32.89 -20.98
CA PHE C 301 31.65 32.35 -20.16
C PHE C 301 32.45 31.36 -21.04
N ARG C 302 33.74 31.63 -21.22
CA ARG C 302 34.67 30.69 -21.87
C ARG C 302 34.53 30.53 -23.39
N LYS C 303 33.52 31.13 -23.99
CA LYS C 303 33.14 30.82 -25.37
C LYS C 303 32.58 32.05 -26.12
N LEU C 304 32.92 32.17 -27.41
CA LEU C 304 32.27 33.15 -28.28
C LEU C 304 31.38 32.36 -29.24
N LEU C 305 30.08 32.64 -29.17
CA LEU C 305 29.04 31.84 -29.85
C LEU C 305 28.21 32.67 -30.83
N ASP C 306 27.26 32.00 -31.49
CA ASP C 306 26.34 32.60 -32.47
C ASP C 306 24.96 32.89 -31.89
N GLU C 307 24.74 32.46 -30.65
CA GLU C 307 23.42 32.52 -30.07
C GLU C 307 23.45 32.70 -28.54
N GLY C 308 22.52 33.53 -28.06
CA GLY C 308 22.30 33.72 -26.64
C GLY C 308 20.83 33.48 -26.30
N ARG C 309 20.55 32.76 -25.21
CA ARG C 309 19.17 32.40 -24.86
C ARG C 309 18.74 32.97 -23.49
N ALA C 310 17.43 33.02 -23.28
CA ALA C 310 16.88 33.51 -22.02
C ALA C 310 17.53 32.83 -20.81
N GLY C 311 17.94 33.65 -19.84
CA GLY C 311 18.50 33.14 -18.61
C GLY C 311 20.01 33.29 -18.59
N GLU C 312 20.62 33.36 -19.78
CA GLU C 312 22.07 33.32 -19.90
C GLU C 312 22.75 34.68 -19.75
N ASN C 313 23.91 34.66 -19.08
CA ASN C 313 24.77 35.82 -18.98
C ASN C 313 25.65 35.90 -20.20
N CYS C 314 25.71 37.07 -20.83
CA CYS C 314 26.49 37.19 -22.05
C CYS C 314 26.96 38.60 -22.35
N GLY C 315 27.83 38.71 -23.34
CA GLY C 315 28.13 39.98 -23.97
C GLY C 315 27.62 39.87 -25.40
N VAL C 316 26.90 40.89 -25.88
CA VAL C 316 26.38 40.85 -27.24
C VAL C 316 27.21 41.79 -28.07
N LEU C 317 27.75 41.28 -29.18
CA LEU C 317 28.58 42.09 -30.05
C LEU C 317 27.68 42.89 -30.98
N LEU C 318 27.82 44.22 -30.95
CA LEU C 318 27.08 45.09 -31.87
C LEU C 318 28.02 45.70 -32.89
N ARG C 319 27.82 45.34 -34.14
CA ARG C 319 28.46 46.03 -35.27
C ARG C 319 28.12 47.52 -35.31
N GLY C 320 29.08 48.32 -35.73
CA GLY C 320 28.81 49.73 -35.99
C GLY C 320 27.78 50.30 -35.03
N THR C 321 28.06 50.17 -33.75
CA THR C 321 27.45 50.98 -32.71
C THR C 321 28.65 51.43 -31.89
N LYS C 322 29.02 52.70 -31.97
CA LYS C 322 30.17 53.19 -31.22
C LYS C 322 29.84 53.07 -29.74
N ARG C 323 30.84 53.24 -28.87
CA ARG C 323 30.65 53.07 -27.43
C ARG C 323 29.74 54.16 -26.86
N ASP C 324 29.87 55.36 -27.41
CA ASP C 324 29.10 56.53 -26.97
C ASP C 324 27.64 56.39 -27.36
N ASP C 325 27.35 55.44 -28.24
CA ASP C 325 25.99 55.27 -28.78
C ASP C 325 25.08 54.36 -27.89
N VAL C 326 25.62 53.83 -26.79
CA VAL C 326 24.89 52.86 -25.92
C VAL C 326 25.29 52.98 -24.43
N GLU C 327 24.32 52.92 -23.51
CA GLU C 327 24.62 53.02 -22.07
C GLU C 327 23.81 52.05 -21.19
N ARG C 328 24.29 51.89 -19.96
CA ARG C 328 23.66 51.04 -18.96
C ARG C 328 22.21 51.44 -18.76
N GLY C 329 21.32 50.44 -18.63
CA GLY C 329 19.92 50.71 -18.34
C GLY C 329 19.01 50.71 -19.54
N GLN C 330 19.59 50.90 -20.72
CA GLN C 330 18.87 50.70 -21.96
C GLN C 330 18.64 49.22 -22.14
N VAL C 331 17.68 48.87 -22.99
CA VAL C 331 17.45 47.46 -23.24
C VAL C 331 17.67 47.16 -24.70
N LEU C 332 18.22 45.99 -24.96
CA LEU C 332 18.40 45.49 -26.30
C LEU C 332 17.17 44.62 -26.58
N VAL C 333 16.42 44.92 -27.64
CA VAL C 333 15.16 44.22 -27.91
C VAL C 333 14.95 43.90 -29.38
N LYS C 334 14.07 42.95 -29.64
CA LYS C 334 13.56 42.72 -30.99
C LYS C 334 12.93 44.02 -31.46
N PRO C 335 13.28 44.48 -32.67
CA PRO C 335 12.75 45.79 -33.10
C PRO C 335 11.22 45.86 -33.03
N GLY C 336 10.67 46.97 -32.54
CA GLY C 336 9.24 47.20 -32.47
C GLY C 336 8.56 46.57 -31.27
N SER C 337 9.34 45.83 -30.49
CA SER C 337 8.87 44.98 -29.39
C SER C 337 8.44 45.72 -28.12
N VAL C 338 9.16 46.79 -27.78
CA VAL C 338 9.00 47.48 -26.51
C VAL C 338 9.29 48.93 -26.80
N LYS C 339 8.49 49.82 -26.23
CA LYS C 339 8.69 51.24 -26.45
C LYS C 339 9.16 51.85 -25.15
N PRO C 340 9.83 53.01 -25.26
CA PRO C 340 10.24 53.80 -24.10
C PRO C 340 9.07 54.62 -23.55
N HIS C 341 8.96 54.74 -22.24
CA HIS C 341 7.91 55.57 -21.66
C HIS C 341 8.44 56.32 -20.45
N THR C 342 7.64 57.27 -19.97
CA THR C 342 8.02 58.10 -18.84
C THR C 342 6.92 58.23 -17.79
N LYS C 343 5.67 57.98 -18.17
CA LYS C 343 4.55 58.22 -17.27
C LYS C 343 3.61 57.04 -17.16
N PHE C 344 3.18 56.74 -15.95
CA PHE C 344 2.41 55.53 -15.72
C PHE C 344 1.74 55.48 -14.37
N THR C 345 0.69 54.67 -14.31
CA THR C 345 0.03 54.32 -13.09
C THR C 345 0.77 53.12 -12.52
N ALA C 346 0.94 53.07 -11.20
CA ALA C 346 1.59 51.95 -10.56
C ALA C 346 0.97 51.61 -9.21
N GLU C 347 0.93 50.31 -8.91
CA GLU C 347 0.55 49.82 -7.59
C GLU C 347 1.84 49.62 -6.82
N VAL C 348 1.91 50.18 -5.62
CA VAL C 348 3.15 50.18 -4.85
C VAL C 348 2.95 49.72 -3.41
N TYR C 349 3.76 48.76 -2.96
CA TYR C 349 3.85 48.43 -1.54
C TYR C 349 5.02 49.16 -0.88
N VAL C 350 4.74 49.98 0.12
CA VAL C 350 5.80 50.67 0.87
C VAL C 350 6.24 49.82 2.06
N LEU C 351 7.54 49.55 2.16
CA LEU C 351 8.04 48.66 3.22
C LEU C 351 7.82 49.29 4.59
N SER C 352 7.49 48.45 5.57
CA SER C 352 7.38 48.89 6.95
C SER C 352 8.77 49.25 7.46
N LYS C 353 8.84 49.82 8.66
CA LYS C 353 10.12 50.08 9.29
C LYS C 353 10.91 48.79 9.33
N GLU C 354 10.33 47.76 9.94
CA GLU C 354 11.04 46.52 10.25
C GLU C 354 11.45 45.73 9.00
N GLU C 355 11.09 46.25 7.83
CA GLU C 355 11.48 45.62 6.57
C GLU C 355 12.67 46.35 5.95
N GLY C 356 13.14 47.39 6.63
CA GLY C 356 14.32 48.12 6.19
C GLY C 356 13.97 49.34 5.38
N GLY C 357 12.69 49.69 5.38
CA GLY C 357 12.19 50.82 4.62
C GLY C 357 11.99 52.06 5.46
N ARG C 358 11.07 52.91 5.02
CA ARG C 358 10.83 54.21 5.65
C ARG C 358 10.45 54.12 7.12
N HIS C 359 10.76 55.21 7.83
CA HIS C 359 10.30 55.45 9.18
C HIS C 359 9.17 56.47 9.13
N THR C 360 9.21 57.31 8.11
CA THR C 360 8.31 58.45 7.98
C THR C 360 7.34 58.32 6.80
N PRO C 361 6.07 58.68 7.02
CA PRO C 361 5.12 58.75 5.90
C PRO C 361 5.41 59.94 4.99
N PHE C 362 5.26 59.77 3.68
CA PHE C 362 5.60 60.83 2.73
C PHE C 362 4.35 61.45 2.10
N PHE C 363 4.55 62.40 1.19
CA PHE C 363 3.45 63.21 0.67
C PHE C 363 3.61 63.49 -0.84
N LYS C 364 2.81 64.41 -1.37
CA LYS C 364 2.86 64.73 -2.79
C LYS C 364 4.20 65.34 -3.20
N GLY C 365 4.56 65.18 -4.47
CA GLY C 365 5.82 65.69 -4.98
C GLY C 365 7.02 64.86 -4.55
N TYR C 366 6.76 63.77 -3.83
CA TYR C 366 7.79 62.82 -3.42
C TYR C 366 8.59 62.36 -4.64
N ARG C 367 9.91 62.52 -4.59
CA ARG C 367 10.78 62.24 -5.75
C ARG C 367 11.83 61.19 -5.43
N PRO C 368 11.44 59.91 -5.43
CA PRO C 368 12.40 58.84 -5.14
C PRO C 368 13.12 58.37 -6.39
N GLN C 369 13.96 57.35 -6.22
CA GLN C 369 14.59 56.70 -7.35
C GLN C 369 13.82 55.41 -7.71
N PHE C 370 13.58 55.22 -9.00
CA PHE C 370 12.90 54.04 -9.50
C PHE C 370 13.89 53.13 -10.19
N TYR C 371 14.01 51.88 -9.71
CA TYR C 371 14.93 50.93 -10.31
C TYR C 371 14.19 50.03 -11.28
N PHE C 372 14.49 50.19 -12.57
CA PHE C 372 13.90 49.38 -13.63
C PHE C 372 15.00 48.56 -14.28
N ARG C 373 14.99 47.26 -14.01
CA ARG C 373 16.02 46.35 -14.47
C ARG C 373 17.39 46.87 -14.01
N THR C 374 18.25 47.32 -14.92
CA THR C 374 19.63 47.63 -14.53
C THR C 374 19.95 49.11 -14.28
N THR C 375 18.93 49.96 -14.17
CA THR C 375 19.16 51.35 -13.76
C THR C 375 18.09 51.88 -12.84
N ASP C 376 18.39 53.00 -12.19
CA ASP C 376 17.35 53.78 -11.54
C ASP C 376 17.22 55.22 -12.08
N VAL C 377 15.99 55.70 -12.04
CA VAL C 377 15.61 56.95 -12.67
C VAL C 377 14.67 57.67 -11.73
N THR C 378 14.89 58.98 -11.59
CA THR C 378 14.10 59.80 -10.68
C THR C 378 12.70 59.95 -11.23
N GLY C 379 11.71 60.03 -10.33
CA GLY C 379 10.33 60.15 -10.74
C GLY C 379 9.51 60.92 -9.73
N ASN C 380 8.47 61.62 -10.19
CA ASN C 380 7.56 62.33 -9.30
C ASN C 380 6.28 61.54 -9.06
N CYS C 381 5.83 61.50 -7.81
CA CYS C 381 4.65 60.74 -7.43
C CYS C 381 3.41 61.63 -7.21
N GLU C 382 2.47 61.58 -8.15
CA GLU C 382 1.13 62.09 -7.88
C GLU C 382 0.39 61.00 -7.11
N LEU C 383 -0.34 61.39 -6.07
CA LEU C 383 -1.13 60.44 -5.29
C LEU C 383 -2.57 60.43 -5.78
N PRO C 384 -3.42 59.56 -5.20
CA PRO C 384 -4.84 59.52 -5.55
C PRO C 384 -5.65 60.63 -4.88
N GLU C 385 -6.68 61.12 -5.56
CA GLU C 385 -7.57 62.11 -4.96
C GLU C 385 -8.11 61.53 -3.66
N GLY C 386 -8.13 62.35 -2.61
CA GLY C 386 -8.68 61.93 -1.33
C GLY C 386 -7.63 61.43 -0.37
N VAL C 387 -6.35 61.58 -0.73
CA VAL C 387 -5.25 61.13 0.11
C VAL C 387 -4.00 61.96 -0.19
N GLU C 388 -3.31 62.39 0.85
CA GLU C 388 -2.09 63.16 0.65
C GLU C 388 -1.02 62.77 1.66
N MET C 389 -1.10 61.55 2.18
CA MET C 389 0.00 60.98 2.93
C MET C 389 -0.14 59.47 3.00
N VAL C 390 0.99 58.77 2.91
CA VAL C 390 1.01 57.32 2.89
C VAL C 390 2.03 56.79 3.90
N MET C 391 1.54 55.94 4.82
CA MET C 391 2.38 55.36 5.86
C MET C 391 3.22 54.21 5.31
N PRO C 392 4.39 53.96 5.92
CA PRO C 392 5.12 52.73 5.59
C PRO C 392 4.23 51.52 5.90
N GLY C 393 4.27 50.50 5.05
CA GLY C 393 3.44 49.33 5.23
C GLY C 393 2.13 49.40 4.46
N ASP C 394 1.82 50.57 3.90
CA ASP C 394 0.63 50.73 3.07
C ASP C 394 0.92 50.28 1.64
N ASN C 395 -0.16 50.12 0.87
CA ASN C 395 -0.06 49.93 -0.57
C ASN C 395 -1.08 50.82 -1.26
N ILE C 396 -0.66 51.52 -2.31
CA ILE C 396 -1.58 52.42 -3.02
C ILE C 396 -1.25 52.51 -4.50
N GLN C 397 -2.21 52.98 -5.28
CA GLN C 397 -1.93 53.30 -6.67
C GLN C 397 -1.47 54.74 -6.74
N MET C 398 -0.38 54.99 -7.45
CA MET C 398 0.11 56.34 -7.62
C MET C 398 0.51 56.54 -9.07
N THR C 399 0.48 57.79 -9.52
CA THR C 399 0.84 58.11 -10.89
C THR C 399 2.24 58.68 -10.89
N VAL C 400 3.10 58.12 -11.72
CA VAL C 400 4.53 58.43 -11.68
C VAL C 400 5.02 58.96 -13.02
N THR C 401 5.78 60.05 -12.95
CA THR C 401 6.39 60.61 -14.15
C THR C 401 7.90 60.61 -13.94
N LEU C 402 8.61 59.93 -14.83
CA LEU C 402 10.06 59.80 -14.71
C LEU C 402 10.77 60.98 -15.38
N ILE C 403 11.91 61.35 -14.81
CA ILE C 403 12.77 62.40 -15.35
C ILE C 403 13.27 62.06 -16.76
N LYS C 404 13.44 60.77 -17.05
CA LYS C 404 13.65 60.37 -18.44
C LYS C 404 13.03 59.04 -18.79
N THR C 405 13.21 58.67 -20.05
CA THR C 405 12.50 57.52 -20.57
C THR C 405 13.15 56.21 -20.18
N ILE C 406 12.34 55.16 -20.13
CA ILE C 406 12.88 53.82 -20.02
C ILE C 406 11.91 52.80 -20.59
N ALA C 407 12.45 51.77 -21.22
CA ALA C 407 11.64 50.70 -21.76
C ALA C 407 10.67 50.24 -20.68
N MET C 408 9.39 50.05 -21.04
CA MET C 408 8.46 49.49 -20.07
C MET C 408 7.18 49.04 -20.70
N GLU C 409 6.62 48.01 -20.08
CA GLU C 409 5.34 47.42 -20.46
C GLU C 409 4.44 47.33 -19.25
N ASP C 410 3.12 47.24 -19.45
CA ASP C 410 2.22 46.89 -18.33
C ASP C 410 2.69 45.60 -17.70
N GLY C 411 2.79 45.61 -16.38
CA GLY C 411 3.20 44.43 -15.62
C GLY C 411 4.65 44.43 -15.14
N LEU C 412 5.46 45.36 -15.62
CA LEU C 412 6.87 45.34 -15.27
C LEU C 412 7.00 45.78 -13.82
N ARG C 413 7.75 45.02 -13.04
CA ARG C 413 8.03 45.37 -11.66
C ARG C 413 9.25 46.26 -11.55
N PHE C 414 9.31 47.00 -10.46
CA PHE C 414 10.45 47.86 -10.18
C PHE C 414 10.56 47.98 -8.68
N ALA C 415 11.71 48.50 -8.23
CA ALA C 415 11.92 48.86 -6.84
C ALA C 415 11.99 50.37 -6.69
N ILE C 416 11.57 50.87 -5.54
CA ILE C 416 11.80 52.28 -5.20
C ILE C 416 12.87 52.39 -4.13
N ARG C 417 13.93 53.13 -4.42
CA ARG C 417 15.04 53.25 -3.47
C ARG C 417 15.24 54.70 -3.03
N GLU C 418 15.47 54.86 -1.73
CA GLU C 418 15.72 56.17 -1.13
C GLU C 418 17.14 56.20 -0.62
N GLY C 419 18.02 56.85 -1.37
CA GLY C 419 19.42 56.86 -1.01
C GLY C 419 19.95 55.44 -0.93
N GLY C 420 19.84 54.72 -2.05
CA GLY C 420 20.43 53.40 -2.16
C GLY C 420 19.67 52.30 -1.45
N ARG C 421 19.00 52.62 -0.34
CA ARG C 421 18.28 51.60 0.42
C ARG C 421 16.82 51.41 -0.05
N THR C 422 16.41 50.14 -0.18
CA THR C 422 15.11 49.79 -0.75
C THR C 422 13.95 50.18 0.17
N VAL C 423 13.03 50.97 -0.39
CA VAL C 423 11.96 51.58 0.40
C VAL C 423 10.56 51.26 -0.16
N GLY C 424 10.51 50.63 -1.33
CA GLY C 424 9.24 50.23 -1.91
C GLY C 424 9.36 49.22 -3.05
N ALA C 425 8.24 48.57 -3.34
CA ALA C 425 8.12 47.62 -4.45
C ALA C 425 6.87 47.89 -5.31
N GLY C 426 7.01 47.88 -6.63
CA GLY C 426 5.94 48.27 -7.50
C GLY C 426 5.77 47.47 -8.79
N VAL C 427 4.60 47.61 -9.39
CA VAL C 427 4.34 47.01 -10.70
C VAL C 427 3.67 48.12 -11.52
N VAL C 428 4.02 48.20 -12.81
CA VAL C 428 3.37 49.14 -13.71
C VAL C 428 1.96 48.62 -13.99
N ALA C 429 0.96 49.38 -13.57
CA ALA C 429 -0.45 49.05 -13.83
C ALA C 429 -0.90 49.48 -15.23
N LYS C 430 -0.63 50.74 -15.60
CA LYS C 430 -1.01 51.26 -16.94
C LYS C 430 -0.02 52.31 -17.43
N ILE C 431 0.49 52.14 -18.65
CA ILE C 431 1.31 53.17 -19.29
C ILE C 431 0.42 54.33 -19.76
N ILE C 432 0.79 55.55 -19.40
CA ILE C 432 0.09 56.76 -19.87
C ILE C 432 0.83 57.40 -21.07
N GLU C 433 2.10 57.77 -20.87
CA GLU C 433 2.95 58.28 -21.96
C GLU C 433 4.32 57.63 -21.93
N SER D 45 8.45 -27.70 -8.36
CA SER D 45 9.26 -27.07 -7.31
C SER D 45 8.72 -27.48 -5.94
N LEU D 46 7.41 -27.61 -5.86
CA LEU D 46 6.74 -27.89 -4.58
C LEU D 46 6.34 -29.37 -4.52
N PRO D 47 6.58 -30.02 -3.37
CA PRO D 47 6.28 -31.46 -3.23
C PRO D 47 4.81 -31.79 -3.47
N HIS D 48 4.58 -32.72 -4.41
CA HIS D 48 3.24 -33.09 -4.85
CA HIS D 48 3.24 -33.09 -4.85
C HIS D 48 2.61 -34.13 -3.90
N VAL D 49 1.39 -33.86 -3.45
CA VAL D 49 0.69 -34.80 -2.58
C VAL D 49 -0.68 -35.10 -3.17
N ASN D 50 -1.05 -36.38 -3.26
CA ASN D 50 -2.39 -36.72 -3.74
C ASN D 50 -3.33 -36.87 -2.57
N VAL D 51 -4.47 -36.23 -2.68
CA VAL D 51 -5.47 -36.20 -1.63
C VAL D 51 -6.82 -36.27 -2.33
N GLY D 52 -7.88 -36.35 -1.56
CA GLY D 52 -9.23 -36.39 -2.10
C GLY D 52 -10.24 -36.44 -0.96
N THR D 53 -11.48 -36.07 -1.25
CA THR D 53 -12.55 -36.11 -0.26
C THR D 53 -13.28 -37.44 -0.27
N ILE D 54 -13.62 -37.93 0.91
CA ILE D 54 -14.49 -39.09 1.06
C ILE D 54 -15.53 -38.80 2.13
N GLY D 55 -16.49 -39.72 2.29
CA GLY D 55 -17.67 -39.50 3.13
C GLY D 55 -19.01 -39.69 2.44
N HIS D 56 -20.08 -39.59 3.22
CA HIS D 56 -21.43 -39.89 2.75
C HIS D 56 -21.97 -38.81 1.82
N VAL D 57 -22.90 -39.18 0.95
CA VAL D 57 -23.54 -38.22 0.04
C VAL D 57 -24.14 -37.07 0.82
N ASP D 58 -23.99 -35.86 0.27
CA ASP D 58 -24.59 -34.67 0.83
C ASP D 58 -23.92 -34.10 2.06
N HIS D 59 -22.81 -34.68 2.48
CA HIS D 59 -22.17 -34.21 3.69
C HIS D 59 -21.25 -33.02 3.46
N GLY D 60 -20.92 -32.74 2.20
CA GLY D 60 -20.18 -31.53 1.90
C GLY D 60 -18.86 -31.67 1.16
N LYS D 61 -18.64 -32.81 0.53
CA LYS D 61 -17.37 -33.10 -0.12
C LYS D 61 -17.07 -32.13 -1.30
N THR D 62 -18.06 -31.89 -2.16
CA THR D 62 -17.87 -31.03 -3.32
C THR D 62 -17.72 -29.57 -2.87
N THR D 63 -18.54 -29.17 -1.90
CA THR D 63 -18.41 -27.85 -1.29
C THR D 63 -17.01 -27.63 -0.70
N LEU D 64 -16.55 -28.54 0.15
CA LEU D 64 -15.23 -28.41 0.74
C LEU D 64 -14.15 -28.42 -0.33
N THR D 65 -14.31 -29.22 -1.37
CA THR D 65 -13.38 -29.20 -2.50
C THR D 65 -13.26 -27.78 -3.11
N ALA D 66 -14.39 -27.11 -3.31
CA ALA D 66 -14.36 -25.76 -3.88
C ALA D 66 -13.81 -24.79 -2.86
N ALA D 67 -14.15 -24.95 -1.57
CA ALA D 67 -13.63 -24.04 -0.54
C ALA D 67 -12.11 -24.14 -0.40
N LEU D 68 -11.58 -25.34 -0.58
CA LEU D 68 -10.14 -25.50 -0.44
C LEU D 68 -9.39 -24.65 -1.48
N THR D 69 -9.80 -24.72 -2.74
CA THR D 69 -9.15 -23.93 -3.79
C THR D 69 -9.31 -22.44 -3.57
N ARG D 70 -10.47 -22.01 -3.07
CA ARG D 70 -10.72 -20.59 -2.84
C ARG D 70 -9.84 -20.09 -1.70
N VAL D 71 -9.84 -20.81 -0.59
CA VAL D 71 -9.07 -20.41 0.58
C VAL D 71 -7.57 -20.40 0.29
N CYS D 72 -7.07 -21.39 -0.43
CA CYS D 72 -5.64 -21.36 -0.77
C CYS D 72 -5.27 -20.19 -1.70
N SER D 73 -6.16 -19.83 -2.63
CA SER D 73 -5.98 -18.59 -3.42
C SER D 73 -5.90 -17.32 -2.56
N GLU D 74 -6.88 -17.13 -1.71
CA GLU D 74 -6.96 -15.96 -0.85
C GLU D 74 -5.80 -15.90 0.11
N VAL D 75 -5.43 -17.05 0.68
CA VAL D 75 -4.54 -17.11 1.83
C VAL D 75 -3.09 -17.51 1.49
N PHE D 76 -2.87 -18.18 0.37
CA PHE D 76 -1.52 -18.71 0.04
C PHE D 76 -0.97 -18.38 -1.36
N GLY D 77 -1.77 -17.75 -2.22
CA GLY D 77 -1.46 -17.66 -3.66
C GLY D 77 -1.99 -18.89 -4.41
N SER D 78 -2.32 -18.71 -5.69
CA SER D 78 -2.88 -19.79 -6.50
C SER D 78 -2.18 -19.91 -7.86
N ILE D 97 -14.39 -49.75 -18.64
CA ILE D 97 -14.49 -49.04 -17.36
C ILE D 97 -14.65 -47.54 -17.58
N THR D 98 -15.21 -46.86 -16.59
CA THR D 98 -15.37 -45.41 -16.65
C THR D 98 -15.35 -44.82 -15.25
N ILE D 99 -14.39 -43.94 -15.00
CA ILE D 99 -14.32 -43.22 -13.73
C ILE D 99 -14.77 -41.77 -13.90
N ASN D 100 -15.85 -41.40 -13.22
CA ASN D 100 -16.28 -40.01 -13.21
C ASN D 100 -15.61 -39.28 -12.04
N THR D 101 -14.70 -38.37 -12.39
CA THR D 101 -13.85 -37.71 -11.42
C THR D 101 -13.79 -36.19 -11.62
N ALA D 102 -13.81 -35.45 -10.52
CA ALA D 102 -13.41 -34.03 -10.52
C ALA D 102 -12.03 -33.88 -9.88
N HIS D 103 -11.06 -33.39 -10.64
CA HIS D 103 -9.70 -33.17 -10.14
C HIS D 103 -9.48 -31.71 -9.91
N VAL D 104 -8.81 -31.38 -8.82
CA VAL D 104 -8.54 -29.98 -8.50
C VAL D 104 -7.12 -29.86 -7.92
N GLU D 105 -6.53 -28.68 -8.05
CA GLU D 105 -5.18 -28.44 -7.51
C GLU D 105 -5.19 -27.19 -6.64
N TYR D 106 -4.44 -27.25 -5.54
CA TYR D 106 -4.18 -26.08 -4.70
C TYR D 106 -2.87 -26.25 -3.94
N ASN D 107 -2.25 -25.12 -3.62
CA ASN D 107 -1.00 -25.11 -2.88
C ASN D 107 -1.18 -24.52 -1.49
N SER D 108 -0.45 -25.06 -0.52
CA SER D 108 -0.26 -24.40 0.75
C SER D 108 1.06 -23.64 0.58
N THR D 109 1.71 -23.22 1.66
CA THR D 109 3.02 -22.59 1.54
C THR D 109 4.11 -23.61 1.22
N ILE D 110 3.89 -24.87 1.59
CA ILE D 110 4.95 -25.87 1.41
C ILE D 110 4.58 -27.04 0.51
N ARG D 111 3.34 -27.13 0.05
CA ARG D 111 2.97 -28.28 -0.79
C ARG D 111 1.96 -28.02 -1.89
N HIS D 112 2.02 -28.89 -2.88
CA HIS D 112 1.09 -28.88 -3.99
C HIS D 112 0.16 -30.08 -3.87
N TYR D 113 -1.11 -29.81 -3.61
CA TYR D 113 -2.13 -30.85 -3.51
C TYR D 113 -2.84 -31.09 -4.83
N ALA D 114 -2.86 -32.34 -5.26
CA ALA D 114 -3.71 -32.79 -6.34
C ALA D 114 -4.89 -33.55 -5.70
N HIS D 115 -6.09 -33.01 -5.87
CA HIS D 115 -7.22 -33.37 -5.05
C HIS D 115 -8.33 -33.96 -5.92
N VAL D 116 -8.77 -35.17 -5.55
CA VAL D 116 -9.85 -35.83 -6.29
C VAL D 116 -11.13 -35.84 -5.46
N ASP D 117 -12.25 -35.70 -6.15
CA ASP D 117 -13.59 -35.69 -5.57
C ASP D 117 -14.44 -36.50 -6.55
N CYS D 118 -15.27 -37.41 -6.07
CA CYS D 118 -16.16 -38.20 -6.94
C CYS D 118 -17.62 -37.94 -6.59
N PRO D 119 -18.52 -37.96 -7.59
CA PRO D 119 -19.95 -37.69 -7.33
C PRO D 119 -20.66 -38.81 -6.54
N GLY D 120 -20.62 -40.02 -7.05
CA GLY D 120 -21.41 -41.09 -6.48
C GLY D 120 -20.61 -42.21 -5.82
N HIS D 121 -21.33 -43.04 -5.09
CA HIS D 121 -20.71 -44.17 -4.41
C HIS D 121 -19.89 -45.04 -5.36
N ALA D 122 -20.49 -45.41 -6.49
CA ALA D 122 -19.85 -46.30 -7.46
C ALA D 122 -18.51 -45.75 -7.95
N ASP D 123 -18.40 -44.42 -7.97
CA ASP D 123 -17.18 -43.77 -8.42
C ASP D 123 -16.08 -43.92 -7.38
N TYR D 124 -16.40 -43.72 -6.11
CA TYR D 124 -15.42 -43.87 -5.03
C TYR D 124 -14.82 -45.27 -5.03
N VAL D 125 -15.67 -46.29 -5.01
CA VAL D 125 -15.26 -47.68 -5.11
C VAL D 125 -14.23 -47.93 -6.20
N LYS D 126 -14.51 -47.41 -7.39
CA LYS D 126 -13.69 -47.73 -8.57
C LYS D 126 -12.42 -46.89 -8.64
N ASN D 127 -12.50 -45.64 -8.20
CA ASN D 127 -11.34 -44.76 -8.21
C ASN D 127 -10.36 -45.19 -7.13
N MET D 128 -10.88 -45.59 -5.98
CA MET D 128 -10.00 -45.98 -4.88
C MET D 128 -9.29 -47.29 -5.16
N ILE D 129 -9.95 -48.18 -5.91
CA ILE D 129 -9.36 -49.47 -6.25
C ILE D 129 -8.44 -49.38 -7.46
N THR D 130 -8.89 -48.68 -8.51
CA THR D 130 -8.16 -48.63 -9.77
C THR D 130 -8.03 -47.21 -10.37
N GLY D 131 -8.08 -46.19 -9.53
CA GLY D 131 -8.02 -44.80 -9.99
C GLY D 131 -6.64 -44.33 -10.42
N ALA D 132 -6.61 -43.26 -11.23
CA ALA D 132 -5.37 -42.74 -11.81
C ALA D 132 -4.29 -42.44 -10.76
N ALA D 133 -4.70 -41.90 -9.61
CA ALA D 133 -3.76 -41.58 -8.55
C ALA D 133 -4.08 -42.27 -7.21
N GLN D 134 -3.06 -42.85 -6.61
CA GLN D 134 -3.21 -43.46 -5.30
C GLN D 134 -3.08 -42.37 -4.23
N MET D 135 -4.16 -42.16 -3.47
CA MET D 135 -4.18 -41.13 -2.43
C MET D 135 -3.07 -41.31 -1.37
N ASP D 136 -2.41 -40.21 -1.00
CA ASP D 136 -1.40 -40.24 0.05
C ASP D 136 -2.09 -39.99 1.39
N GLY D 137 -3.24 -39.33 1.31
CA GLY D 137 -4.10 -39.11 2.44
C GLY D 137 -5.51 -38.80 1.97
N ALA D 138 -6.50 -39.17 2.78
CA ALA D 138 -7.89 -38.86 2.48
C ALA D 138 -8.44 -37.85 3.48
N ILE D 139 -9.35 -37.00 2.99
CA ILE D 139 -10.10 -36.09 3.86
C ILE D 139 -11.51 -36.66 4.04
N LEU D 140 -11.83 -37.18 5.23
CA LEU D 140 -13.17 -37.72 5.51
C LEU D 140 -14.05 -36.56 5.93
N VAL D 141 -15.08 -36.30 5.14
CA VAL D 141 -16.04 -35.27 5.47
C VAL D 141 -17.25 -35.92 6.15
N CYS D 142 -17.61 -35.43 7.32
CA CYS D 142 -18.76 -35.91 8.03
C CYS D 142 -19.58 -34.73 8.51
N SER D 143 -20.89 -34.78 8.30
CA SER D 143 -21.76 -33.70 8.74
C SER D 143 -21.89 -33.71 10.24
N ALA D 144 -21.53 -32.61 10.86
CA ALA D 144 -21.74 -32.47 12.29
C ALA D 144 -23.22 -32.43 12.62
N ALA D 145 -24.07 -32.12 11.64
CA ALA D 145 -25.51 -32.01 11.90
C ALA D 145 -26.22 -33.35 11.84
N ASP D 146 -25.69 -34.29 11.07
CA ASP D 146 -26.33 -35.58 10.85
C ASP D 146 -25.59 -36.70 11.58
N GLY D 147 -24.32 -36.46 11.91
CA GLY D 147 -23.44 -37.53 12.36
C GLY D 147 -23.18 -38.50 11.24
N PRO D 148 -22.50 -39.61 11.54
CA PRO D 148 -22.11 -40.60 10.53
C PRO D 148 -23.25 -41.39 9.91
N MET D 149 -23.00 -41.78 8.67
CA MET D 149 -23.93 -42.48 7.80
C MET D 149 -23.19 -43.63 7.12
N PRO D 150 -23.92 -44.49 6.40
CA PRO D 150 -23.29 -45.74 5.92
C PRO D 150 -21.98 -45.55 5.13
N GLN D 151 -21.88 -44.50 4.33
CA GLN D 151 -20.69 -44.29 3.51
C GLN D 151 -19.56 -43.62 4.29
N THR D 152 -19.90 -42.99 5.41
CA THR D 152 -18.85 -42.58 6.33
C THR D 152 -18.09 -43.85 6.74
N ARG D 153 -18.85 -44.88 7.12
CA ARG D 153 -18.30 -46.18 7.53
C ARG D 153 -17.63 -46.87 6.36
N GLU D 154 -18.37 -47.02 5.27
CA GLU D 154 -17.85 -47.74 4.12
C GLU D 154 -16.57 -47.11 3.50
N HIS D 155 -16.43 -45.79 3.55
CA HIS D 155 -15.27 -45.17 2.90
C HIS D 155 -14.02 -45.25 3.78
N ILE D 156 -14.21 -45.26 5.08
CA ILE D 156 -13.11 -45.61 5.97
C ILE D 156 -12.61 -47.05 5.74
N LEU D 157 -13.55 -47.98 5.63
CA LEU D 157 -13.20 -49.38 5.43
C LEU D 157 -12.47 -49.54 4.11
N LEU D 158 -13.02 -48.93 3.07
CA LEU D 158 -12.44 -48.97 1.74
C LEU D 158 -11.03 -48.40 1.75
N SER D 159 -10.83 -47.30 2.47
CA SER D 159 -9.51 -46.70 2.62
C SER D 159 -8.49 -47.68 3.19
N ARG D 160 -8.91 -48.41 4.22
CA ARG D 160 -8.09 -49.47 4.81
C ARG D 160 -7.76 -50.49 3.75
N GLN D 161 -8.78 -51.03 3.10
CA GLN D 161 -8.59 -52.14 2.17
C GLN D 161 -7.60 -51.76 1.07
N VAL D 162 -7.70 -50.52 0.61
CA VAL D 162 -6.92 -50.04 -0.51
C VAL D 162 -5.53 -49.50 -0.10
N GLY D 163 -5.33 -49.29 1.18
CA GLY D 163 -4.03 -48.87 1.70
C GLY D 163 -3.84 -47.36 1.75
N VAL D 164 -4.92 -46.61 1.91
CA VAL D 164 -4.80 -45.17 2.11
C VAL D 164 -4.11 -45.00 3.46
N PRO D 165 -2.91 -44.38 3.48
CA PRO D 165 -2.12 -44.44 4.73
C PRO D 165 -2.62 -43.52 5.85
N TYR D 166 -3.27 -42.41 5.49
CA TYR D 166 -3.72 -41.42 6.48
C TYR D 166 -5.10 -40.88 6.15
N ILE D 167 -5.84 -40.54 7.19
CA ILE D 167 -7.14 -39.89 7.09
C ILE D 167 -7.20 -38.72 8.05
N VAL D 168 -7.59 -37.54 7.57
CA VAL D 168 -7.91 -36.43 8.46
C VAL D 168 -9.40 -36.19 8.29
N VAL D 169 -10.03 -35.60 9.30
CA VAL D 169 -11.48 -35.48 9.30
C VAL D 169 -11.87 -34.00 9.31
N PHE D 170 -12.84 -33.66 8.47
CA PHE D 170 -13.46 -32.34 8.52
C PHE D 170 -14.92 -32.51 8.90
N LEU D 171 -15.26 -32.07 10.11
CA LEU D 171 -16.61 -32.11 10.60
C LEU D 171 -17.33 -30.87 10.13
N ASN D 172 -18.22 -31.07 9.16
CA ASN D 172 -18.78 -30.01 8.32
C ASN D 172 -20.20 -29.60 8.72
N LYS D 173 -20.68 -28.48 8.15
CA LYS D 173 -22.01 -27.96 8.45
C LYS D 173 -22.08 -27.56 9.91
N ALA D 174 -20.98 -27.03 10.43
CA ALA D 174 -20.93 -26.54 11.81
C ALA D 174 -21.84 -25.36 12.07
N ASP D 175 -22.12 -24.60 11.02
CA ASP D 175 -23.04 -23.47 11.10
C ASP D 175 -24.46 -23.93 11.49
N LEU D 176 -24.75 -25.23 11.34
CA LEU D 176 -26.08 -25.77 11.68
C LEU D 176 -26.16 -26.28 13.12
N VAL D 177 -25.05 -26.26 13.83
CA VAL D 177 -25.02 -26.83 15.17
C VAL D 177 -24.61 -25.82 16.25
N ASP D 178 -25.52 -25.55 17.16
CA ASP D 178 -25.27 -24.76 18.34
C ASP D 178 -25.36 -25.67 19.59
N ASP D 179 -24.68 -26.80 19.55
CA ASP D 179 -24.84 -27.80 20.59
C ASP D 179 -23.49 -28.49 20.77
N ALA D 180 -22.74 -28.05 21.77
CA ALA D 180 -21.39 -28.58 22.04
C ALA D 180 -21.41 -30.09 22.23
N GLU D 181 -22.41 -30.60 22.96
CA GLU D 181 -22.52 -32.03 23.24
C GLU D 181 -22.70 -32.85 21.97
N LEU D 182 -23.46 -32.32 21.01
CA LEU D 182 -23.64 -33.03 19.74
C LEU D 182 -22.33 -33.05 18.93
N LEU D 183 -21.58 -31.95 18.93
CA LEU D 183 -20.24 -31.94 18.29
C LEU D 183 -19.35 -33.03 18.90
N GLU D 184 -19.24 -33.07 20.21
CA GLU D 184 -18.47 -34.12 20.92
C GLU D 184 -18.96 -35.53 20.59
N LEU D 185 -20.28 -35.73 20.62
CA LEU D 185 -20.86 -37.02 20.31
C LEU D 185 -20.42 -37.48 18.91
N VAL D 186 -20.50 -36.60 17.91
CA VAL D 186 -20.16 -37.00 16.56
C VAL D 186 -18.65 -37.24 16.39
N GLU D 187 -17.83 -36.36 16.97
CA GLU D 187 -16.37 -36.53 16.92
C GLU D 187 -16.05 -37.92 17.51
N MET D 188 -16.59 -38.25 18.70
CA MET D 188 -16.29 -39.55 19.31
C MET D 188 -16.73 -40.72 18.43
N GLU D 189 -17.86 -40.57 17.75
CA GLU D 189 -18.36 -41.63 16.90
C GLU D 189 -17.41 -41.90 15.76
N VAL D 190 -16.90 -40.80 15.18
CA VAL D 190 -16.00 -40.91 14.05
C VAL D 190 -14.62 -41.44 14.47
N ARG D 191 -14.11 -40.96 15.59
CA ARG D 191 -12.85 -41.49 16.12
C ARG D 191 -13.00 -42.99 16.33
N ASP D 192 -14.11 -43.38 16.93
CA ASP D 192 -14.41 -44.79 17.17
C ASP D 192 -14.46 -45.56 15.85
N LEU D 193 -15.04 -44.93 14.83
CA LEU D 193 -15.21 -45.55 13.53
C LEU D 193 -13.84 -45.73 12.82
N LEU D 194 -12.97 -44.73 12.89
CA LEU D 194 -11.61 -44.87 12.38
C LEU D 194 -10.82 -46.03 13.03
N SER D 195 -10.85 -46.10 14.36
CA SER D 195 -10.13 -47.14 15.10
C SER D 195 -10.64 -48.53 14.79
N THR D 196 -11.93 -48.67 14.54
CA THR D 196 -12.50 -49.94 14.15
C THR D 196 -11.80 -50.54 12.92
N TYR D 197 -11.33 -49.67 12.04
CA TYR D 197 -10.70 -50.13 10.80
C TYR D 197 -9.21 -49.84 10.84
N ASP D 198 -8.64 -49.82 12.04
CA ASP D 198 -7.18 -49.78 12.27
C ASP D 198 -6.49 -48.45 12.04
N PHE D 199 -7.26 -47.39 11.86
CA PHE D 199 -6.70 -46.05 11.82
C PHE D 199 -6.57 -45.59 13.26
N PRO D 200 -5.60 -44.69 13.54
CA PRO D 200 -5.41 -44.25 14.94
C PRO D 200 -6.44 -43.19 15.33
N GLY D 201 -7.66 -43.63 15.63
CA GLY D 201 -8.79 -42.76 15.90
C GLY D 201 -8.52 -41.63 16.88
N ASP D 202 -7.67 -41.86 17.88
CA ASP D 202 -7.42 -40.82 18.90
C ASP D 202 -6.35 -39.84 18.49
N ASP D 203 -5.56 -40.19 17.49
CA ASP D 203 -4.52 -39.29 17.02
C ASP D 203 -5.04 -38.59 15.78
N THR D 204 -6.18 -39.02 15.27
CA THR D 204 -6.66 -38.42 14.03
C THR D 204 -6.98 -36.92 14.21
N PRO D 205 -6.40 -36.08 13.34
CA PRO D 205 -6.78 -34.66 13.31
C PRO D 205 -8.22 -34.48 12.89
N ILE D 206 -9.01 -33.79 13.71
CA ILE D 206 -10.40 -33.50 13.36
C ILE D 206 -10.65 -32.00 13.43
N ILE D 207 -10.97 -31.41 12.27
CA ILE D 207 -11.24 -29.98 12.15
C ILE D 207 -12.74 -29.76 12.03
N ILE D 208 -13.27 -28.90 12.89
CA ILE D 208 -14.68 -28.59 12.86
C ILE D 208 -14.92 -27.23 12.19
N GLY D 209 -15.82 -27.23 11.21
CA GLY D 209 -16.14 -25.98 10.56
C GLY D 209 -17.25 -26.07 9.55
N SER D 210 -17.32 -25.03 8.71
CA SER D 210 -18.32 -24.90 7.66
C SER D 210 -17.69 -24.69 6.31
N ALA D 211 -17.69 -25.73 5.47
CA ALA D 211 -17.17 -25.60 4.10
C ALA D 211 -17.92 -24.52 3.29
N ARG D 212 -19.24 -24.43 3.46
CA ARG D 212 -20.04 -23.48 2.76
C ARG D 212 -19.66 -22.04 3.15
N MET D 213 -19.51 -21.75 4.43
CA MET D 213 -19.07 -20.43 4.83
C MET D 213 -17.73 -20.08 4.16
N ALA D 214 -16.76 -20.99 4.23
CA ALA D 214 -15.48 -20.76 3.56
C ALA D 214 -15.66 -20.50 2.07
N LEU D 215 -16.53 -21.23 1.40
CA LEU D 215 -16.70 -21.04 -0.03
C LEU D 215 -17.26 -19.64 -0.31
N GLU D 216 -18.02 -19.11 0.65
CA GLU D 216 -18.65 -17.81 0.52
C GLU D 216 -17.85 -16.68 1.17
N GLY D 217 -16.61 -16.97 1.61
CA GLY D 217 -15.74 -15.93 2.14
C GLY D 217 -16.10 -15.47 3.53
N LYS D 218 -16.83 -16.31 4.27
CA LYS D 218 -17.24 -15.98 5.62
C LYS D 218 -16.37 -16.70 6.66
N ASP D 219 -16.23 -16.05 7.81
CA ASP D 219 -15.40 -16.59 8.85
C ASP D 219 -15.85 -16.23 10.26
N ASP D 220 -17.14 -15.97 10.41
CA ASP D 220 -17.70 -15.73 11.74
C ASP D 220 -17.25 -16.84 12.69
N ASN D 221 -16.70 -16.44 13.83
CA ASN D 221 -16.25 -17.37 14.86
C ASN D 221 -15.24 -18.39 14.33
N GLU D 222 -14.47 -17.96 13.33
CA GLU D 222 -13.41 -18.78 12.74
C GLU D 222 -13.90 -20.09 12.17
N MET D 223 -15.20 -20.21 11.92
CA MET D 223 -15.75 -21.48 11.45
C MET D 223 -15.72 -21.67 9.92
N GLY D 224 -15.33 -20.65 9.16
CA GLY D 224 -15.23 -20.77 7.72
C GLY D 224 -13.80 -20.78 7.21
N THR D 225 -13.36 -19.66 6.65
CA THR D 225 -11.99 -19.51 6.14
C THR D 225 -10.93 -20.13 7.06
N THR D 226 -11.00 -19.81 8.35
CA THR D 226 -9.98 -20.23 9.29
C THR D 226 -9.98 -21.75 9.45
N ALA D 227 -11.18 -22.34 9.50
CA ALA D 227 -11.34 -23.79 9.60
C ALA D 227 -10.72 -24.51 8.41
N VAL D 228 -10.99 -24.00 7.21
CA VAL D 228 -10.48 -24.65 6.01
C VAL D 228 -8.97 -24.46 5.92
N LYS D 229 -8.49 -23.29 6.33
CA LYS D 229 -7.05 -23.05 6.34
C LYS D 229 -6.37 -24.02 7.33
N LYS D 230 -6.99 -24.24 8.48
CA LYS D 230 -6.45 -25.15 9.50
C LYS D 230 -6.42 -26.56 8.89
N LEU D 231 -7.44 -26.90 8.13
CA LEU D 231 -7.40 -28.18 7.42
C LEU D 231 -6.15 -28.29 6.53
N VAL D 232 -5.87 -27.26 5.74
CA VAL D 232 -4.73 -27.34 4.84
C VAL D 232 -3.44 -27.50 5.64
N GLU D 233 -3.35 -26.81 6.77
CA GLU D 233 -2.15 -26.88 7.59
C GLU D 233 -2.02 -28.23 8.29
N THR D 234 -3.15 -28.90 8.47
CA THR D 234 -3.17 -30.24 9.02
C THR D 234 -2.66 -31.25 7.98
N LEU D 235 -3.06 -31.06 6.73
CA LEU D 235 -2.48 -31.86 5.65
C LEU D 235 -0.97 -31.62 5.61
N ASP D 236 -0.52 -30.37 5.80
CA ASP D 236 0.90 -30.04 5.72
C ASP D 236 1.69 -30.87 6.74
N SER D 237 1.17 -31.00 7.96
CA SER D 237 1.94 -31.59 9.06
C SER D 237 1.67 -33.07 9.33
N TYR D 238 0.48 -33.57 9.01
CA TYR D 238 0.07 -34.92 9.40
C TYR D 238 0.38 -35.98 8.32
N ILE D 239 0.30 -35.59 7.06
CA ILE D 239 0.73 -36.48 5.96
C ILE D 239 2.21 -36.22 5.65
N PRO D 240 3.10 -37.19 5.93
CA PRO D 240 4.52 -36.93 5.64
C PRO D 240 4.76 -36.78 4.14
N GLU D 241 5.84 -36.11 3.70
CA GLU D 241 5.92 -35.91 2.27
C GLU D 241 6.26 -37.23 1.60
N PRO D 242 5.50 -37.58 0.57
CA PRO D 242 5.66 -38.93 0.05
C PRO D 242 7.04 -39.14 -0.56
N VAL D 243 7.54 -40.36 -0.51
CA VAL D 243 8.83 -40.65 -1.11
C VAL D 243 8.62 -40.79 -2.60
N ARG D 244 9.44 -40.09 -3.38
CA ARG D 244 9.34 -40.14 -4.83
C ARG D 244 9.84 -41.49 -5.38
N ALA D 245 9.39 -41.81 -6.59
CA ALA D 245 9.73 -43.07 -7.21
C ALA D 245 11.24 -43.28 -7.22
N ILE D 246 11.97 -42.26 -7.66
CA ILE D 246 13.40 -42.39 -7.86
C ILE D 246 14.12 -42.66 -6.55
N ASP D 247 13.51 -42.28 -5.43
CA ASP D 247 14.11 -42.48 -4.11
C ASP D 247 13.75 -43.82 -3.44
N GLN D 248 12.79 -44.55 -4.01
CA GLN D 248 12.45 -45.87 -3.47
C GLN D 248 13.48 -46.92 -3.85
N PRO D 249 13.38 -48.12 -3.25
CA PRO D 249 14.35 -49.17 -3.56
C PRO D 249 14.12 -49.67 -4.98
N PHE D 250 15.21 -49.91 -5.70
CA PHE D 250 15.11 -50.23 -7.11
C PHE D 250 14.21 -51.42 -7.41
N LEU D 251 13.40 -51.28 -8.45
CA LEU D 251 12.51 -52.36 -8.86
C LEU D 251 12.18 -52.25 -10.35
N MET D 252 12.47 -53.33 -11.09
CA MET D 252 12.11 -53.39 -12.51
C MET D 252 11.54 -54.76 -12.86
N PRO D 253 10.24 -54.82 -13.21
CA PRO D 253 9.69 -56.09 -13.67
C PRO D 253 10.24 -56.48 -15.05
N ILE D 254 10.72 -57.71 -15.18
CA ILE D 254 11.43 -58.14 -16.38
C ILE D 254 10.44 -58.49 -17.50
N GLU D 255 10.66 -57.88 -18.68
CA GLU D 255 9.83 -58.14 -19.85
C GLU D 255 10.44 -59.25 -20.69
N ASP D 256 11.70 -59.09 -21.09
CA ASP D 256 12.32 -60.04 -22.02
C ASP D 256 13.76 -60.39 -21.65
N VAL D 257 14.16 -61.62 -21.96
CA VAL D 257 15.50 -62.11 -21.66
C VAL D 257 16.27 -62.43 -22.96
N PHE D 258 17.49 -61.92 -23.06
CA PHE D 258 18.29 -62.10 -24.27
C PHE D 258 19.66 -62.71 -23.94
N SER D 259 19.75 -64.03 -24.03
CA SER D 259 21.00 -64.71 -23.72
C SER D 259 22.03 -64.35 -24.77
N ILE D 260 23.28 -64.19 -24.33
CA ILE D 260 24.39 -64.00 -25.24
C ILE D 260 25.55 -64.89 -24.80
N SER D 261 25.73 -66.01 -25.50
CA SER D 261 26.60 -67.10 -25.05
C SER D 261 27.98 -66.65 -24.54
N GLY D 262 28.16 -66.67 -23.22
CA GLY D 262 29.43 -66.32 -22.59
C GLY D 262 29.52 -64.88 -22.13
N ARG D 263 28.98 -63.96 -22.94
CA ARG D 263 29.08 -62.52 -22.70
C ARG D 263 28.13 -62.08 -21.58
N GLY D 264 27.14 -62.91 -21.27
CA GLY D 264 26.22 -62.62 -20.19
C GLY D 264 24.77 -62.84 -20.55
N THR D 265 23.92 -61.99 -20.02
CA THR D 265 22.48 -62.04 -20.28
C THR D 265 21.95 -60.62 -20.21
N VAL D 266 20.80 -60.37 -20.82
CA VAL D 266 20.20 -59.04 -20.78
C VAL D 266 18.70 -59.13 -20.53
N VAL D 267 18.26 -58.42 -19.49
CA VAL D 267 16.85 -58.34 -19.14
C VAL D 267 16.35 -56.93 -19.40
N THR D 268 15.17 -56.83 -20.00
CA THR D 268 14.63 -55.55 -20.44
C THR D 268 13.32 -55.24 -19.73
N GLY D 269 12.95 -53.96 -19.72
CA GLY D 269 11.69 -53.54 -19.13
C GLY D 269 11.74 -52.07 -18.77
N ARG D 270 10.68 -51.59 -18.12
CA ARG D 270 10.65 -50.22 -17.64
C ARG D 270 10.89 -50.19 -16.13
N ILE D 271 11.88 -49.42 -15.69
CA ILE D 271 12.19 -49.35 -14.27
C ILE D 271 11.04 -48.64 -13.56
N GLU D 272 10.52 -49.28 -12.52
CA GLU D 272 9.36 -48.77 -11.81
C GLU D 272 9.73 -47.79 -10.69
N ARG D 273 10.79 -48.10 -9.95
CA ARG D 273 11.25 -47.19 -8.93
C ARG D 273 12.73 -47.43 -8.65
N GLY D 274 13.39 -46.38 -8.17
CA GLY D 274 14.79 -46.49 -7.80
C GLY D 274 15.75 -46.35 -8.96
N ILE D 275 16.95 -46.88 -8.75
CA ILE D 275 18.04 -46.73 -9.71
C ILE D 275 18.89 -48.00 -9.79
N VAL D 276 19.35 -48.31 -11.00
CA VAL D 276 20.32 -49.39 -11.19
C VAL D 276 21.59 -48.78 -11.74
N ARG D 277 22.72 -49.24 -11.21
CA ARG D 277 24.00 -48.66 -11.57
C ARG D 277 25.01 -49.76 -11.87
N VAL D 278 26.12 -49.40 -12.50
CA VAL D 278 27.14 -50.37 -12.84
C VAL D 278 27.69 -50.99 -11.56
N GLN D 279 27.42 -52.28 -11.38
CA GLN D 279 27.98 -53.10 -10.30
C GLN D 279 27.07 -53.34 -9.10
N ASP D 280 25.87 -52.74 -9.10
CA ASP D 280 24.92 -52.96 -8.02
C ASP D 280 24.60 -54.46 -7.90
N PRO D 281 24.46 -54.96 -6.65
CA PRO D 281 23.97 -56.33 -6.48
C PRO D 281 22.46 -56.32 -6.61
N LEU D 282 21.89 -57.39 -7.14
CA LEU D 282 20.44 -57.43 -7.35
C LEU D 282 19.91 -58.81 -7.03
N GLU D 283 18.63 -58.85 -6.65
CA GLU D 283 17.93 -60.11 -6.50
C GLU D 283 16.91 -60.26 -7.63
N ILE D 284 16.59 -61.50 -7.96
CA ILE D 284 15.57 -61.83 -8.96
C ILE D 284 14.47 -62.60 -8.25
N VAL D 285 13.29 -61.99 -8.11
CA VAL D 285 12.26 -62.53 -7.21
C VAL D 285 10.95 -62.88 -7.92
N GLY D 286 10.38 -64.02 -7.56
CA GLY D 286 9.10 -64.47 -8.10
C GLY D 286 9.24 -65.69 -8.99
N LEU D 287 8.19 -66.51 -9.02
CA LEU D 287 8.06 -67.63 -9.96
C LEU D 287 8.89 -68.87 -9.59
N ARG D 288 9.88 -68.68 -8.74
CA ARG D 288 10.78 -69.75 -8.37
C ARG D 288 11.55 -69.32 -7.13
N ASP D 289 12.77 -69.81 -6.97
CA ASP D 289 13.59 -69.40 -5.85
C ASP D 289 14.39 -68.15 -6.19
N THR D 290 14.59 -67.30 -5.20
CA THR D 290 15.22 -66.00 -5.43
C THR D 290 16.72 -66.12 -5.75
N THR D 291 17.04 -65.89 -7.03
CA THR D 291 18.43 -65.84 -7.46
C THR D 291 19.02 -64.51 -7.01
N THR D 292 20.34 -64.40 -7.04
CA THR D 292 21.03 -63.13 -6.85
C THR D 292 21.86 -62.87 -8.12
N THR D 293 22.37 -61.66 -8.27
CA THR D 293 23.16 -61.33 -9.47
C THR D 293 23.83 -59.95 -9.37
N THR D 294 24.29 -59.44 -10.51
CA THR D 294 25.02 -58.18 -10.55
C THR D 294 24.79 -57.48 -11.89
N CYS D 295 24.83 -56.16 -11.87
CA CYS D 295 24.63 -55.36 -13.08
C CYS D 295 25.97 -54.89 -13.66
N THR D 296 26.13 -55.01 -14.98
CA THR D 296 27.38 -54.62 -15.66
C THR D 296 27.14 -53.62 -16.80
N GLY D 297 25.95 -53.01 -16.83
CA GLY D 297 25.65 -51.97 -17.80
C GLY D 297 24.16 -51.81 -18.01
N VAL D 298 23.74 -50.66 -18.53
CA VAL D 298 22.34 -50.46 -18.89
C VAL D 298 22.21 -50.09 -20.36
N GLU D 299 21.37 -50.82 -21.08
CA GLU D 299 21.06 -50.50 -22.46
C GLU D 299 19.91 -49.51 -22.48
N MET D 300 20.20 -48.28 -22.90
CA MET D 300 19.15 -47.30 -23.14
C MET D 300 18.95 -47.17 -24.65
N PHE D 301 17.75 -46.76 -25.07
CA PHE D 301 17.53 -46.47 -26.48
C PHE D 301 18.72 -45.67 -27.01
N ARG D 302 19.40 -46.23 -28.01
CA ARG D 302 20.45 -45.53 -28.75
C ARG D 302 21.81 -45.44 -28.06
N LYS D 303 21.82 -45.46 -26.73
CA LYS D 303 23.06 -45.30 -25.96
C LYS D 303 23.29 -46.50 -25.03
N LEU D 304 24.55 -46.72 -24.65
CA LEU D 304 24.83 -47.62 -23.53
C LEU D 304 25.43 -46.81 -22.40
N LEU D 305 24.83 -46.90 -21.23
CA LEU D 305 25.19 -46.01 -20.12
C LEU D 305 25.51 -46.79 -18.85
N ASP D 306 25.77 -46.03 -17.79
CA ASP D 306 26.17 -46.61 -16.51
C ASP D 306 25.01 -46.64 -15.52
N GLU D 307 23.87 -46.05 -15.89
CA GLU D 307 22.71 -46.12 -15.00
C GLU D 307 21.37 -45.90 -15.71
N GLY D 308 20.35 -46.62 -15.22
CA GLY D 308 18.98 -46.40 -15.61
C GLY D 308 18.16 -45.92 -14.42
N ARG D 309 17.24 -45.00 -14.68
CA ARG D 309 16.40 -44.43 -13.62
C ARG D 309 14.95 -44.89 -13.73
N ALA D 310 14.25 -44.81 -12.61
CA ALA D 310 12.83 -45.10 -12.58
C ALA D 310 12.09 -44.28 -13.65
N GLY D 311 11.23 -44.94 -14.42
CA GLY D 311 10.51 -44.30 -15.50
C GLY D 311 11.07 -44.66 -16.87
N GLU D 312 12.32 -45.09 -16.89
CA GLU D 312 13.04 -45.28 -18.14
C GLU D 312 12.96 -46.71 -18.68
N ASN D 313 12.81 -46.83 -19.99
CA ASN D 313 12.87 -48.12 -20.68
C ASN D 313 14.30 -48.50 -20.98
N CYS D 314 14.70 -49.70 -20.59
CA CYS D 314 16.08 -50.12 -20.81
C CYS D 314 16.33 -51.64 -20.78
N GLY D 315 17.60 -52.01 -20.96
CA GLY D 315 18.04 -53.38 -20.76
C GLY D 315 19.12 -53.38 -19.69
N VAL D 316 19.00 -54.25 -18.71
CA VAL D 316 20.02 -54.35 -17.68
C VAL D 316 20.94 -55.51 -18.00
N LEU D 317 22.24 -55.23 -18.09
CA LEU D 317 23.24 -56.25 -18.41
C LEU D 317 23.59 -57.08 -17.17
N LEU D 318 23.51 -58.40 -17.34
CA LEU D 318 23.76 -59.35 -16.25
C LEU D 318 24.78 -60.41 -16.67
N ARG D 319 26.04 -60.02 -16.83
CA ARG D 319 27.10 -61.01 -17.09
C ARG D 319 27.38 -61.76 -15.79
N GLY D 320 26.64 -62.84 -15.57
CA GLY D 320 26.68 -63.55 -14.30
C GLY D 320 25.51 -64.51 -14.12
N THR D 321 24.45 -64.31 -14.90
CA THR D 321 23.33 -65.25 -14.94
C THR D 321 23.09 -65.68 -16.39
N LYS D 322 22.43 -66.82 -16.58
CA LYS D 322 22.23 -67.36 -17.93
C LYS D 322 20.76 -67.56 -18.28
N ARG D 323 20.51 -67.92 -19.54
CA ARG D 323 19.14 -68.03 -20.08
C ARG D 323 18.17 -68.83 -19.20
N ASP D 324 18.69 -69.82 -18.48
CA ASP D 324 17.85 -70.71 -17.67
C ASP D 324 17.77 -70.26 -16.21
N ASP D 325 18.28 -69.07 -15.92
CA ASP D 325 18.31 -68.54 -14.55
C ASP D 325 17.28 -67.43 -14.33
N VAL D 326 16.83 -66.82 -15.42
CA VAL D 326 15.93 -65.66 -15.34
C VAL D 326 14.72 -65.80 -16.27
N GLU D 327 13.54 -65.50 -15.77
CA GLU D 327 12.30 -65.64 -16.54
C GLU D 327 11.51 -64.34 -16.55
N ARG D 328 10.64 -64.18 -17.55
CA ARG D 328 9.76 -63.01 -17.62
C ARG D 328 8.74 -63.06 -16.50
N GLY D 329 8.63 -61.96 -15.76
CA GLY D 329 7.70 -61.92 -14.64
C GLY D 329 8.43 -61.73 -13.33
N GLN D 330 9.67 -62.20 -13.30
CA GLN D 330 10.52 -62.01 -12.15
C GLN D 330 10.84 -60.52 -12.11
N VAL D 331 10.88 -59.96 -10.90
CA VAL D 331 11.24 -58.56 -10.76
C VAL D 331 12.69 -58.45 -10.34
N LEU D 332 13.42 -57.56 -10.98
CA LEU D 332 14.78 -57.27 -10.59
C LEU D 332 14.70 -56.22 -9.50
N VAL D 333 15.33 -56.48 -8.35
CA VAL D 333 15.17 -55.58 -7.22
C VAL D 333 16.45 -55.40 -6.41
N LYS D 334 16.44 -54.39 -5.56
CA LYS D 334 17.47 -54.27 -4.54
C LYS D 334 17.30 -55.44 -3.58
N PRO D 335 18.42 -56.07 -3.16
CA PRO D 335 18.29 -57.27 -2.32
C PRO D 335 17.61 -57.00 -0.98
N GLY D 336 16.72 -57.90 -0.57
CA GLY D 336 15.95 -57.74 0.67
C GLY D 336 14.84 -56.71 0.57
N SER D 337 14.75 -56.06 -0.58
CA SER D 337 13.80 -54.98 -0.83
C SER D 337 12.36 -55.45 -0.89
N VAL D 338 12.13 -56.52 -1.66
CA VAL D 338 10.80 -57.08 -1.81
C VAL D 338 10.95 -58.59 -1.76
N LYS D 339 9.91 -59.29 -1.34
CA LYS D 339 9.95 -60.74 -1.28
C LYS D 339 8.83 -61.35 -2.12
N PRO D 340 8.92 -62.66 -2.40
CA PRO D 340 7.88 -63.37 -3.16
C PRO D 340 6.81 -63.97 -2.25
N HIS D 341 5.54 -63.80 -2.61
CA HIS D 341 4.45 -64.28 -1.77
C HIS D 341 3.41 -65.05 -2.58
N THR D 342 2.37 -65.56 -1.93
CA THR D 342 1.44 -66.46 -2.62
C THR D 342 -0.04 -66.33 -2.21
N LYS D 343 -0.30 -66.12 -0.92
CA LYS D 343 -1.68 -66.05 -0.41
C LYS D 343 -1.94 -64.70 0.23
N PHE D 344 -3.00 -64.02 -0.18
CA PHE D 344 -3.24 -62.64 0.25
C PHE D 344 -4.71 -62.21 0.19
N THR D 345 -5.09 -61.31 1.09
CA THR D 345 -6.40 -60.67 1.00
C THR D 345 -6.31 -59.49 0.03
N ALA D 346 -7.40 -59.23 -0.67
CA ALA D 346 -7.40 -58.23 -1.72
C ALA D 346 -8.79 -57.66 -1.94
N GLU D 347 -8.85 -56.36 -2.12
CA GLU D 347 -10.09 -55.71 -2.51
C GLU D 347 -10.21 -55.76 -4.03
N VAL D 348 -11.31 -56.35 -4.51
CA VAL D 348 -11.50 -56.52 -5.94
C VAL D 348 -12.80 -55.85 -6.43
N TYR D 349 -12.69 -55.09 -7.52
CA TYR D 349 -13.86 -54.64 -8.28
C TYR D 349 -14.04 -55.53 -9.51
N VAL D 350 -15.19 -56.18 -9.64
CA VAL D 350 -15.46 -56.98 -10.84
C VAL D 350 -16.19 -56.12 -11.85
N LEU D 351 -15.69 -56.07 -13.08
CA LEU D 351 -16.27 -55.18 -14.08
C LEU D 351 -17.71 -55.58 -14.39
N SER D 352 -18.45 -54.64 -14.96
CA SER D 352 -19.79 -54.92 -15.45
C SER D 352 -19.66 -55.56 -16.83
N LYS D 353 -20.75 -56.10 -17.37
CA LYS D 353 -20.74 -56.54 -18.77
C LYS D 353 -20.47 -55.33 -19.67
N GLU D 354 -20.88 -54.14 -19.22
CA GLU D 354 -20.81 -52.93 -20.04
C GLU D 354 -19.40 -52.37 -20.12
N GLU D 355 -18.51 -52.89 -19.27
CA GLU D 355 -17.12 -52.47 -19.25
C GLU D 355 -16.22 -53.59 -19.81
N GLY D 356 -16.76 -54.35 -20.77
CA GLY D 356 -16.01 -55.40 -21.42
C GLY D 356 -15.75 -56.60 -20.52
N GLY D 357 -16.52 -56.70 -19.44
CA GLY D 357 -16.26 -57.71 -18.44
C GLY D 357 -17.18 -58.90 -18.57
N ARG D 358 -17.29 -59.62 -17.47
CA ARG D 358 -18.18 -60.78 -17.41
C ARG D 358 -19.64 -60.38 -17.39
N HIS D 359 -20.49 -61.32 -17.78
CA HIS D 359 -21.93 -61.14 -17.86
C HIS D 359 -22.60 -62.06 -16.86
N THR D 360 -21.82 -62.96 -16.27
CA THR D 360 -22.33 -64.09 -15.50
C THR D 360 -21.61 -64.16 -14.16
N PRO D 361 -22.35 -64.28 -13.05
CA PRO D 361 -21.74 -64.33 -11.71
C PRO D 361 -20.89 -65.58 -11.45
N PHE D 362 -19.92 -65.49 -10.54
CA PHE D 362 -19.06 -66.63 -10.22
C PHE D 362 -19.03 -66.94 -8.71
N PHE D 363 -18.35 -68.04 -8.37
CA PHE D 363 -18.45 -68.61 -7.03
C PHE D 363 -17.09 -69.01 -6.48
N LYS D 364 -17.11 -69.72 -5.35
CA LYS D 364 -15.90 -70.19 -4.72
C LYS D 364 -15.14 -71.14 -5.66
N GLY D 365 -13.82 -71.05 -5.65
CA GLY D 365 -12.99 -71.90 -6.49
C GLY D 365 -12.56 -71.21 -7.78
N TYR D 366 -13.25 -70.13 -8.13
CA TYR D 366 -12.91 -69.32 -9.30
C TYR D 366 -11.39 -69.30 -9.50
N ARG D 367 -10.94 -69.72 -10.68
CA ARG D 367 -9.51 -69.76 -10.99
C ARG D 367 -9.18 -68.83 -12.17
N PRO D 368 -9.24 -67.50 -11.94
CA PRO D 368 -8.89 -66.55 -13.00
C PRO D 368 -7.38 -66.36 -13.09
N GLN D 369 -6.95 -65.57 -14.07
CA GLN D 369 -5.55 -65.19 -14.22
C GLN D 369 -5.27 -63.82 -13.58
N PHE D 370 -4.31 -63.78 -12.65
CA PHE D 370 -3.94 -62.55 -11.97
C PHE D 370 -2.71 -61.93 -12.59
N TYR D 371 -2.88 -60.74 -13.16
CA TYR D 371 -1.77 -60.06 -13.82
C TYR D 371 -1.05 -59.10 -12.85
N PHE D 372 0.21 -59.42 -12.56
CA PHE D 372 1.05 -58.60 -11.70
C PHE D 372 2.21 -58.07 -12.50
N ARG D 373 2.23 -56.76 -12.73
CA ARG D 373 3.29 -56.13 -13.50
C ARG D 373 3.41 -56.76 -14.90
N THR D 374 4.19 -57.83 -15.05
CA THR D 374 4.40 -58.39 -16.38
C THR D 374 4.15 -59.90 -16.53
N THR D 375 3.24 -60.48 -15.74
CA THR D 375 2.87 -61.90 -15.92
C THR D 375 1.48 -62.27 -15.43
N ASP D 376 1.03 -63.45 -15.86
CA ASP D 376 -0.14 -64.12 -15.31
C ASP D 376 0.23 -65.11 -14.23
N VAL D 377 -0.71 -65.35 -13.32
CA VAL D 377 -0.63 -66.47 -12.39
C VAL D 377 -2.05 -66.86 -12.03
N THR D 378 -2.32 -68.16 -11.99
CA THR D 378 -3.63 -68.65 -11.61
C THR D 378 -3.78 -68.56 -10.10
N GLY D 379 -5.02 -68.38 -9.64
CA GLY D 379 -5.27 -68.34 -8.21
C GLY D 379 -6.66 -68.80 -7.84
N ASN D 380 -6.78 -69.36 -6.64
CA ASN D 380 -8.06 -69.81 -6.13
C ASN D 380 -8.69 -68.69 -5.31
N CYS D 381 -9.94 -68.37 -5.59
CA CYS D 381 -10.60 -67.28 -4.89
C CYS D 381 -11.47 -67.80 -3.75
N GLU D 382 -11.12 -67.36 -2.54
CA GLU D 382 -11.81 -67.74 -1.31
C GLU D 382 -12.64 -66.54 -0.85
N LEU D 383 -13.96 -66.68 -0.89
CA LEU D 383 -14.86 -65.57 -0.65
C LEU D 383 -15.18 -65.40 0.82
N PRO D 384 -15.70 -64.22 1.21
CA PRO D 384 -15.99 -63.91 2.61
C PRO D 384 -16.99 -64.89 3.22
N GLU D 385 -16.79 -65.29 4.47
CA GLU D 385 -17.69 -66.24 5.12
C GLU D 385 -19.13 -65.73 4.96
N GLY D 386 -19.99 -66.57 4.40
CA GLY D 386 -21.37 -66.19 4.16
C GLY D 386 -21.57 -65.57 2.79
N VAL D 387 -20.80 -66.05 1.82
CA VAL D 387 -20.93 -65.62 0.43
C VAL D 387 -20.71 -66.82 -0.49
N GLU D 388 -21.49 -66.86 -1.56
CA GLU D 388 -21.28 -67.83 -2.64
C GLU D 388 -21.37 -67.14 -4.00
N MET D 389 -22.19 -66.09 -4.08
CA MET D 389 -22.45 -65.39 -5.34
C MET D 389 -21.67 -64.06 -5.39
N VAL D 390 -21.19 -63.71 -6.60
CA VAL D 390 -20.52 -62.42 -6.85
C VAL D 390 -20.87 -61.90 -8.24
N MET D 391 -21.85 -61.00 -8.32
CA MET D 391 -22.34 -60.47 -9.60
C MET D 391 -21.43 -59.38 -10.12
N PRO D 392 -21.43 -59.17 -11.45
CA PRO D 392 -20.60 -58.10 -12.02
C PRO D 392 -20.87 -56.72 -11.38
N GLY D 393 -19.91 -55.80 -11.48
CA GLY D 393 -20.03 -54.48 -10.90
C GLY D 393 -19.99 -54.46 -9.38
N ASP D 394 -19.61 -55.58 -8.78
CA ASP D 394 -19.54 -55.71 -7.32
C ASP D 394 -18.12 -55.48 -6.84
N ASN D 395 -17.97 -55.16 -5.56
CA ASN D 395 -16.65 -55.15 -4.93
C ASN D 395 -16.65 -55.88 -3.59
N ILE D 396 -15.65 -56.73 -3.37
CA ILE D 396 -15.51 -57.44 -2.09
C ILE D 396 -14.07 -57.77 -1.78
N GLN D 397 -13.79 -58.07 -0.52
CA GLN D 397 -12.50 -58.62 -0.15
C GLN D 397 -12.56 -60.13 -0.32
N MET D 398 -11.58 -60.67 -1.02
CA MET D 398 -11.47 -62.09 -1.17
C MET D 398 -10.03 -62.51 -0.95
N THR D 399 -9.86 -63.68 -0.33
CA THR D 399 -8.53 -64.21 -0.09
C THR D 399 -8.09 -65.04 -1.29
N VAL D 400 -6.92 -64.72 -1.81
CA VAL D 400 -6.42 -65.35 -3.03
C VAL D 400 -5.18 -66.20 -2.74
N THR D 401 -5.22 -67.43 -3.24
CA THR D 401 -4.06 -68.31 -3.18
C THR D 401 -3.57 -68.56 -4.61
N LEU D 402 -2.40 -68.03 -4.93
CA LEU D 402 -1.80 -68.22 -6.24
C LEU D 402 -1.21 -69.63 -6.33
N ILE D 403 -0.65 -69.96 -7.49
CA ILE D 403 -0.09 -71.28 -7.73
C ILE D 403 1.44 -71.22 -7.68
N LYS D 404 2.03 -70.29 -8.44
CA LYS D 404 3.45 -70.01 -8.32
C LYS D 404 3.58 -68.78 -7.43
N THR D 405 4.79 -68.51 -6.95
CA THR D 405 5.03 -67.33 -6.11
C THR D 405 5.16 -66.14 -7.04
N ILE D 406 5.14 -64.93 -6.48
CA ILE D 406 5.28 -63.72 -7.26
C ILE D 406 5.67 -62.58 -6.32
N ALA D 407 6.43 -61.61 -6.82
CA ALA D 407 6.83 -60.47 -6.02
C ALA D 407 5.63 -59.56 -5.76
N MET D 408 5.46 -59.09 -4.53
CA MET D 408 4.33 -58.23 -4.22
C MET D 408 4.45 -57.57 -2.84
N GLU D 409 3.67 -56.50 -2.66
CA GLU D 409 3.54 -55.80 -1.39
C GLU D 409 2.09 -55.35 -1.19
N ASP D 410 1.73 -55.01 0.05
CA ASP D 410 0.45 -54.37 0.30
C ASP D 410 0.37 -53.11 -0.56
N GLY D 411 -0.77 -52.93 -1.23
CA GLY D 411 -0.99 -51.76 -2.04
C GLY D 411 -0.68 -51.95 -3.51
N LEU D 412 -0.07 -53.08 -3.85
CA LEU D 412 0.22 -53.38 -5.23
C LEU D 412 -1.08 -53.66 -6.01
N ARG D 413 -1.23 -53.06 -7.18
CA ARG D 413 -2.41 -53.31 -8.00
C ARG D 413 -2.24 -54.46 -9.01
N PHE D 414 -3.34 -55.13 -9.32
CA PHE D 414 -3.33 -56.21 -10.30
C PHE D 414 -4.63 -56.22 -11.11
N ALA D 415 -4.58 -56.89 -12.25
CA ALA D 415 -5.77 -57.16 -13.06
C ALA D 415 -6.18 -58.63 -12.94
N ILE D 416 -7.48 -58.88 -13.07
CA ILE D 416 -8.01 -60.24 -13.10
C ILE D 416 -8.61 -60.53 -14.48
N ARG D 417 -8.34 -61.71 -15.02
CA ARG D 417 -8.76 -62.00 -16.38
C ARG D 417 -9.00 -63.48 -16.65
N GLU D 418 -10.09 -63.77 -17.34
CA GLU D 418 -10.29 -65.05 -17.98
C GLU D 418 -9.88 -64.89 -19.44
N GLY D 419 -8.94 -65.71 -19.89
CA GLY D 419 -8.54 -65.74 -21.29
C GLY D 419 -8.38 -64.40 -21.96
N GLY D 420 -7.43 -63.60 -21.47
CA GLY D 420 -6.99 -62.41 -22.16
C GLY D 420 -7.91 -61.20 -22.10
N ARG D 421 -9.08 -61.34 -21.51
CA ARG D 421 -10.00 -60.21 -21.35
C ARG D 421 -10.06 -59.78 -19.90
N THR D 422 -10.17 -58.47 -19.67
CA THR D 422 -10.16 -57.95 -18.31
C THR D 422 -11.55 -58.02 -17.68
N VAL D 423 -11.62 -58.71 -16.55
CA VAL D 423 -12.88 -58.94 -15.85
C VAL D 423 -12.85 -58.48 -14.39
N GLY D 424 -11.69 -58.02 -13.93
CA GLY D 424 -11.55 -57.54 -12.57
C GLY D 424 -10.32 -56.67 -12.36
N ALA D 425 -10.34 -55.88 -11.29
CA ALA D 425 -9.19 -55.09 -10.88
C ALA D 425 -9.06 -55.11 -9.37
N GLY D 426 -7.86 -55.31 -8.88
CA GLY D 426 -7.69 -55.44 -7.45
C GLY D 426 -6.46 -54.77 -6.91
N VAL D 427 -6.46 -54.62 -5.59
CA VAL D 427 -5.28 -54.17 -4.88
C VAL D 427 -5.05 -55.12 -3.71
N VAL D 428 -3.79 -55.44 -3.42
CA VAL D 428 -3.46 -56.33 -2.31
C VAL D 428 -3.65 -55.60 -1.00
N ALA D 429 -4.52 -56.12 -0.14
CA ALA D 429 -4.81 -55.49 1.15
C ALA D 429 -3.79 -55.95 2.19
N LYS D 430 -3.73 -57.26 2.45
CA LYS D 430 -2.76 -57.82 3.38
C LYS D 430 -2.14 -59.10 2.82
N ILE D 431 -0.83 -59.24 2.99
CA ILE D 431 -0.13 -60.48 2.62
C ILE D 431 -0.28 -61.52 3.72
N ILE D 432 -0.62 -62.75 3.34
CA ILE D 432 -0.81 -63.83 4.32
C ILE D 432 0.41 -64.78 4.35
N GLU D 433 0.69 -65.44 3.23
CA GLU D 433 1.86 -66.31 3.14
C GLU D 433 2.89 -65.73 2.16
N SER E 45 7.61 -15.33 -13.30
CA SER E 45 6.81 -15.80 -14.43
C SER E 45 7.28 -15.12 -15.73
N LEU E 46 7.29 -15.88 -16.82
CA LEU E 46 7.65 -15.36 -18.13
C LEU E 46 6.38 -15.01 -18.91
N PRO E 47 6.49 -14.07 -19.88
CA PRO E 47 5.32 -13.58 -20.64
C PRO E 47 4.83 -14.56 -21.72
N HIS E 48 3.53 -14.84 -21.72
CA HIS E 48 2.93 -15.79 -22.67
C HIS E 48 2.78 -15.18 -24.06
N VAL E 49 3.34 -15.86 -25.07
CA VAL E 49 3.17 -15.45 -26.46
C VAL E 49 2.54 -16.58 -27.27
N ASN E 50 1.41 -16.29 -27.90
CA ASN E 50 0.72 -17.28 -28.75
C ASN E 50 1.35 -17.39 -30.13
N VAL E 51 1.89 -18.57 -30.47
CA VAL E 51 2.42 -18.82 -31.80
C VAL E 51 1.98 -20.20 -32.28
N GLY E 52 2.16 -20.47 -33.57
CA GLY E 52 1.81 -21.75 -34.17
C GLY E 52 2.44 -21.96 -35.53
N THR E 53 2.38 -23.20 -36.02
CA THR E 53 2.99 -23.53 -37.32
C THR E 53 1.99 -23.48 -38.47
N ILE E 54 2.42 -22.85 -39.57
CA ILE E 54 1.64 -22.87 -40.80
C ILE E 54 2.50 -23.34 -41.97
N GLY E 55 1.85 -23.94 -42.96
CA GLY E 55 2.48 -24.28 -44.23
C GLY E 55 1.67 -25.36 -44.93
N HIS E 56 2.16 -25.80 -46.08
CA HIS E 56 1.54 -26.90 -46.82
C HIS E 56 1.74 -28.23 -46.11
N VAL E 57 0.82 -29.17 -46.36
CA VAL E 57 0.93 -30.50 -45.77
C VAL E 57 2.27 -31.14 -46.14
N ASP E 58 2.92 -31.76 -45.17
CA ASP E 58 4.12 -32.55 -45.42
C ASP E 58 5.44 -31.75 -45.50
N HIS E 59 5.39 -30.44 -45.24
CA HIS E 59 6.63 -29.65 -45.22
C HIS E 59 7.35 -29.74 -43.88
N GLY E 60 6.69 -30.31 -42.88
CA GLY E 60 7.35 -30.61 -41.62
C GLY E 60 6.89 -29.77 -40.44
N LYS E 61 5.64 -29.35 -40.47
CA LYS E 61 5.08 -28.54 -39.39
C LYS E 61 5.09 -29.29 -38.06
N THR E 62 4.45 -30.46 -38.04
CA THR E 62 4.36 -31.25 -36.81
C THR E 62 5.76 -31.66 -36.35
N THR E 63 6.62 -31.98 -37.32
CA THR E 63 8.02 -32.26 -37.04
C THR E 63 8.71 -31.10 -36.33
N LEU E 64 8.47 -29.87 -36.81
CA LEU E 64 9.11 -28.70 -36.20
C LEU E 64 8.56 -28.46 -34.81
N THR E 65 7.28 -28.70 -34.63
CA THR E 65 6.64 -28.53 -33.33
C THR E 65 7.31 -29.44 -32.31
N ALA E 66 7.34 -30.75 -32.60
CA ALA E 66 7.95 -31.72 -31.71
C ALA E 66 9.44 -31.42 -31.50
N ALA E 67 10.07 -30.84 -32.53
CA ALA E 67 11.48 -30.50 -32.45
C ALA E 67 11.70 -29.31 -31.51
N LEU E 68 10.79 -28.35 -31.55
CA LEU E 68 10.93 -27.15 -30.73
C LEU E 68 10.95 -27.51 -29.25
N THR E 69 10.10 -28.45 -28.85
CA THR E 69 10.01 -28.85 -27.45
C THR E 69 11.24 -29.63 -27.02
N ARG E 70 11.77 -30.48 -27.89
CA ARG E 70 12.99 -31.21 -27.54
C ARG E 70 14.14 -30.23 -27.35
N VAL E 71 14.24 -29.25 -28.24
CA VAL E 71 15.34 -28.28 -28.23
C VAL E 71 15.21 -27.36 -27.02
N CYS E 72 13.99 -26.91 -26.73
CA CYS E 72 13.74 -26.01 -25.62
C CYS E 72 13.72 -26.74 -24.28
N SER E 73 14.04 -28.02 -24.30
CA SER E 73 14.17 -28.79 -23.07
C SER E 73 15.64 -29.18 -22.86
N GLU E 74 16.38 -29.31 -23.96
CA GLU E 74 17.79 -29.71 -23.89
C GLU E 74 18.73 -28.52 -23.72
N VAL E 75 18.19 -27.30 -23.86
CA VAL E 75 18.98 -26.09 -23.60
C VAL E 75 18.37 -25.22 -22.50
N PHE E 76 17.05 -25.04 -22.53
CA PHE E 76 16.37 -24.17 -21.56
C PHE E 76 15.72 -25.00 -20.44
N GLY E 77 14.72 -25.81 -20.79
CA GLY E 77 14.05 -26.68 -19.83
C GLY E 77 12.53 -26.64 -19.94
N SER E 78 11.87 -27.67 -19.44
CA SER E 78 10.41 -27.70 -19.39
C SER E 78 9.91 -28.69 -18.35
N THR E 98 -17.05 -27.25 -35.31
CA THR E 98 -15.80 -27.32 -34.57
C THR E 98 -14.71 -28.15 -35.30
N ILE E 99 -13.46 -27.99 -34.87
CA ILE E 99 -12.32 -28.71 -35.44
C ILE E 99 -11.32 -29.15 -34.36
N ASN E 100 -10.20 -29.75 -34.79
CA ASN E 100 -9.26 -30.40 -33.87
C ASN E 100 -7.82 -29.90 -34.00
N THR E 101 -7.13 -29.81 -32.86
CA THR E 101 -5.78 -29.27 -32.87
C THR E 101 -4.96 -29.71 -31.64
N ALA E 102 -3.64 -29.78 -31.83
CA ALA E 102 -2.71 -30.09 -30.77
C ALA E 102 -2.07 -28.81 -30.22
N HIS E 103 -1.80 -28.80 -28.92
CA HIS E 103 -1.11 -27.68 -28.30
C HIS E 103 0.14 -28.18 -27.59
N VAL E 104 1.21 -27.39 -27.64
CA VAL E 104 2.36 -27.65 -26.79
C VAL E 104 2.91 -26.36 -26.20
N GLU E 105 3.74 -26.49 -25.17
CA GLU E 105 4.36 -25.35 -24.54
C GLU E 105 5.87 -25.54 -24.47
N TYR E 106 6.61 -24.44 -24.53
CA TYR E 106 8.05 -24.48 -24.35
C TYR E 106 8.59 -23.09 -24.08
N ASN E 107 9.69 -23.01 -23.35
CA ASN E 107 10.24 -21.74 -22.93
C ASN E 107 11.56 -21.41 -23.63
N SER E 108 11.72 -20.13 -23.96
CA SER E 108 13.04 -19.54 -24.20
C SER E 108 13.36 -18.82 -22.89
N THR E 109 14.61 -18.50 -22.64
CA THR E 109 14.93 -17.75 -21.41
C THR E 109 14.09 -16.48 -21.28
N ILE E 110 13.81 -15.83 -22.41
CA ILE E 110 13.01 -14.61 -22.42
C ILE E 110 11.51 -14.84 -22.17
N ARG E 111 10.95 -15.91 -22.71
CA ARG E 111 9.49 -16.02 -22.77
C ARG E 111 8.91 -17.44 -22.78
N HIS E 112 7.60 -17.51 -22.61
CA HIS E 112 6.85 -18.77 -22.59
C HIS E 112 5.92 -18.82 -23.81
N TYR E 113 6.00 -19.88 -24.59
CA TYR E 113 5.27 -19.94 -25.85
C TYR E 113 4.12 -20.94 -25.84
N ALA E 114 2.95 -20.47 -26.29
CA ALA E 114 1.79 -21.32 -26.44
C ALA E 114 1.67 -21.64 -27.92
N HIS E 115 2.00 -22.87 -28.28
CA HIS E 115 2.21 -23.27 -29.68
C HIS E 115 1.08 -24.17 -30.22
N VAL E 116 0.42 -23.71 -31.29
CA VAL E 116 -0.63 -24.49 -31.96
C VAL E 116 -0.18 -25.11 -33.29
N ASP E 117 -0.65 -26.32 -33.57
CA ASP E 117 -0.39 -27.03 -34.82
C ASP E 117 -1.66 -27.80 -35.22
N CYS E 118 -2.04 -27.70 -36.50
CA CYS E 118 -3.21 -28.42 -37.02
C CYS E 118 -2.81 -29.37 -38.15
N PRO E 119 -3.56 -30.49 -38.28
CA PRO E 119 -3.29 -31.53 -39.28
C PRO E 119 -3.37 -31.07 -40.74
N GLY E 120 -4.57 -30.72 -41.21
CA GLY E 120 -4.78 -30.45 -42.62
C GLY E 120 -5.32 -29.06 -42.85
N HIS E 121 -5.32 -28.62 -44.12
CA HIS E 121 -5.72 -27.26 -44.46
C HIS E 121 -7.08 -26.86 -43.87
N ALA E 122 -8.02 -27.80 -43.84
CA ALA E 122 -9.36 -27.54 -43.32
C ALA E 122 -9.34 -27.01 -41.87
N ASP E 123 -8.53 -27.63 -41.02
CA ASP E 123 -8.41 -27.21 -39.64
C ASP E 123 -7.82 -25.81 -39.54
N TYR E 124 -6.80 -25.55 -40.36
CA TYR E 124 -6.14 -24.25 -40.35
C TYR E 124 -7.11 -23.11 -40.65
N VAL E 125 -7.95 -23.29 -41.67
CA VAL E 125 -8.96 -22.30 -42.00
C VAL E 125 -9.87 -22.06 -40.80
N LYS E 126 -10.30 -23.14 -40.17
CA LYS E 126 -11.20 -23.04 -39.04
C LYS E 126 -10.55 -22.29 -37.90
N ASN E 127 -9.48 -22.85 -37.36
CA ASN E 127 -8.84 -22.26 -36.19
C ASN E 127 -8.44 -20.80 -36.40
N MET E 128 -7.93 -20.44 -37.56
CA MET E 128 -7.50 -19.06 -37.78
C MET E 128 -8.66 -18.09 -37.55
N ILE E 129 -9.84 -18.45 -38.05
CA ILE E 129 -11.02 -17.58 -37.99
C ILE E 129 -11.76 -17.68 -36.65
N THR E 130 -11.66 -18.83 -35.98
CA THR E 130 -12.32 -19.03 -34.69
C THR E 130 -11.42 -19.73 -33.68
N GLY E 131 -10.11 -19.53 -33.80
CA GLY E 131 -9.14 -20.17 -32.92
C GLY E 131 -9.25 -19.68 -31.50
N ALA E 132 -9.34 -20.62 -30.56
CA ALA E 132 -9.43 -20.32 -29.14
C ALA E 132 -8.38 -19.26 -28.74
N ALA E 133 -7.24 -19.27 -29.44
CA ALA E 133 -6.17 -18.32 -29.20
C ALA E 133 -5.64 -17.76 -30.53
N GLN E 134 -5.73 -16.44 -30.67
CA GLN E 134 -5.21 -15.75 -31.85
C GLN E 134 -3.69 -15.67 -31.75
N MET E 135 -3.00 -16.08 -32.82
CA MET E 135 -1.54 -16.07 -32.86
C MET E 135 -0.96 -14.64 -32.85
N ASP E 136 0.02 -14.41 -31.98
CA ASP E 136 0.77 -13.15 -31.96
C ASP E 136 1.77 -13.11 -33.11
N GLY E 137 2.17 -14.30 -33.54
CA GLY E 137 3.00 -14.48 -34.72
C GLY E 137 2.84 -15.91 -35.20
N ALA E 138 3.13 -16.14 -36.47
CA ALA E 138 3.06 -17.47 -37.05
C ALA E 138 4.42 -17.88 -37.59
N ILE E 139 4.71 -19.18 -37.48
CA ILE E 139 5.91 -19.76 -38.07
C ILE E 139 5.52 -20.44 -39.38
N LEU E 140 5.95 -19.88 -40.50
CA LEU E 140 5.72 -20.50 -41.79
C LEU E 140 6.78 -21.56 -42.05
N VAL E 141 6.37 -22.80 -42.21
CA VAL E 141 7.30 -23.86 -42.60
C VAL E 141 7.16 -24.13 -44.10
N CYS E 142 8.27 -24.09 -44.81
CA CYS E 142 8.31 -24.37 -46.25
C CYS E 142 9.55 -25.18 -46.53
N SER E 143 9.41 -26.32 -47.21
CA SER E 143 10.58 -27.16 -47.43
C SER E 143 11.46 -26.58 -48.52
N ALA E 144 12.77 -26.70 -48.31
CA ALA E 144 13.76 -26.24 -49.29
C ALA E 144 13.71 -27.13 -50.53
N ALA E 145 13.38 -28.41 -50.32
CA ALA E 145 13.39 -29.40 -51.40
C ALA E 145 12.25 -29.19 -52.40
N ASP E 146 11.02 -29.10 -51.90
CA ASP E 146 9.85 -28.96 -52.77
C ASP E 146 9.51 -27.52 -53.11
N GLY E 147 9.88 -26.59 -52.22
CA GLY E 147 9.53 -25.20 -52.40
C GLY E 147 8.05 -24.90 -52.16
N PRO E 148 7.67 -23.65 -52.43
CA PRO E 148 6.33 -23.06 -52.23
C PRO E 148 5.22 -23.86 -52.92
N MET E 149 4.15 -24.14 -52.17
CA MET E 149 2.97 -24.83 -52.68
C MET E 149 1.68 -24.15 -52.20
N PRO E 150 0.52 -24.52 -52.76
CA PRO E 150 -0.73 -23.75 -52.62
C PRO E 150 -1.05 -23.26 -51.22
N GLN E 151 -0.99 -24.11 -50.20
CA GLN E 151 -1.19 -23.69 -48.82
C GLN E 151 -0.10 -22.76 -48.28
N THR E 152 1.13 -22.91 -48.75
CA THR E 152 2.18 -21.97 -48.40
C THR E 152 1.70 -20.55 -48.71
N ARG E 153 1.06 -20.40 -49.87
CA ARG E 153 0.44 -19.14 -50.25
C ARG E 153 -0.87 -18.89 -49.51
N GLU E 154 -1.74 -19.89 -49.44
CA GLU E 154 -3.05 -19.67 -48.86
C GLU E 154 -2.94 -19.28 -47.39
N HIS E 155 -1.94 -19.82 -46.70
CA HIS E 155 -1.77 -19.53 -45.27
C HIS E 155 -1.14 -18.16 -45.01
N ILE E 156 -0.25 -17.73 -45.88
CA ILE E 156 0.27 -16.38 -45.80
C ILE E 156 -0.89 -15.41 -46.02
N LEU E 157 -1.74 -15.71 -47.00
CA LEU E 157 -2.91 -14.88 -47.25
C LEU E 157 -3.85 -14.91 -46.04
N LEU E 158 -4.10 -16.10 -45.50
CA LEU E 158 -5.01 -16.24 -44.36
C LEU E 158 -4.51 -15.48 -43.13
N SER E 159 -3.19 -15.44 -42.93
CA SER E 159 -2.59 -14.67 -41.83
C SER E 159 -2.91 -13.19 -41.96
N ARG E 160 -2.81 -12.67 -43.18
CA ARG E 160 -3.15 -11.27 -43.47
C ARG E 160 -4.61 -11.00 -43.15
N GLN E 161 -5.49 -11.90 -43.58
CA GLN E 161 -6.92 -11.73 -43.39
C GLN E 161 -7.33 -11.61 -41.94
N VAL E 162 -6.76 -12.47 -41.09
CA VAL E 162 -7.18 -12.59 -39.69
C VAL E 162 -6.31 -11.80 -38.71
N GLY E 163 -5.37 -11.01 -39.24
CA GLY E 163 -4.63 -10.05 -38.43
C GLY E 163 -3.37 -10.54 -37.73
N VAL E 164 -2.78 -11.63 -38.19
CA VAL E 164 -1.50 -12.07 -37.64
C VAL E 164 -0.46 -11.03 -38.03
N PRO E 165 0.16 -10.39 -37.02
CA PRO E 165 1.02 -9.24 -37.32
C PRO E 165 2.42 -9.63 -37.80
N TYR E 166 2.94 -10.75 -37.31
CA TYR E 166 4.30 -11.16 -37.64
C TYR E 166 4.36 -12.59 -38.17
N ILE E 167 5.14 -12.80 -39.24
CA ILE E 167 5.43 -14.14 -39.74
C ILE E 167 6.93 -14.35 -39.83
N VAL E 168 7.39 -15.48 -39.29
CA VAL E 168 8.78 -15.91 -39.45
C VAL E 168 8.77 -17.14 -40.32
N VAL E 169 9.92 -17.43 -40.94
CA VAL E 169 9.99 -18.52 -41.92
C VAL E 169 11.07 -19.54 -41.55
N PHE E 170 10.69 -20.80 -41.53
CA PHE E 170 11.65 -21.88 -41.34
C PHE E 170 11.70 -22.78 -42.57
N LEU E 171 12.75 -22.62 -43.38
CA LEU E 171 12.95 -23.47 -44.55
C LEU E 171 13.44 -24.84 -44.12
N ASN E 172 12.55 -25.82 -44.20
CA ASN E 172 12.80 -27.14 -43.63
C ASN E 172 13.33 -28.14 -44.66
N LYS E 173 13.79 -29.29 -44.17
CA LYS E 173 14.23 -30.37 -45.05
C LYS E 173 15.47 -29.95 -45.84
N ALA E 174 16.30 -29.12 -45.23
CA ALA E 174 17.52 -28.65 -45.87
C ALA E 174 18.55 -29.78 -46.02
N ASP E 175 18.37 -30.83 -45.23
CA ASP E 175 19.27 -31.98 -45.26
C ASP E 175 19.15 -32.75 -46.58
N LEU E 176 18.14 -32.39 -47.38
CA LEU E 176 17.96 -33.02 -48.69
C LEU E 176 18.52 -32.15 -49.82
N VAL E 177 19.30 -31.13 -49.48
CA VAL E 177 19.73 -30.16 -50.49
C VAL E 177 21.22 -29.81 -50.47
N ASP E 178 21.87 -29.98 -51.61
CA ASP E 178 23.24 -29.54 -51.82
C ASP E 178 23.29 -28.31 -52.74
N ASP E 179 22.15 -27.99 -53.36
CA ASP E 179 22.06 -26.92 -54.36
C ASP E 179 21.77 -25.55 -53.75
N ALA E 180 22.76 -24.66 -53.79
CA ALA E 180 22.62 -23.33 -53.19
C ALA E 180 21.66 -22.41 -53.95
N GLU E 181 21.61 -22.56 -55.28
CA GLU E 181 20.70 -21.75 -56.09
C GLU E 181 19.26 -22.14 -55.83
N LEU E 182 19.04 -23.34 -55.28
CA LEU E 182 17.72 -23.75 -54.85
C LEU E 182 17.35 -22.90 -53.65
N LEU E 183 18.21 -22.92 -52.63
CA LEU E 183 17.97 -22.16 -51.42
C LEU E 183 17.70 -20.70 -51.77
N GLU E 184 18.60 -20.09 -52.52
CA GLU E 184 18.43 -18.69 -52.93
C GLU E 184 17.11 -18.48 -53.67
N LEU E 185 16.71 -19.45 -54.49
CA LEU E 185 15.49 -19.34 -55.31
C LEU E 185 14.22 -19.54 -54.48
N VAL E 186 14.25 -20.53 -53.59
CA VAL E 186 13.11 -20.81 -52.73
C VAL E 186 12.92 -19.68 -51.72
N GLU E 187 14.06 -19.14 -51.26
CA GLU E 187 14.05 -18.05 -50.28
C GLU E 187 13.38 -16.81 -50.87
N MET E 188 13.67 -16.51 -52.14
CA MET E 188 13.11 -15.33 -52.79
C MET E 188 11.66 -15.56 -53.22
N GLU E 189 11.30 -16.81 -53.49
CA GLU E 189 9.92 -17.16 -53.76
C GLU E 189 9.06 -16.77 -52.57
N VAL E 190 9.54 -17.11 -51.39
CA VAL E 190 8.78 -16.92 -50.16
C VAL E 190 8.68 -15.43 -49.85
N ARG E 191 9.80 -14.72 -49.93
CA ARG E 191 9.82 -13.29 -49.64
C ARG E 191 8.83 -12.53 -50.52
N ASP E 192 8.79 -12.84 -51.81
CA ASP E 192 7.84 -12.19 -52.70
C ASP E 192 6.42 -12.57 -52.31
N LEU E 193 6.24 -13.82 -51.91
CA LEU E 193 4.96 -14.31 -51.46
C LEU E 193 4.48 -13.52 -50.23
N LEU E 194 5.38 -13.33 -49.26
CA LEU E 194 5.06 -12.58 -48.06
C LEU E 194 4.75 -11.12 -48.38
N SER E 195 5.63 -10.50 -49.17
CA SER E 195 5.45 -9.12 -49.62
C SER E 195 4.18 -8.99 -50.45
N THR E 196 3.77 -10.08 -51.08
CA THR E 196 2.57 -10.07 -51.91
C THR E 196 1.33 -9.78 -51.06
N TYR E 197 1.37 -10.17 -49.80
CA TYR E 197 0.23 -9.96 -48.91
C TYR E 197 0.52 -8.97 -47.80
N ASP E 198 1.38 -8.00 -48.12
CA ASP E 198 1.66 -6.82 -47.30
C ASP E 198 2.55 -7.11 -46.09
N PHE E 199 3.23 -8.26 -46.10
CA PHE E 199 4.22 -8.55 -45.08
C PHE E 199 5.60 -8.06 -45.50
N PRO E 200 6.45 -7.71 -44.53
CA PRO E 200 7.83 -7.29 -44.80
C PRO E 200 8.68 -8.41 -45.40
N GLY E 201 8.40 -8.78 -46.65
CA GLY E 201 9.08 -9.90 -47.27
C GLY E 201 10.59 -9.81 -47.18
N ASP E 202 11.11 -8.62 -47.45
CA ASP E 202 12.56 -8.38 -47.48
C ASP E 202 13.19 -8.43 -46.10
N ASP E 203 12.47 -7.97 -45.09
CA ASP E 203 13.01 -7.91 -43.74
C ASP E 203 12.67 -9.16 -42.94
N THR E 204 11.79 -9.99 -43.47
CA THR E 204 11.38 -11.21 -42.79
C THR E 204 12.57 -12.15 -42.58
N PRO E 205 12.78 -12.60 -41.33
CA PRO E 205 13.86 -13.58 -41.13
C PRO E 205 13.47 -14.96 -41.65
N ILE E 206 14.47 -15.70 -42.12
CA ILE E 206 14.28 -17.03 -42.66
C ILE E 206 15.39 -17.94 -42.19
N ILE E 207 15.05 -18.88 -41.30
CA ILE E 207 16.01 -19.84 -40.78
C ILE E 207 15.99 -21.07 -41.67
N ILE E 208 17.17 -21.51 -42.10
CA ILE E 208 17.29 -22.72 -42.92
C ILE E 208 17.87 -23.84 -42.09
N GLY E 209 17.21 -25.00 -42.12
CA GLY E 209 17.67 -26.16 -41.37
C GLY E 209 16.75 -27.33 -41.57
N SER E 210 16.96 -28.40 -40.82
CA SER E 210 16.04 -29.54 -40.85
C SER E 210 15.47 -29.84 -39.48
N ALA E 211 14.15 -29.78 -39.40
CA ALA E 211 13.43 -30.08 -38.19
C ALA E 211 13.72 -31.52 -37.76
N ARG E 212 13.64 -32.44 -38.71
CA ARG E 212 13.86 -33.85 -38.41
C ARG E 212 15.20 -34.04 -37.72
N MET E 213 16.21 -33.33 -38.21
CA MET E 213 17.55 -33.47 -37.65
C MET E 213 17.54 -33.03 -36.20
N ALA E 214 16.99 -31.86 -35.93
CA ALA E 214 16.92 -31.35 -34.57
C ALA E 214 16.09 -32.29 -33.67
N LEU E 215 15.03 -32.85 -34.22
CA LEU E 215 14.17 -33.73 -33.42
C LEU E 215 14.87 -35.04 -33.06
N GLU E 216 15.90 -35.40 -33.83
CA GLU E 216 16.66 -36.62 -33.58
C GLU E 216 17.94 -36.34 -32.77
N GLY E 217 18.21 -35.08 -32.48
CA GLY E 217 19.42 -34.70 -31.77
C GLY E 217 20.63 -34.57 -32.68
N LYS E 218 20.40 -34.42 -33.98
CA LYS E 218 21.49 -34.28 -34.95
C LYS E 218 21.75 -32.80 -35.23
N ASP E 219 23.03 -32.43 -35.36
CA ASP E 219 23.41 -31.03 -35.49
C ASP E 219 24.44 -30.80 -36.58
N ASP E 220 24.73 -31.83 -37.37
CA ASP E 220 25.73 -31.73 -38.44
C ASP E 220 25.59 -30.40 -39.20
N ASN E 221 26.70 -29.69 -39.36
CA ASN E 221 26.72 -28.41 -40.05
C ASN E 221 25.73 -27.40 -39.50
N GLU E 222 25.48 -27.47 -38.20
CA GLU E 222 24.61 -26.52 -37.51
C GLU E 222 23.25 -26.34 -38.19
N MET E 223 22.86 -27.31 -39.00
CA MET E 223 21.61 -27.22 -39.77
C MET E 223 20.47 -27.93 -39.05
N GLY E 224 20.79 -28.58 -37.93
CA GLY E 224 19.77 -29.24 -37.12
C GLY E 224 19.49 -28.46 -35.85
N THR E 225 19.84 -29.05 -34.71
CA THR E 225 19.59 -28.42 -33.42
C THR E 225 19.83 -26.91 -33.42
N THR E 226 20.94 -26.47 -34.02
CA THR E 226 21.32 -25.06 -34.00
C THR E 226 20.34 -24.17 -34.77
N ALA E 227 19.69 -24.72 -35.78
CA ALA E 227 18.75 -23.94 -36.58
C ALA E 227 17.42 -23.77 -35.84
N VAL E 228 17.06 -24.75 -35.03
CA VAL E 228 15.86 -24.65 -34.22
C VAL E 228 16.10 -23.68 -33.06
N LYS E 229 17.33 -23.68 -32.52
CA LYS E 229 17.71 -22.70 -31.50
C LYS E 229 17.69 -21.30 -32.10
N LYS E 230 18.22 -21.16 -33.31
CA LYS E 230 18.18 -19.88 -34.02
C LYS E 230 16.73 -19.45 -34.23
N LEU E 231 15.85 -20.43 -34.46
CA LEU E 231 14.42 -20.16 -34.64
C LEU E 231 13.79 -19.59 -33.38
N VAL E 232 14.08 -20.21 -32.25
CA VAL E 232 13.54 -19.73 -30.99
C VAL E 232 14.03 -18.32 -30.71
N GLU E 233 15.33 -18.10 -30.90
CA GLU E 233 15.94 -16.80 -30.69
C GLU E 233 15.31 -15.73 -31.59
N THR E 234 14.90 -16.14 -32.78
CA THR E 234 14.25 -15.20 -33.70
C THR E 234 12.88 -14.80 -33.15
N LEU E 235 12.17 -15.77 -32.57
CA LEU E 235 10.88 -15.49 -31.96
C LEU E 235 11.07 -14.50 -30.80
N ASP E 236 12.08 -14.77 -29.96
CA ASP E 236 12.44 -13.85 -28.88
C ASP E 236 12.55 -12.41 -29.36
N SER E 237 13.16 -12.24 -30.53
CA SER E 237 13.56 -10.94 -31.05
C SER E 237 12.48 -10.26 -31.91
N TYR E 238 12.02 -10.97 -32.92
CA TYR E 238 11.22 -10.37 -34.00
C TYR E 238 9.79 -10.06 -33.55
N ILE E 239 9.24 -10.89 -32.67
CA ILE E 239 7.88 -10.69 -32.18
C ILE E 239 7.89 -9.88 -30.89
N PRO E 240 7.26 -8.69 -30.90
CA PRO E 240 7.23 -7.94 -29.64
C PRO E 240 6.27 -8.58 -28.62
N GLU E 241 6.50 -8.31 -27.35
CA GLU E 241 5.63 -8.81 -26.30
C GLU E 241 4.25 -8.20 -26.49
N PRO E 242 3.22 -9.06 -26.56
CA PRO E 242 1.88 -8.54 -26.87
C PRO E 242 1.28 -7.71 -25.75
N VAL E 243 0.47 -6.72 -26.13
CA VAL E 243 -0.22 -5.90 -25.15
C VAL E 243 -1.32 -6.74 -24.52
N ARG E 244 -1.27 -6.85 -23.20
CA ARG E 244 -2.24 -7.64 -22.44
C ARG E 244 -3.57 -6.90 -22.44
N ALA E 245 -4.64 -7.63 -22.17
CA ALA E 245 -5.99 -7.08 -22.25
C ALA E 245 -6.20 -5.95 -21.24
N ILE E 246 -5.66 -6.15 -20.05
CA ILE E 246 -5.79 -5.18 -18.97
C ILE E 246 -5.17 -3.82 -19.34
N ASP E 247 -4.20 -3.83 -20.25
CA ASP E 247 -3.50 -2.60 -20.62
C ASP E 247 -4.07 -1.88 -21.85
N GLN E 248 -5.09 -2.47 -22.50
CA GLN E 248 -5.68 -1.83 -23.67
C GLN E 248 -6.72 -0.81 -23.26
N PRO E 249 -7.10 0.08 -24.17
CA PRO E 249 -8.15 1.07 -23.88
C PRO E 249 -9.45 0.41 -23.42
N PHE E 250 -10.07 0.95 -22.38
CA PHE E 250 -11.28 0.34 -21.80
C PHE E 250 -12.35 0.08 -22.84
N LEU E 251 -12.90 -1.12 -22.83
CA LEU E 251 -14.04 -1.47 -23.67
C LEU E 251 -14.91 -2.55 -23.03
N MET E 252 -16.21 -2.25 -22.91
CA MET E 252 -17.19 -3.21 -22.46
C MET E 252 -18.45 -3.15 -23.32
N PRO E 253 -18.84 -4.29 -23.93
CA PRO E 253 -20.11 -4.26 -24.67
C PRO E 253 -21.30 -4.35 -23.69
N ILE E 254 -22.32 -3.55 -23.96
CA ILE E 254 -23.44 -3.42 -23.05
C ILE E 254 -24.51 -4.48 -23.32
N GLU E 255 -24.97 -5.12 -22.24
CA GLU E 255 -26.04 -6.10 -22.32
C GLU E 255 -27.36 -5.51 -21.81
N ASP E 256 -27.48 -5.36 -20.49
CA ASP E 256 -28.67 -4.80 -19.87
C ASP E 256 -28.47 -3.35 -19.45
N VAL E 257 -29.58 -2.65 -19.30
CA VAL E 257 -29.64 -1.24 -18.95
C VAL E 257 -30.71 -1.03 -17.88
N PHE E 258 -30.35 -0.44 -16.75
CA PHE E 258 -31.32 -0.20 -15.67
C PHE E 258 -31.23 1.24 -15.20
N SER E 259 -32.34 1.95 -15.12
CA SER E 259 -32.27 3.35 -14.71
C SER E 259 -32.40 3.47 -13.20
N ILE E 260 -31.82 4.51 -12.63
CA ILE E 260 -32.03 4.88 -11.24
C ILE E 260 -32.54 6.29 -11.25
N SER E 261 -33.75 6.50 -10.74
CA SER E 261 -34.41 7.80 -10.89
C SER E 261 -33.46 8.96 -10.60
N GLY E 262 -33.32 9.86 -11.57
CA GLY E 262 -32.55 11.08 -11.41
C GLY E 262 -31.13 10.89 -10.93
N ARG E 263 -30.62 9.67 -11.09
CA ARG E 263 -29.25 9.33 -10.72
C ARG E 263 -28.53 8.69 -11.90
N GLY E 264 -29.21 8.67 -13.05
CA GLY E 264 -28.61 8.11 -14.25
C GLY E 264 -28.91 6.64 -14.45
N THR E 265 -27.89 5.90 -14.87
CA THR E 265 -28.11 4.56 -15.39
C THR E 265 -27.00 3.57 -14.98
N VAL E 266 -27.39 2.31 -14.85
CA VAL E 266 -26.45 1.20 -14.76
C VAL E 266 -26.48 0.42 -16.06
N VAL E 267 -25.32 0.19 -16.66
CA VAL E 267 -25.23 -0.67 -17.84
C VAL E 267 -24.31 -1.84 -17.49
N THR E 268 -24.76 -3.05 -17.81
CA THR E 268 -24.09 -4.26 -17.37
C THR E 268 -23.38 -4.99 -18.51
N GLY E 269 -22.37 -5.79 -18.17
CA GLY E 269 -21.69 -6.60 -19.16
C GLY E 269 -20.39 -7.14 -18.60
N ARG E 270 -19.64 -7.83 -19.45
CA ARG E 270 -18.33 -8.31 -19.09
C ARG E 270 -17.28 -7.41 -19.74
N ILE E 271 -16.44 -6.79 -18.91
CA ILE E 271 -15.37 -5.95 -19.42
C ILE E 271 -14.43 -6.78 -20.28
N GLU E 272 -14.32 -6.43 -21.55
CA GLU E 272 -13.49 -7.16 -22.47
C GLU E 272 -12.02 -6.75 -22.35
N ARG E 273 -11.78 -5.47 -22.09
CA ARG E 273 -10.41 -5.00 -21.96
C ARG E 273 -10.29 -3.67 -21.19
N GLY E 274 -9.11 -3.43 -20.64
CA GLY E 274 -8.83 -2.20 -19.92
C GLY E 274 -9.46 -2.13 -18.54
N ILE E 275 -9.58 -0.91 -18.05
CA ILE E 275 -10.05 -0.63 -16.70
C ILE E 275 -10.92 0.62 -16.72
N VAL E 276 -12.00 0.60 -15.94
CA VAL E 276 -12.83 1.78 -15.75
C VAL E 276 -12.85 2.20 -14.28
N ARG E 277 -12.76 3.51 -14.03
CA ARG E 277 -12.76 4.02 -12.66
C ARG E 277 -13.78 5.12 -12.46
N VAL E 278 -14.25 5.29 -11.21
CA VAL E 278 -15.11 6.42 -10.88
C VAL E 278 -14.50 7.73 -11.43
N GLN E 279 -15.31 8.56 -12.09
CA GLN E 279 -14.89 9.86 -12.65
C GLN E 279 -14.24 9.79 -14.06
N ASP E 280 -14.01 8.58 -14.57
CA ASP E 280 -13.48 8.42 -15.92
C ASP E 280 -14.52 8.85 -16.96
N PRO E 281 -14.09 9.65 -17.95
CA PRO E 281 -15.05 9.93 -19.01
C PRO E 281 -15.17 8.72 -19.92
N LEU E 282 -16.35 8.53 -20.52
CA LEU E 282 -16.58 7.41 -21.42
C LEU E 282 -17.41 7.84 -22.63
N GLU E 283 -17.23 7.14 -23.75
CA GLU E 283 -18.14 7.25 -24.88
C GLU E 283 -19.03 6.01 -25.02
N ILE E 284 -20.22 6.22 -25.57
CA ILE E 284 -21.17 5.15 -25.86
C ILE E 284 -21.27 5.05 -27.38
N VAL E 285 -20.79 3.92 -27.92
CA VAL E 285 -20.56 3.83 -29.36
C VAL E 285 -21.34 2.70 -30.03
N GLY E 286 -21.91 3.05 -31.19
CA GLY E 286 -22.54 2.09 -32.08
C GLY E 286 -24.04 2.22 -32.07
N LEU E 287 -24.66 1.69 -33.14
CA LEU E 287 -26.12 1.68 -33.35
C LEU E 287 -26.77 3.06 -33.37
N ARG E 288 -26.00 4.11 -33.15
CA ARG E 288 -26.58 5.40 -32.83
C ARG E 288 -25.49 6.42 -32.65
N ASP E 289 -25.85 7.70 -32.72
CA ASP E 289 -24.89 8.78 -32.55
C ASP E 289 -24.13 8.64 -31.24
N THR E 290 -22.80 8.55 -31.36
CA THR E 290 -21.93 8.47 -30.22
C THR E 290 -22.28 9.53 -29.18
N THR E 291 -22.14 9.14 -27.91
CA THR E 291 -22.60 9.95 -26.79
C THR E 291 -21.50 9.96 -25.71
N THR E 292 -21.54 10.92 -24.81
CA THR E 292 -20.57 10.99 -23.72
C THR E 292 -21.23 10.83 -22.36
N THR E 293 -20.46 10.32 -21.40
CA THR E 293 -20.96 10.09 -20.06
C THR E 293 -19.78 9.95 -19.12
N THR E 294 -20.04 9.86 -17.81
CA THR E 294 -18.98 9.72 -16.81
C THR E 294 -19.28 8.57 -15.86
N CYS E 295 -18.31 7.70 -15.63
CA CYS E 295 -18.51 6.60 -14.68
C CYS E 295 -18.63 7.14 -13.25
N THR E 296 -19.70 6.78 -12.55
CA THR E 296 -19.90 7.19 -11.16
C THR E 296 -19.82 6.03 -10.14
N GLY E 297 -19.60 4.82 -10.62
CA GLY E 297 -19.48 3.67 -9.72
C GLY E 297 -19.33 2.38 -10.51
N VAL E 298 -18.87 1.31 -9.85
CA VAL E 298 -18.82 0.01 -10.49
C VAL E 298 -19.39 -1.07 -9.58
N GLU E 299 -20.48 -1.69 -10.03
CA GLU E 299 -21.16 -2.73 -9.30
C GLU E 299 -20.62 -4.08 -9.74
N MET E 300 -20.21 -4.89 -8.77
CA MET E 300 -19.85 -6.29 -9.04
C MET E 300 -20.60 -7.24 -8.11
N PHE E 301 -20.44 -8.54 -8.30
CA PHE E 301 -21.08 -9.53 -7.42
C PHE E 301 -20.74 -9.13 -5.98
N ARG E 302 -21.79 -8.82 -5.22
CA ARG E 302 -21.73 -8.59 -3.77
C ARG E 302 -21.10 -7.24 -3.37
N LYS E 303 -20.56 -6.49 -4.31
CA LYS E 303 -20.00 -5.20 -3.92
C LYS E 303 -20.07 -4.08 -4.95
N LEU E 304 -20.17 -2.87 -4.41
CA LEU E 304 -20.10 -1.65 -5.20
C LEU E 304 -18.71 -1.08 -4.99
N LEU E 305 -17.91 -1.18 -6.06
CA LEU E 305 -16.51 -0.73 -6.04
C LEU E 305 -16.27 0.59 -6.80
N ASP E 306 -15.00 1.01 -6.81
CA ASP E 306 -14.51 2.21 -7.48
C ASP E 306 -13.99 1.89 -8.84
N GLU E 307 -13.68 0.62 -9.11
CA GLU E 307 -13.15 0.25 -10.41
C GLU E 307 -13.56 -1.14 -10.88
N GLY E 308 -13.40 -1.37 -12.18
CA GLY E 308 -13.64 -2.67 -12.78
C GLY E 308 -12.58 -2.95 -13.82
N ARG E 309 -12.18 -4.22 -13.94
CA ARG E 309 -11.07 -4.63 -14.79
C ARG E 309 -11.52 -5.62 -15.84
N ALA E 310 -10.68 -5.84 -16.84
CA ALA E 310 -10.93 -6.79 -17.92
C ALA E 310 -11.23 -8.16 -17.37
N GLY E 311 -12.27 -8.79 -17.92
CA GLY E 311 -12.66 -10.12 -17.49
C GLY E 311 -13.76 -10.14 -16.44
N GLU E 312 -13.95 -9.03 -15.74
CA GLU E 312 -14.95 -8.94 -14.68
C GLU E 312 -16.36 -8.58 -15.20
N ASN E 313 -17.37 -9.24 -14.63
CA ASN E 313 -18.79 -8.93 -14.89
C ASN E 313 -19.29 -7.79 -13.98
N CYS E 314 -19.94 -6.78 -14.55
CA CYS E 314 -20.31 -5.67 -13.68
C CYS E 314 -21.45 -4.79 -14.15
N GLY E 315 -21.81 -3.86 -13.29
CA GLY E 315 -22.71 -2.78 -13.65
C GLY E 315 -21.94 -1.49 -13.50
N VAL E 316 -21.81 -0.76 -14.61
CA VAL E 316 -21.14 0.54 -14.60
C VAL E 316 -22.21 1.60 -14.43
N LEU E 317 -22.12 2.36 -13.35
CA LEU E 317 -23.07 3.44 -13.11
C LEU E 317 -22.63 4.65 -13.97
N LEU E 318 -23.59 5.27 -14.63
CA LEU E 318 -23.35 6.41 -15.53
C LEU E 318 -24.15 7.63 -15.10
N ARG E 319 -23.49 8.77 -14.93
CA ARG E 319 -24.17 10.02 -14.61
C ARG E 319 -25.12 10.44 -15.70
N GLY E 320 -26.23 11.05 -15.29
CA GLY E 320 -27.15 11.74 -16.20
C GLY E 320 -27.27 11.14 -17.59
N THR E 321 -27.23 9.82 -17.67
CA THR E 321 -27.54 9.11 -18.91
C THR E 321 -28.87 8.44 -18.67
N LYS E 322 -29.86 8.81 -19.47
CA LYS E 322 -31.22 8.34 -19.29
C LYS E 322 -31.42 6.92 -19.82
N ARG E 323 -32.53 6.30 -19.43
CA ARG E 323 -32.88 4.94 -19.84
C ARG E 323 -32.89 4.75 -21.36
N ASP E 324 -33.11 5.84 -22.10
CA ASP E 324 -33.17 5.77 -23.56
C ASP E 324 -32.06 6.54 -24.28
N ASP E 325 -30.98 6.82 -23.56
CA ASP E 325 -29.78 7.36 -24.17
C ASP E 325 -28.81 6.22 -24.48
N VAL E 326 -29.23 4.98 -24.17
CA VAL E 326 -28.32 3.83 -24.20
C VAL E 326 -29.05 2.50 -24.41
N GLU E 327 -28.43 1.59 -25.16
CA GLU E 327 -29.07 0.31 -25.49
C GLU E 327 -28.07 -0.86 -25.61
N ARG E 328 -28.62 -2.08 -25.53
CA ARG E 328 -27.85 -3.30 -25.71
C ARG E 328 -27.12 -3.32 -27.05
N GLY E 329 -25.84 -3.70 -27.03
CA GLY E 329 -25.06 -3.84 -28.26
C GLY E 329 -24.15 -2.65 -28.49
N GLN E 330 -24.46 -1.52 -27.86
CA GLN E 330 -23.51 -0.41 -27.84
C GLN E 330 -22.33 -0.82 -26.97
N VAL E 331 -21.23 -0.11 -27.10
CA VAL E 331 -20.07 -0.43 -26.30
C VAL E 331 -19.60 0.79 -25.55
N LEU E 332 -19.30 0.58 -24.28
CA LEU E 332 -18.77 1.61 -23.41
C LEU E 332 -17.25 1.65 -23.61
N VAL E 333 -16.72 2.82 -23.93
CA VAL E 333 -15.36 2.89 -24.44
C VAL E 333 -14.59 4.12 -23.96
N LYS E 334 -13.28 3.96 -23.81
CA LYS E 334 -12.43 5.11 -23.59
C LYS E 334 -12.69 6.10 -24.74
N PRO E 335 -12.91 7.39 -24.41
CA PRO E 335 -13.23 8.33 -25.49
C PRO E 335 -12.21 8.33 -26.65
N GLY E 336 -12.71 8.33 -27.88
CA GLY E 336 -11.86 8.40 -29.06
C GLY E 336 -11.19 7.09 -29.42
N SER E 337 -11.36 6.10 -28.56
CA SER E 337 -10.67 4.82 -28.66
C SER E 337 -11.14 3.92 -29.81
N VAL E 338 -12.45 3.94 -30.07
CA VAL E 338 -13.08 3.07 -31.04
C VAL E 338 -14.20 3.85 -31.71
N LYS E 339 -14.46 3.53 -32.98
CA LYS E 339 -15.44 4.29 -33.76
C LYS E 339 -16.43 3.32 -34.36
N PRO E 340 -17.66 3.80 -34.63
CA PRO E 340 -18.71 2.99 -35.24
C PRO E 340 -18.53 2.92 -36.77
N HIS E 341 -18.78 1.76 -37.35
CA HIS E 341 -18.65 1.59 -38.81
C HIS E 341 -19.79 0.74 -39.34
N THR E 342 -19.94 0.72 -40.66
CA THR E 342 -20.98 -0.09 -41.31
C THR E 342 -20.44 -1.01 -42.41
N LYS E 343 -19.45 -0.55 -43.16
CA LYS E 343 -18.98 -1.33 -44.30
C LYS E 343 -17.56 -1.83 -44.10
N PHE E 344 -17.34 -3.09 -44.45
CA PHE E 344 -16.04 -3.74 -44.18
C PHE E 344 -15.82 -5.01 -44.99
N THR E 345 -14.56 -5.35 -45.17
CA THR E 345 -14.19 -6.58 -45.84
C THR E 345 -13.92 -7.63 -44.77
N ALA E 346 -14.28 -8.87 -45.03
CA ALA E 346 -14.23 -9.91 -44.01
C ALA E 346 -13.92 -11.29 -44.58
N GLU E 347 -13.15 -12.09 -43.83
CA GLU E 347 -13.01 -13.52 -44.09
C GLU E 347 -14.15 -14.23 -43.37
N VAL E 348 -14.75 -15.20 -44.03
CA VAL E 348 -15.86 -15.92 -43.43
C VAL E 348 -15.70 -17.42 -43.66
N TYR E 349 -15.94 -18.19 -42.61
CA TYR E 349 -16.05 -19.63 -42.77
C TYR E 349 -17.52 -20.01 -42.69
N VAL E 350 -17.99 -20.69 -43.74
CA VAL E 350 -19.34 -21.22 -43.77
C VAL E 350 -19.37 -22.62 -43.15
N LEU E 351 -20.33 -22.84 -42.26
CA LEU E 351 -20.49 -24.15 -41.61
C LEU E 351 -20.99 -25.19 -42.60
N SER E 352 -20.80 -26.46 -42.25
CA SER E 352 -21.29 -27.58 -43.04
C SER E 352 -22.58 -28.11 -42.47
N LYS E 353 -23.39 -28.76 -43.31
CA LYS E 353 -24.57 -29.45 -42.83
C LYS E 353 -24.15 -30.18 -41.56
N GLU E 354 -23.03 -30.88 -41.63
CA GLU E 354 -22.52 -31.66 -40.49
C GLU E 354 -22.27 -30.81 -39.23
N GLU E 355 -21.70 -29.61 -39.41
CA GLU E 355 -21.49 -28.67 -38.30
C GLU E 355 -22.70 -27.76 -38.04
N GLY E 356 -23.90 -28.34 -37.99
CA GLY E 356 -25.11 -27.56 -37.76
C GLY E 356 -25.30 -26.42 -38.77
N GLY E 357 -24.66 -26.55 -39.92
CA GLY E 357 -24.69 -25.51 -40.94
C GLY E 357 -25.98 -25.55 -41.74
N ARG E 358 -25.90 -25.09 -42.99
CA ARG E 358 -27.06 -25.05 -43.86
C ARG E 358 -26.84 -25.92 -45.09
N HIS E 359 -27.92 -26.45 -45.63
CA HIS E 359 -27.87 -27.36 -46.78
C HIS E 359 -27.75 -26.59 -48.09
N THR E 360 -28.28 -25.37 -48.11
CA THR E 360 -28.38 -24.58 -49.34
C THR E 360 -27.26 -23.55 -49.48
N PRO E 361 -26.57 -23.52 -50.63
CA PRO E 361 -25.57 -22.49 -50.93
C PRO E 361 -26.18 -21.12 -51.23
N PHE E 362 -25.46 -20.04 -50.94
CA PHE E 362 -25.99 -18.68 -51.03
C PHE E 362 -25.44 -17.92 -52.25
N PHE E 363 -25.89 -16.68 -52.44
CA PHE E 363 -25.41 -15.84 -53.54
C PHE E 363 -25.70 -14.35 -53.29
N LYS E 364 -25.24 -13.49 -54.21
CA LYS E 364 -25.34 -12.03 -54.08
C LYS E 364 -26.68 -11.54 -53.53
N GLY E 365 -26.63 -10.51 -52.69
CA GLY E 365 -27.81 -9.98 -52.03
C GLY E 365 -28.15 -10.74 -50.76
N TYR E 366 -27.29 -11.69 -50.40
CA TYR E 366 -27.44 -12.51 -49.21
C TYR E 366 -27.42 -11.62 -47.94
N ARG E 367 -28.45 -11.74 -47.10
CA ARG E 367 -28.61 -10.81 -45.95
C ARG E 367 -28.99 -11.46 -44.61
N PRO E 368 -28.01 -12.02 -43.90
CA PRO E 368 -28.26 -12.64 -42.60
C PRO E 368 -28.09 -11.63 -41.45
N GLN E 369 -28.07 -12.13 -40.22
CA GLN E 369 -27.73 -11.29 -39.07
C GLN E 369 -26.24 -11.43 -38.79
N PHE E 370 -25.62 -10.33 -38.38
CA PHE E 370 -24.24 -10.36 -37.94
C PHE E 370 -24.21 -10.08 -36.45
N TYR E 371 -23.76 -11.05 -35.67
CA TYR E 371 -23.69 -10.88 -34.24
C TYR E 371 -22.32 -10.30 -33.85
N PHE E 372 -22.33 -9.05 -33.40
CA PHE E 372 -21.12 -8.38 -32.92
C PHE E 372 -21.24 -8.19 -31.42
N ARG E 373 -20.42 -8.92 -30.69
CA ARG E 373 -20.42 -8.88 -29.24
C ARG E 373 -21.79 -9.19 -28.66
N THR E 374 -22.56 -8.19 -28.25
CA THR E 374 -23.81 -8.44 -27.54
C THR E 374 -25.09 -8.10 -28.30
N THR E 375 -24.99 -7.90 -29.62
CA THR E 375 -26.20 -7.71 -30.42
C THR E 375 -26.07 -8.17 -31.86
N ASP E 376 -27.21 -8.12 -32.57
CA ASP E 376 -27.36 -8.56 -33.96
C ASP E 376 -27.52 -7.36 -34.87
N VAL E 377 -27.09 -7.49 -36.11
CA VAL E 377 -27.32 -6.46 -37.11
C VAL E 377 -27.37 -7.07 -38.50
N THR E 378 -28.43 -6.79 -39.24
CA THR E 378 -28.59 -7.32 -40.60
C THR E 378 -27.55 -6.65 -41.51
N GLY E 379 -27.16 -7.33 -42.57
CA GLY E 379 -26.16 -6.80 -43.48
C GLY E 379 -26.22 -7.36 -44.88
N ASN E 380 -25.95 -6.50 -45.86
CA ASN E 380 -25.85 -6.90 -47.27
C ASN E 380 -24.47 -7.47 -47.56
N CYS E 381 -24.42 -8.61 -48.24
CA CYS E 381 -23.16 -9.27 -48.56
C CYS E 381 -22.79 -9.16 -50.04
N GLU E 382 -22.02 -8.14 -50.38
CA GLU E 382 -21.35 -8.09 -51.69
C GLU E 382 -20.51 -9.36 -51.83
N LEU E 383 -19.98 -9.58 -53.03
CA LEU E 383 -19.23 -10.81 -53.30
C LEU E 383 -17.98 -10.51 -54.13
N PRO E 384 -17.02 -11.44 -54.12
CA PRO E 384 -15.78 -11.25 -54.89
C PRO E 384 -16.04 -11.29 -56.40
N GLU E 385 -15.67 -10.24 -57.11
CA GLU E 385 -15.83 -10.24 -58.56
C GLU E 385 -15.25 -11.53 -59.09
N GLY E 386 -16.11 -12.39 -59.63
CA GLY E 386 -15.68 -13.67 -60.16
C GLY E 386 -16.50 -14.86 -59.67
N VAL E 387 -17.31 -14.65 -58.64
CA VAL E 387 -18.11 -15.74 -58.09
C VAL E 387 -19.56 -15.32 -57.84
N GLU E 388 -20.46 -16.29 -57.90
CA GLU E 388 -21.88 -16.07 -57.65
C GLU E 388 -22.47 -17.21 -56.80
N MET E 389 -21.61 -17.88 -56.05
CA MET E 389 -22.01 -19.02 -55.24
C MET E 389 -20.89 -19.46 -54.29
N VAL E 390 -21.24 -19.65 -53.01
CA VAL E 390 -20.35 -20.28 -52.04
C VAL E 390 -21.14 -21.37 -51.32
N MET E 391 -20.46 -22.44 -50.93
CA MET E 391 -21.14 -23.58 -50.32
C MET E 391 -20.44 -24.02 -49.04
N PRO E 392 -21.15 -24.79 -48.18
CA PRO E 392 -20.67 -25.27 -46.89
C PRO E 392 -19.22 -25.76 -46.89
N GLY E 393 -18.50 -25.45 -45.81
CA GLY E 393 -17.12 -25.88 -45.63
C GLY E 393 -16.12 -25.00 -46.35
N ASP E 394 -16.61 -24.01 -47.10
CA ASP E 394 -15.74 -23.15 -47.90
C ASP E 394 -15.42 -21.83 -47.18
N ASN E 395 -14.22 -21.31 -47.41
CA ASN E 395 -13.84 -20.02 -46.84
C ASN E 395 -13.54 -19.01 -47.94
N ILE E 396 -14.23 -17.88 -47.90
CA ILE E 396 -13.98 -16.80 -48.85
C ILE E 396 -14.02 -15.45 -48.16
N GLN E 397 -13.35 -14.47 -48.77
CA GLN E 397 -13.46 -13.08 -48.35
C GLN E 397 -14.71 -12.47 -48.96
N MET E 398 -15.33 -11.52 -48.25
CA MET E 398 -16.47 -10.81 -48.81
C MET E 398 -16.55 -9.38 -48.29
N THR E 399 -17.62 -8.69 -48.66
CA THR E 399 -17.81 -7.29 -48.28
C THR E 399 -19.20 -7.11 -47.72
N VAL E 400 -19.27 -6.58 -46.51
CA VAL E 400 -20.53 -6.49 -45.79
C VAL E 400 -20.90 -5.03 -45.55
N THR E 401 -22.19 -4.74 -45.68
CA THR E 401 -22.72 -3.42 -45.37
C THR E 401 -23.90 -3.59 -44.44
N LEU E 402 -23.73 -3.12 -43.20
CA LEU E 402 -24.73 -3.30 -42.16
C LEU E 402 -25.81 -2.21 -42.23
N ILE E 403 -26.98 -2.49 -41.68
CA ILE E 403 -28.10 -1.54 -41.69
C ILE E 403 -27.97 -0.48 -40.59
N LYS E 404 -27.23 -0.80 -39.53
CA LYS E 404 -26.92 0.17 -38.48
C LYS E 404 -25.42 0.21 -38.26
N THR E 405 -24.94 1.27 -37.60
CA THR E 405 -23.53 1.34 -37.28
C THR E 405 -23.21 0.45 -36.08
N ILE E 406 -21.99 -0.08 -36.04
CA ILE E 406 -21.57 -0.90 -34.91
C ILE E 406 -20.09 -0.63 -34.59
N ALA E 407 -19.75 -0.61 -33.30
CA ALA E 407 -18.35 -0.43 -32.92
C ALA E 407 -17.51 -1.58 -33.49
N MET E 408 -16.38 -1.27 -34.09
CA MET E 408 -15.51 -2.33 -34.59
C MET E 408 -14.10 -1.88 -34.94
N GLU E 409 -13.20 -2.86 -34.99
CA GLU E 409 -11.81 -2.68 -35.40
C GLU E 409 -11.40 -3.85 -36.29
N ASP E 410 -10.36 -3.68 -37.08
CA ASP E 410 -9.81 -4.79 -37.86
C ASP E 410 -9.45 -5.90 -36.89
N GLY E 411 -9.78 -7.14 -37.23
CA GLY E 411 -9.43 -8.29 -36.43
C GLY E 411 -10.54 -8.76 -35.50
N LEU E 412 -11.64 -8.00 -35.47
CA LEU E 412 -12.74 -8.32 -34.57
C LEU E 412 -13.48 -9.53 -35.11
N ARG E 413 -13.87 -10.43 -34.21
CA ARG E 413 -14.58 -11.63 -34.64
C ARG E 413 -16.08 -11.44 -34.50
N PHE E 414 -16.83 -12.07 -35.41
CA PHE E 414 -18.28 -12.05 -35.39
C PHE E 414 -18.84 -13.39 -35.84
N ALA E 415 -20.10 -13.65 -35.50
CA ALA E 415 -20.80 -14.80 -36.05
C ALA E 415 -21.81 -14.34 -37.09
N ILE E 416 -22.25 -15.28 -37.93
CA ILE E 416 -23.38 -15.05 -38.82
C ILE E 416 -24.51 -16.03 -38.48
N ARG E 417 -25.72 -15.51 -38.30
CA ARG E 417 -26.85 -16.35 -37.97
C ARG E 417 -28.03 -16.05 -38.89
N GLU E 418 -28.70 -17.11 -39.33
CA GLU E 418 -29.91 -16.98 -40.13
C GLU E 418 -31.09 -17.50 -39.33
N GLY E 419 -31.91 -16.59 -38.82
CA GLY E 419 -33.07 -16.98 -38.05
C GLY E 419 -32.70 -17.84 -36.85
N GLY E 420 -32.14 -17.20 -35.83
CA GLY E 420 -31.85 -17.87 -34.57
C GLY E 420 -31.09 -19.18 -34.68
N ARG E 421 -30.24 -19.30 -35.69
CA ARG E 421 -29.32 -20.43 -35.79
C ARG E 421 -28.02 -20.00 -36.48
N THR E 422 -26.91 -20.54 -36.00
CA THR E 422 -25.59 -20.20 -36.51
C THR E 422 -25.32 -20.83 -37.87
N VAL E 423 -24.66 -20.09 -38.76
CA VAL E 423 -24.32 -20.60 -40.08
C VAL E 423 -22.98 -20.11 -40.61
N GLY E 424 -22.23 -19.36 -39.80
CA GLY E 424 -20.94 -18.85 -40.20
C GLY E 424 -20.18 -18.19 -39.07
N ALA E 425 -18.90 -17.90 -39.33
CA ALA E 425 -18.06 -17.21 -38.38
C ALA E 425 -17.01 -16.42 -39.14
N GLY E 426 -16.93 -15.12 -38.87
CA GLY E 426 -16.04 -14.26 -39.63
C GLY E 426 -15.09 -13.43 -38.78
N VAL E 427 -14.19 -12.75 -39.48
CA VAL E 427 -13.28 -11.80 -38.84
C VAL E 427 -13.14 -10.58 -39.75
N VAL E 428 -13.20 -9.39 -39.15
CA VAL E 428 -13.08 -8.15 -39.92
C VAL E 428 -11.63 -8.01 -40.39
N ALA E 429 -11.48 -7.86 -41.70
CA ALA E 429 -10.15 -7.73 -42.32
C ALA E 429 -9.79 -6.27 -42.62
N LYS E 430 -10.74 -5.51 -43.14
CA LYS E 430 -10.55 -4.06 -43.31
C LYS E 430 -11.87 -3.28 -43.20
N ILE E 431 -11.84 -2.19 -42.45
CA ILE E 431 -12.96 -1.27 -42.39
C ILE E 431 -12.95 -0.39 -43.63
N ILE E 432 -14.13 -0.11 -44.17
CA ILE E 432 -14.24 0.70 -45.38
C ILE E 432 -14.93 2.05 -45.11
N GLU E 433 -16.12 2.00 -44.54
CA GLU E 433 -16.82 3.21 -44.08
C GLU E 433 -17.13 3.07 -42.60
MG MG F . -11.49 21.63 21.96
PB GDP G . -11.48 18.96 20.14
O1B GDP G . -12.11 20.04 20.98
O2B GDP G . -11.89 17.59 20.63
O3B GDP G . -9.98 19.14 20.22
O3A GDP G . -11.96 18.88 18.62
PA GDP G . -12.77 20.02 17.81
O1A GDP G . -14.22 20.11 18.15
O2A GDP G . -12.03 21.32 18.04
O5' GDP G . -12.67 19.37 16.34
C5' GDP G . -11.39 19.29 15.69
C4' GDP G . -11.64 19.13 14.21
O4' GDP G . -12.53 18.03 14.06
C3' GDP G . -12.34 20.36 13.65
O3' GDP G . -11.80 20.71 12.38
C2' GDP G . -13.78 19.93 13.55
O2' GDP G . -14.52 20.66 12.57
C1' GDP G . -13.62 18.43 13.25
N9 GDP G . -14.88 17.75 13.57
C8 GDP G . -15.55 17.84 14.75
N7 GDP G . -16.70 17.15 14.69
C5 GDP G . -16.78 16.59 13.46
C6 GDP G . -17.73 15.73 12.73
O6 GDP G . -18.79 15.32 13.24
N1 GDP G . -17.42 15.40 11.48
C2 GDP G . -16.30 15.82 10.87
N2 GDP G . -16.08 15.43 9.60
N3 GDP G . -15.39 16.59 11.47
C4 GDP G . -15.58 17.00 12.73
O1 MES H . -20.06 17.36 5.93
C2 MES H . -20.25 18.01 4.68
C3 MES H . -21.73 18.17 4.43
N4 MES H . -22.26 16.85 4.72
C5 MES H . -22.29 16.54 6.13
C6 MES H . -21.20 17.39 6.77
C7 MES H . -23.49 16.52 4.02
C8 MES H . -23.71 15.03 4.28
S MES H . -24.93 14.44 3.33
O1S MES H . -24.35 13.76 2.16
O2S MES H . -25.80 15.54 2.86
O3S MES H . -25.71 13.45 4.11
C1 MPD I . -16.84 31.26 62.09
C2 MPD I . -17.23 32.66 62.58
O2 MPD I . -16.38 33.05 63.68
CM MPD I . -16.87 33.68 61.50
C3 MPD I . -18.74 32.69 62.90
C4 MPD I . -19.13 33.40 64.19
O4 MPD I . -19.00 32.50 65.32
C5 MPD I . -18.29 34.64 64.41
C1 MPD J . -6.50 4.43 12.42
C2 MPD J . -5.80 4.47 13.77
O2 MPD J . -6.37 5.62 14.46
CM MPD J . -6.11 3.21 14.56
C3 MPD J . -4.28 4.53 13.56
C4 MPD J . -3.47 5.23 14.65
O4 MPD J . -4.10 5.14 15.89
C5 MPD J . -2.09 4.61 14.79
MG MG K . 33.35 20.28 1.23
PB GDP L . 36.46 18.97 0.51
O1B GDP L . 34.97 19.20 0.33
O2B GDP L . 36.75 17.50 0.40
O3B GDP L . 36.84 19.57 1.85
O3A GDP L . 37.39 19.53 -0.70
PA GDP L . 37.00 20.65 -1.80
O1A GDP L . 36.15 20.10 -2.91
O2A GDP L . 36.36 21.78 -1.05
O5' GDP L . 38.48 20.90 -2.41
C5' GDP L . 39.50 21.54 -1.64
C4' GDP L . 40.51 22.15 -2.60
O4' GDP L . 40.99 21.08 -3.42
C3' GDP L . 39.90 23.19 -3.55
O3' GDP L . 40.81 24.28 -3.77
C2' GDP L . 39.69 22.40 -4.82
O2' GDP L . 39.67 23.20 -5.99
C1' GDP L . 40.87 21.43 -4.78
N9 GDP L . 40.59 20.26 -5.62
C8 GDP L . 39.49 19.45 -5.60
N7 GDP L . 39.60 18.48 -6.56
C5 GDP L . 40.79 18.66 -7.17
C6 GDP L . 41.54 18.02 -8.25
O6 GDP L . 41.08 17.02 -8.86
N1 GDP L . 42.72 18.54 -8.56
C2 GDP L . 43.27 19.61 -7.96
N2 GDP L . 44.49 20.02 -8.37
N3 GDP L . 42.66 20.25 -6.95
C4 GDP L . 41.45 19.83 -6.55
O1 MES M . 44.19 21.49 -13.53
C2 MES M . 44.88 22.61 -14.10
C3 MES M . 44.57 22.82 -15.56
N4 MES M . 44.91 21.53 -16.14
C5 MES M . 43.92 20.55 -15.76
C6 MES M . 44.23 20.30 -14.30
C7 MES M . 45.30 21.49 -17.54
C8 MES M . 46.37 20.38 -17.63
S MES M . 46.30 19.54 -19.07
O1S MES M . 46.91 20.33 -20.17
O2S MES M . 44.88 19.28 -19.39
O3S MES M . 47.02 18.25 -18.95
MG MG N . -5.89 30.11 4.42
PB GDP O . -9.22 30.58 4.10
O1B GDP O . -7.92 29.95 3.66
O2B GDP O . -9.79 31.28 2.88
O3B GDP O . -9.05 31.55 5.23
O3A GDP O . -10.29 29.51 4.58
PA GDP O . -10.00 28.02 5.13
O1A GDP O . -9.82 27.06 3.99
O2A GDP O . -8.92 28.07 6.19
O5' GDP O . -11.44 27.63 5.73
C5' GDP O . -12.00 28.42 6.78
C4' GDP O . -13.06 27.58 7.42
O4' GDP O . -14.04 27.35 6.42
C3' GDP O . -12.56 26.19 7.87
O3' GDP O . -13.16 25.79 9.10
C2' GDP O . -13.07 25.27 6.79
O2' GDP O . -13.30 23.94 7.23
C1' GDP O . -14.37 25.97 6.38
N9 GDP O . -14.76 25.54 5.02
C8 GDP O . -13.99 25.61 3.90
N7 GDP O . -14.67 25.12 2.82
C5 GDP O . -15.90 24.78 3.27
C6 GDP O . -17.09 24.21 2.68
O6 GDP O . -17.11 23.92 1.47
N1 GDP O . -18.13 23.99 3.48
C2 GDP O . -18.12 24.28 4.79
N2 GDP O . -19.24 24.03 5.49
N3 GDP O . -17.06 24.82 5.43
C4 GDP O . -15.95 25.06 4.71
C1 MPD P . 30.73 35.78 -19.15
C2 MPD P . 30.44 37.25 -19.44
O2 MPD P . 31.45 38.00 -18.70
CM MPD P . 30.52 37.47 -20.95
C3 MPD P . 29.09 37.70 -18.94
C4 MPD P . 29.06 39.21 -18.68
O4 MPD P . 29.39 39.53 -17.35
C5 MPD P . 30.02 40.00 -19.57
MG MG Q . -20.36 -34.22 -4.59
PB GDP R . -21.53 -33.93 -1.42
O1B GDP R . -20.64 -33.66 -2.61
O2B GDP R . -20.73 -34.67 -0.34
O3B GDP R . -22.66 -34.81 -1.91
O3A GDP R . -22.05 -32.61 -0.71
PA GDP R . -22.14 -31.18 -1.47
O1A GDP R . -20.82 -30.43 -1.51
O2A GDP R . -22.71 -31.40 -2.83
O5' GDP R . -23.12 -30.39 -0.49
C5' GDP R . -24.41 -30.97 -0.35
C4' GDP R . -25.41 -29.97 0.17
O4' GDP R . -24.96 -29.62 1.48
C3' GDP R . -25.40 -28.67 -0.66
O3' GDP R . -26.70 -28.05 -0.63
C2' GDP R . -24.37 -27.86 0.08
O2' GDP R . -24.43 -26.45 -0.12
C1' GDP R . -24.68 -28.24 1.53
N9 GDP R . -23.52 -27.88 2.34
C8 GDP R . -22.21 -28.15 2.08
N7 GDP R . -21.41 -27.63 3.06
C5 GDP R . -22.21 -27.00 3.94
C6 GDP R . -22.01 -26.24 5.17
O6 GDP R . -20.87 -26.02 5.62
N1 GDP R . -23.10 -25.78 5.75
C2 GDP R . -24.34 -25.96 5.27
N2 GDP R . -25.34 -25.40 5.97
N3 GDP R . -24.62 -26.65 4.15
C4 GDP R . -23.60 -27.15 3.45
C1 MPD S . 12.90 -51.17 -23.37
C2 MPD S . 13.27 -52.07 -24.56
O2 MPD S . 13.25 -53.43 -24.05
CM MPD S . 12.21 -51.96 -25.65
C3 MPD S . 14.65 -51.78 -25.14
C4 MPD S . 15.00 -50.30 -25.15
O4 MPD S . 16.20 -50.12 -24.43
C5 MPD S . 15.19 -49.77 -26.58
MG MG T . 1.01 -32.47 -39.25
PB GDP U . 3.30 -31.69 -41.74
O1B GDP U . 2.91 -31.63 -40.28
O2B GDP U . 3.46 -30.31 -42.35
O3B GDP U . 2.24 -32.47 -42.46
O3A GDP U . 4.74 -32.38 -41.90
PA GDP U . 5.21 -33.58 -40.94
O1A GDP U . 5.92 -33.04 -39.72
O2A GDP U . 4.03 -34.46 -40.58
O5' GDP U . 6.29 -34.34 -41.87
C5' GDP U . 5.89 -35.45 -42.65
C4' GDP U . 7.13 -36.16 -43.12
O4' GDP U . 8.12 -35.18 -43.45
C3' GDP U . 7.70 -37.04 -42.01
O3' GDP U . 7.69 -38.42 -42.42
C2' GDP U . 9.08 -36.50 -41.74
O2' GDP U . 10.06 -37.54 -41.59
C1' GDP U . 9.37 -35.63 -42.96
N9 GDP U . 10.24 -34.50 -42.55
C8 GDP U . 9.87 -33.46 -41.78
N7 GDP U . 10.92 -32.61 -41.61
C5 GDP U . 11.97 -33.11 -42.29
C6 GDP U . 13.37 -32.72 -42.54
O6 GDP U . 13.84 -31.67 -42.04
N1 GDP U . 14.13 -33.52 -43.30
C2 GDP U . 13.65 -34.65 -43.85
N2 GDP U . 14.47 -35.42 -44.61
N3 GDP U . 12.37 -35.07 -43.67
C4 GDP U . 11.51 -34.35 -42.91
O1 MES V . 18.29 -38.14 -41.95
C2 MES V . 19.11 -39.23 -41.53
C3 MES V . 20.30 -38.73 -40.73
N4 MES V . 21.08 -37.91 -41.64
C5 MES V . 20.33 -36.81 -42.25
C6 MES V . 18.88 -36.86 -41.74
C7 MES V . 22.41 -37.54 -41.16
C8 MES V . 23.23 -37.09 -42.37
S MES V . 24.79 -36.71 -41.92
O1S MES V . 25.36 -37.82 -41.11
O2S MES V . 24.79 -35.47 -41.13
O3S MES V . 25.62 -36.51 -43.13
C1 MPD W . -24.57 -10.39 -14.37
C2 MPD W . -24.13 -8.91 -14.37
O2 MPD W . -23.35 -8.70 -15.60
CM MPD W . -25.39 -8.07 -14.48
C3 MPD W . -23.24 -8.56 -13.17
C4 MPD W . -23.99 -8.03 -11.96
O4 MPD W . -24.34 -6.68 -12.18
C5 MPD W . -25.27 -8.83 -11.71
#